data_6AA8
#
_entry.id   6AA8
#
_cell.length_a   77.375
_cell.length_b   157.939
_cell.length_c   81.797
_cell.angle_alpha   90.00
_cell.angle_beta   100.91
_cell.angle_gamma   90.00
#
_symmetry.space_group_name_H-M   'P 1 21 1'
#
loop_
_entity.id
_entity.type
_entity.pdbx_description
1 polymer '3-hydroxybutyryl-CoA dehydrogenase'
2 non-polymer NICOTINAMIDE-ADENINE-DINUCLEOTIDE
3 water water
#
_entity_poly.entity_id   1
_entity_poly.type   'polypeptide(L)'
_entity_poly.pdbx_seq_one_letter_code
;MGSSHHHHHHSSGLVPRGSHMKKVCVIGAGTMGSGIAQAFAAKGFEVVLRDIKDEFVDRGLDFINKNLSKLVKKGKIEEA
TKVEILTRISGTVDLNMAADCDLVIEAAVERMDIKKQIFADLDNICKPETILASNTSSLSITEVASATKRPDKVIGMHFF
NPAPVMKLVEVIRGIATSQETFDAVKETSIAIGKDPVEVAEAPGFVVNRILIPMINEAVGILAEGIASVEDIDKAMKLGA
NHPMGPLELGDFIGLDICLAIMDVLYSETGDSKYRPHTLLKKYVRAGWLGRKSGKGFYDYSK
;
_entity_poly.pdbx_strand_id   A,B,C,D,E,F
#
loop_
_chem_comp.id
_chem_comp.type
_chem_comp.name
_chem_comp.formula
NAD non-polymer NICOTINAMIDE-ADENINE-DINUCLEOTIDE 'C21 H27 N7 O14 P2'
#
# COMPACT_ATOMS: atom_id res chain seq x y z
N MET A 21 15.03 40.85 -20.64
CA MET A 21 15.98 40.60 -19.51
C MET A 21 17.42 40.97 -19.94
N LYS A 22 18.02 41.90 -19.20
CA LYS A 22 19.35 42.43 -19.52
C LYS A 22 20.37 41.96 -18.49
N LYS A 23 19.91 41.83 -17.26
CA LYS A 23 20.79 41.67 -16.14
C LYS A 23 20.23 40.59 -15.20
N VAL A 24 21.09 39.63 -14.89
CA VAL A 24 20.74 38.50 -14.05
C VAL A 24 21.65 38.52 -12.86
N CYS A 25 21.11 38.16 -11.71
CA CYS A 25 21.92 37.88 -10.54
C CYS A 25 21.87 36.39 -10.18
N VAL A 26 23.04 35.77 -10.06
CA VAL A 26 23.13 34.38 -9.63
C VAL A 26 23.62 34.38 -8.19
N ILE A 27 22.87 33.72 -7.30
CA ILE A 27 23.26 33.62 -5.89
C ILE A 27 23.84 32.25 -5.59
N GLY A 28 25.10 32.26 -5.18
CA GLY A 28 25.85 31.03 -4.91
C GLY A 28 26.98 30.96 -5.92
N ALA A 29 28.22 30.94 -5.44
CA ALA A 29 29.40 30.90 -6.32
C ALA A 29 30.07 29.52 -6.34
N GLY A 30 29.38 28.52 -5.83
CA GLY A 30 29.79 27.15 -6.02
C GLY A 30 29.82 26.79 -7.50
N THR A 31 30.00 25.50 -7.73
CA THR A 31 30.06 24.93 -9.07
C THR A 31 28.82 25.23 -9.92
N MET A 32 27.65 24.99 -9.34
CA MET A 32 26.41 25.20 -10.05
C MET A 32 26.24 26.69 -10.37
N GLY A 33 26.24 27.51 -9.33
CA GLY A 33 26.06 28.96 -9.49
C GLY A 33 27.01 29.58 -10.50
N SER A 34 28.29 29.28 -10.36
CA SER A 34 29.30 29.84 -11.27
C SER A 34 29.03 29.41 -12.71
N GLY A 35 28.59 28.16 -12.85
CA GLY A 35 28.28 27.57 -14.17
C GLY A 35 27.13 28.26 -14.87
N ILE A 36 26.08 28.52 -14.10
CA ILE A 36 24.92 29.25 -14.61
C ILE A 36 25.32 30.67 -14.99
N ALA A 37 26.05 31.35 -14.10
CA ALA A 37 26.62 32.68 -14.39
C ALA A 37 27.40 32.69 -15.71
N GLN A 38 28.26 31.69 -15.87
CA GLN A 38 29.04 31.53 -17.10
C GLN A 38 28.12 31.40 -18.34
N ALA A 39 27.11 30.54 -18.25
CA ALA A 39 26.22 30.31 -19.38
C ALA A 39 25.53 31.60 -19.83
N PHE A 40 25.13 32.42 -18.85
CA PHE A 40 24.49 33.72 -19.17
C PHE A 40 25.47 34.71 -19.79
N ALA A 41 26.64 34.88 -19.17
CA ALA A 41 27.66 35.83 -19.68
C ALA A 41 28.08 35.46 -21.09
N ALA A 42 28.24 34.16 -21.34
CA ALA A 42 28.59 33.62 -22.66
C ALA A 42 27.63 34.05 -23.76
N LYS A 43 26.38 34.29 -23.39
CA LYS A 43 25.34 34.63 -24.35
C LYS A 43 24.94 36.10 -24.32
N GLY A 44 25.84 36.93 -23.82
CA GLY A 44 25.69 38.38 -23.95
C GLY A 44 25.09 39.08 -22.74
N PHE A 45 24.65 38.32 -21.73
CA PHE A 45 23.96 38.94 -20.58
C PHE A 45 24.93 39.45 -19.54
N GLU A 46 24.58 40.57 -18.91
CA GLU A 46 25.34 41.10 -17.79
C GLU A 46 24.96 40.31 -16.53
N VAL A 47 25.93 39.93 -15.72
CA VAL A 47 25.66 39.02 -14.61
C VAL A 47 26.24 39.54 -13.32
N VAL A 48 25.46 39.46 -12.24
CA VAL A 48 25.98 39.70 -10.89
C VAL A 48 26.11 38.38 -10.19
N LEU A 49 27.33 38.02 -9.81
CA LEU A 49 27.55 36.76 -9.08
C LEU A 49 27.75 37.07 -7.58
N ARG A 50 26.81 36.60 -6.77
CA ARG A 50 26.78 36.92 -5.34
C ARG A 50 27.02 35.70 -4.46
N ASP A 51 27.82 35.90 -3.42
CA ASP A 51 27.96 34.89 -2.38
C ASP A 51 28.22 35.61 -1.07
N ILE A 52 28.52 34.81 -0.06
CA ILE A 52 28.50 35.20 1.34
C ILE A 52 29.83 35.84 1.77
N LYS A 53 30.91 35.54 1.05
CA LYS A 53 32.19 36.20 1.30
C LYS A 53 33.05 36.27 0.04
N ASP A 54 34.02 37.17 0.06
CA ASP A 54 34.91 37.38 -1.07
C ASP A 54 35.59 36.11 -1.54
N GLU A 55 36.05 35.26 -0.62
CA GLU A 55 36.80 34.03 -0.97
C GLU A 55 36.00 33.17 -1.94
N PHE A 56 34.70 33.07 -1.66
CA PHE A 56 33.81 32.18 -2.42
C PHE A 56 33.52 32.74 -3.80
N VAL A 57 33.29 34.05 -3.85
CA VAL A 57 33.05 34.73 -5.10
C VAL A 57 34.29 34.56 -6.01
N ASP A 58 35.45 34.90 -5.47
CA ASP A 58 36.73 34.77 -6.20
C ASP A 58 37.01 33.34 -6.66
N ARG A 59 36.78 32.37 -5.78
CA ARG A 59 36.84 30.95 -6.17
C ARG A 59 35.95 30.71 -7.40
N GLY A 60 34.70 31.17 -7.32
CA GLY A 60 33.78 31.00 -8.44
C GLY A 60 34.28 31.66 -9.71
N LEU A 61 34.85 32.84 -9.60
CA LEU A 61 35.33 33.57 -10.79
C LEU A 61 36.54 32.89 -11.42
N ASP A 62 37.43 32.38 -10.57
CA ASP A 62 38.57 31.59 -11.00
C ASP A 62 38.09 30.30 -11.70
N PHE A 63 37.08 29.66 -11.15
CA PHE A 63 36.50 28.46 -11.77
C PHE A 63 36.03 28.79 -13.20
N ILE A 64 35.26 29.85 -13.34
CA ILE A 64 34.81 30.29 -14.64
C ILE A 64 35.98 30.65 -15.59
N ASN A 65 36.95 31.41 -15.08
CA ASN A 65 38.14 31.72 -15.86
C ASN A 65 38.79 30.46 -16.42
N LYS A 66 39.00 29.48 -15.55
CA LYS A 66 39.54 28.20 -15.95
C LYS A 66 38.70 27.53 -17.06
N ASN A 67 37.37 27.41 -16.87
CA ASN A 67 36.52 26.78 -17.89
C ASN A 67 36.70 27.42 -19.26
N LEU A 68 36.66 28.75 -19.27
CA LEU A 68 36.77 29.50 -20.53
C LEU A 68 38.17 29.29 -21.15
N SER A 69 39.20 29.26 -20.31
CA SER A 69 40.56 29.01 -20.78
C SER A 69 40.68 27.64 -21.46
N LYS A 70 40.04 26.64 -20.88
CA LYS A 70 39.94 25.33 -21.53
C LYS A 70 39.34 25.46 -22.93
N LEU A 71 38.27 26.25 -23.06
CA LEU A 71 37.61 26.44 -24.35
C LEU A 71 38.49 27.17 -25.36
N VAL A 72 39.30 28.12 -24.88
CA VAL A 72 40.24 28.85 -25.75
C VAL A 72 41.29 27.84 -26.23
N LYS A 73 41.89 27.16 -25.26
CA LYS A 73 42.94 26.15 -25.54
C LYS A 73 42.47 25.03 -26.53
N LYS A 74 41.23 24.55 -26.38
CA LYS A 74 40.72 23.52 -27.28
C LYS A 74 40.21 24.07 -28.60
N GLY A 75 40.24 25.39 -28.77
CA GLY A 75 39.82 26.03 -30.01
C GLY A 75 38.33 26.26 -30.21
N LYS A 76 37.56 26.26 -29.12
CA LYS A 76 36.12 26.52 -29.18
C LYS A 76 35.80 28.01 -29.24
N ILE A 77 36.55 28.82 -28.52
CA ILE A 77 36.39 30.28 -28.56
C ILE A 77 37.77 30.96 -28.63
N GLU A 78 37.78 32.23 -29.02
CA GLU A 78 39.01 33.05 -29.05
C GLU A 78 39.25 33.76 -27.72
N GLU A 79 40.51 34.04 -27.44
CA GLU A 79 40.88 34.71 -26.20
C GLU A 79 40.03 35.99 -25.97
N ALA A 80 39.87 36.82 -27.01
CA ALA A 80 39.03 38.02 -26.84
C ALA A 80 37.58 37.67 -26.45
N THR A 81 37.05 36.54 -26.94
CA THR A 81 35.70 36.11 -26.53
C THR A 81 35.70 35.82 -25.01
N LYS A 82 36.71 35.11 -24.54
CA LYS A 82 36.80 34.82 -23.12
C LYS A 82 36.82 36.08 -22.26
N VAL A 83 37.57 37.09 -22.71
CA VAL A 83 37.74 38.32 -21.97
C VAL A 83 36.42 39.06 -21.87
N GLU A 84 35.72 39.16 -23.00
CA GLU A 84 34.40 39.78 -23.06
C GLU A 84 33.42 39.15 -22.07
N ILE A 85 33.42 37.82 -22.06
CA ILE A 85 32.51 37.07 -21.21
C ILE A 85 32.83 37.44 -19.78
N LEU A 86 34.09 37.34 -19.39
CA LEU A 86 34.49 37.61 -18.01
C LEU A 86 34.12 39.02 -17.54
N THR A 87 34.23 40.00 -18.42
CA THR A 87 33.89 41.37 -18.04
C THR A 87 32.38 41.56 -17.79
N ARG A 88 31.52 40.67 -18.27
CA ARG A 88 30.07 40.81 -18.02
C ARG A 88 29.65 40.28 -16.65
N ILE A 89 30.61 39.75 -15.90
CA ILE A 89 30.35 39.11 -14.62
C ILE A 89 30.95 39.94 -13.51
N SER A 90 30.10 40.50 -12.67
CA SER A 90 30.55 41.28 -11.50
C SER A 90 30.24 40.51 -10.24
N GLY A 91 31.23 40.43 -9.36
CA GLY A 91 31.17 39.62 -8.15
C GLY A 91 30.92 40.45 -6.93
N THR A 92 30.12 39.92 -6.03
CA THR A 92 29.75 40.69 -4.84
C THR A 92 29.33 39.82 -3.70
N VAL A 93 29.33 40.46 -2.54
CA VAL A 93 28.69 39.90 -1.37
C VAL A 93 27.33 40.57 -1.13
N ASP A 94 27.13 41.77 -1.65
CA ASP A 94 25.97 42.56 -1.24
C ASP A 94 24.72 42.21 -2.03
N LEU A 95 23.73 41.63 -1.37
CA LEU A 95 22.47 41.24 -2.03
C LEU A 95 21.74 42.41 -2.68
N ASN A 96 21.95 43.63 -2.15
CA ASN A 96 21.37 44.84 -2.75
C ASN A 96 21.76 45.05 -4.22
N MET A 97 22.88 44.47 -4.65
CA MET A 97 23.30 44.56 -6.05
C MET A 97 22.37 43.83 -7.01
N ALA A 98 21.43 43.05 -6.48
CA ALA A 98 20.47 42.40 -7.36
C ALA A 98 19.25 43.26 -7.63
N ALA A 99 19.17 44.42 -7.00
CA ALA A 99 17.96 45.23 -7.01
C ALA A 99 17.41 45.59 -8.41
N ASP A 100 18.28 45.92 -9.37
CA ASP A 100 17.84 46.30 -10.73
C ASP A 100 17.94 45.13 -11.68
N CYS A 101 18.30 43.95 -11.18
CA CYS A 101 18.31 42.75 -12.02
C CYS A 101 16.91 42.31 -12.45
N ASP A 102 16.82 41.74 -13.64
CA ASP A 102 15.55 41.31 -14.19
C ASP A 102 15.18 39.88 -13.76
N LEU A 103 16.20 39.08 -13.49
CA LEU A 103 16.05 37.71 -13.04
C LEU A 103 17.03 37.46 -11.90
N VAL A 104 16.60 36.76 -10.86
CA VAL A 104 17.51 36.31 -9.84
C VAL A 104 17.39 34.78 -9.78
N ILE A 105 18.54 34.11 -9.75
CA ILE A 105 18.61 32.65 -9.63
C ILE A 105 19.33 32.27 -8.34
N GLU A 106 18.58 31.70 -7.42
CA GLU A 106 19.07 31.20 -6.15
C GLU A 106 19.53 29.75 -6.39
N ALA A 107 20.85 29.56 -6.36
CA ALA A 107 21.46 28.30 -6.79
C ALA A 107 21.81 27.42 -5.62
N ALA A 108 22.46 28.00 -4.61
CA ALA A 108 22.89 27.28 -3.41
C ALA A 108 21.80 26.37 -2.84
N VAL A 109 22.20 25.18 -2.37
CA VAL A 109 21.26 24.24 -1.75
C VAL A 109 21.01 24.64 -0.29
N GLU A 110 19.74 24.91 0.00
CA GLU A 110 19.37 25.54 1.25
C GLU A 110 18.48 24.70 2.16
N ARG A 111 18.33 25.21 3.37
CA ARG A 111 17.26 24.80 4.25
C ARG A 111 16.04 25.61 3.83
N MET A 112 14.87 25.04 3.96
CA MET A 112 13.65 25.77 3.66
C MET A 112 13.62 27.12 4.40
N ASP A 113 13.93 27.13 5.70
CA ASP A 113 13.82 28.36 6.50
C ASP A 113 14.68 29.50 5.92
N ILE A 114 15.91 29.17 5.52
CA ILE A 114 16.86 30.15 4.97
C ILE A 114 16.40 30.59 3.58
N LYS A 115 15.91 29.65 2.79
CA LYS A 115 15.44 29.93 1.44
C LYS A 115 14.33 30.96 1.44
N LYS A 116 13.40 30.77 2.36
CA LYS A 116 12.24 31.63 2.47
C LYS A 116 12.71 33.03 2.82
N GLN A 117 13.70 33.09 3.71
CA GLN A 117 14.30 34.34 4.15
C GLN A 117 14.92 35.12 3.02
N ILE A 118 15.71 34.40 2.25
CA ILE A 118 16.37 34.97 1.10
C ILE A 118 15.38 35.52 0.10
N PHE A 119 14.38 34.73 -0.26
CA PHE A 119 13.36 35.18 -1.19
C PHE A 119 12.54 36.35 -0.67
N ALA A 120 12.30 36.36 0.63
CA ALA A 120 11.56 37.47 1.26
C ALA A 120 12.41 38.73 1.19
N ASP A 121 13.70 38.60 1.44
CA ASP A 121 14.64 39.72 1.34
C ASP A 121 14.73 40.24 -0.08
N LEU A 122 14.81 39.34 -1.06
CA LEU A 122 14.88 39.74 -2.46
C LEU A 122 13.59 40.46 -2.86
N ASP A 123 12.47 39.98 -2.34
CA ASP A 123 11.18 40.54 -2.66
C ASP A 123 11.10 42.00 -2.20
N ASN A 124 11.67 42.29 -1.05
CA ASN A 124 11.72 43.65 -0.56
C ASN A 124 12.73 44.52 -1.30
N ILE A 125 13.86 43.96 -1.68
CA ILE A 125 14.95 44.69 -2.34
C ILE A 125 14.74 45.04 -3.81
N CYS A 126 14.27 44.08 -4.58
CA CYS A 126 14.31 44.17 -6.01
C CYS A 126 13.20 45.04 -6.53
N LYS A 127 13.41 45.60 -7.71
CA LYS A 127 12.32 46.27 -8.43
C LYS A 127 11.18 45.26 -8.69
N PRO A 128 9.94 45.76 -8.83
CA PRO A 128 8.79 44.87 -8.95
C PRO A 128 8.84 43.93 -10.16
N GLU A 129 9.50 44.31 -11.25
CA GLU A 129 9.57 43.41 -12.41
C GLU A 129 10.39 42.13 -12.14
N THR A 130 11.29 42.14 -11.17
CA THR A 130 12.28 41.06 -11.05
C THR A 130 11.60 39.68 -10.81
N ILE A 131 11.99 38.71 -11.62
CA ILE A 131 11.57 37.33 -11.40
C ILE A 131 12.56 36.63 -10.47
N LEU A 132 12.04 35.97 -9.45
CA LEU A 132 12.87 35.23 -8.49
C LEU A 132 12.75 33.72 -8.73
N ALA A 133 13.85 33.13 -9.19
CA ALA A 133 13.90 31.72 -9.53
C ALA A 133 14.82 30.96 -8.58
N SER A 134 14.56 29.66 -8.44
CA SER A 134 15.36 28.76 -7.62
C SER A 134 15.83 27.57 -8.43
N ASN A 135 17.10 27.21 -8.29
CA ASN A 135 17.69 26.04 -8.95
C ASN A 135 17.47 24.75 -8.14
N THR A 136 17.00 24.89 -6.90
CA THR A 136 17.08 23.85 -5.87
C THR A 136 15.86 22.94 -5.83
N SER A 137 16.04 21.75 -6.41
CA SER A 137 14.95 20.80 -6.67
C SER A 137 14.28 20.14 -5.44
N SER A 138 14.97 20.05 -4.31
CA SER A 138 14.39 19.35 -3.16
C SER A 138 13.17 20.07 -2.51
N LEU A 139 13.07 21.39 -2.66
CA LEU A 139 12.10 22.17 -1.91
C LEU A 139 10.93 22.67 -2.78
N SER A 140 9.77 22.87 -2.16
CA SER A 140 8.58 23.38 -2.84
C SER A 140 8.69 24.85 -3.23
N ILE A 141 8.67 25.10 -4.53
CA ILE A 141 8.74 26.46 -5.06
C ILE A 141 7.49 27.23 -4.65
N THR A 142 6.36 26.56 -4.64
CA THR A 142 5.11 27.18 -4.21
C THR A 142 5.26 27.65 -2.77
N GLU A 143 5.91 26.84 -1.95
CA GLU A 143 6.05 27.21 -0.55
C GLU A 143 6.99 28.37 -0.42
N VAL A 144 8.08 28.38 -1.19
CA VAL A 144 9.01 29.50 -1.16
C VAL A 144 8.29 30.78 -1.61
N ALA A 145 7.56 30.68 -2.70
CA ALA A 145 6.82 31.81 -3.24
C ALA A 145 5.86 32.47 -2.23
N SER A 146 5.28 31.67 -1.33
CA SER A 146 4.41 32.18 -0.25
C SER A 146 5.12 33.05 0.77
N ALA A 147 6.46 33.01 0.80
CA ALA A 147 7.25 33.91 1.65
C ALA A 147 7.43 35.30 1.05
N THR A 148 7.00 35.50 -0.19
CA THR A 148 7.10 36.79 -0.87
C THR A 148 5.73 37.34 -1.20
N LYS A 149 5.67 38.60 -1.61
CA LYS A 149 4.43 39.23 -2.06
C LYS A 149 4.39 39.28 -3.58
N ARG A 150 5.29 38.55 -4.23
CA ARG A 150 5.24 38.42 -5.68
C ARG A 150 5.22 36.94 -6.13
N PRO A 151 4.28 36.16 -5.58
CA PRO A 151 4.28 34.74 -5.93
C PRO A 151 4.10 34.50 -7.43
N ASP A 152 3.40 35.42 -8.10
CA ASP A 152 3.29 35.35 -9.57
C ASP A 152 4.65 35.39 -10.29
N LYS A 153 5.67 35.93 -9.62
CA LYS A 153 7.01 36.09 -10.18
C LYS A 153 8.05 35.17 -9.55
N VAL A 154 7.59 34.11 -8.87
CA VAL A 154 8.51 33.13 -8.33
C VAL A 154 8.35 31.85 -9.13
N ILE A 155 9.49 31.24 -9.45
CA ILE A 155 9.54 30.11 -10.39
C ILE A 155 10.78 29.24 -10.12
N GLY A 156 10.76 28.01 -10.62
CA GLY A 156 11.90 27.13 -10.55
C GLY A 156 12.57 27.11 -11.91
N MET A 157 13.90 27.12 -11.91
CA MET A 157 14.69 27.03 -13.12
C MET A 157 15.83 26.07 -12.81
N HIS A 158 15.66 24.81 -13.19
CA HIS A 158 16.52 23.72 -12.74
C HIS A 158 17.47 23.31 -13.86
N PHE A 159 18.73 23.61 -13.65
CA PHE A 159 19.79 23.33 -14.60
C PHE A 159 20.40 21.99 -14.29
N PHE A 160 21.16 21.47 -15.26
CA PHE A 160 21.84 20.19 -15.16
C PHE A 160 23.35 20.33 -15.28
N ASN A 161 24.07 19.57 -14.46
CA ASN A 161 25.49 19.77 -14.31
C ASN A 161 26.24 19.07 -15.43
N PRO A 162 27.17 19.76 -16.09
CA PRO A 162 27.58 21.14 -15.91
C PRO A 162 26.69 22.10 -16.66
N ALA A 163 26.34 23.18 -16.00
CA ALA A 163 25.34 24.12 -16.51
C ALA A 163 25.76 24.86 -17.78
N PRO A 164 27.06 25.08 -18.00
CA PRO A 164 27.44 25.69 -19.27
C PRO A 164 27.17 24.81 -20.50
N VAL A 165 27.26 23.50 -20.34
CA VAL A 165 27.11 22.60 -21.49
C VAL A 165 25.72 21.98 -21.60
N MET A 166 25.18 21.50 -20.49
CA MET A 166 23.91 20.75 -20.50
C MET A 166 22.76 21.63 -20.96
N LYS A 167 22.02 21.17 -21.97
CA LYS A 167 21.00 22.01 -22.60
C LYS A 167 19.68 22.07 -21.84
N LEU A 168 19.38 21.03 -21.09
CA LEU A 168 18.08 20.93 -20.45
C LEU A 168 17.92 21.88 -19.27
N VAL A 169 16.81 22.59 -19.24
CA VAL A 169 16.35 23.32 -18.06
C VAL A 169 14.92 22.86 -17.76
N GLU A 170 14.70 22.35 -16.56
CA GLU A 170 13.33 22.09 -16.09
C GLU A 170 12.84 23.39 -15.48
N VAL A 171 11.80 23.96 -16.08
CA VAL A 171 11.24 25.22 -15.62
C VAL A 171 10.02 24.86 -14.79
N ILE A 172 10.13 25.09 -13.50
CA ILE A 172 9.17 24.59 -12.56
C ILE A 172 8.20 25.67 -12.16
N ARG A 173 6.94 25.49 -12.54
CA ARG A 173 5.91 26.44 -12.12
C ARG A 173 5.30 26.11 -10.76
N GLY A 174 5.44 27.03 -9.82
CA GLY A 174 4.64 27.02 -8.61
C GLY A 174 3.20 27.18 -9.05
N ILE A 175 2.25 26.87 -8.19
CA ILE A 175 0.84 26.95 -8.62
C ILE A 175 0.43 28.40 -8.89
N ALA A 176 1.06 29.36 -8.21
CA ALA A 176 0.82 30.79 -8.44
C ALA A 176 1.68 31.43 -9.56
N THR A 177 2.65 30.71 -10.12
CA THR A 177 3.49 31.28 -11.19
C THR A 177 2.64 31.66 -12.40
N SER A 178 2.73 32.91 -12.84
CA SER A 178 1.90 33.43 -13.95
C SER A 178 2.42 32.94 -15.28
N GLN A 179 1.54 32.96 -16.27
CA GLN A 179 1.91 32.62 -17.63
C GLN A 179 3.01 33.57 -18.14
N GLU A 180 2.89 34.85 -17.79
CA GLU A 180 3.88 35.85 -18.17
C GLU A 180 5.25 35.54 -17.54
N THR A 181 5.28 35.12 -16.28
CA THR A 181 6.57 34.79 -15.67
C THR A 181 7.21 33.56 -16.34
N PHE A 182 6.39 32.54 -16.59
CA PHE A 182 6.88 31.35 -17.27
C PHE A 182 7.37 31.69 -18.67
N ASP A 183 6.58 32.45 -19.42
CA ASP A 183 6.98 32.76 -20.79
C ASP A 183 8.32 33.50 -20.82
N ALA A 184 8.53 34.38 -19.86
CA ALA A 184 9.77 35.15 -19.82
C ALA A 184 10.94 34.20 -19.55
N VAL A 185 10.76 33.32 -18.58
CA VAL A 185 11.83 32.37 -18.24
C VAL A 185 12.10 31.37 -19.39
N LYS A 186 11.08 30.94 -20.08
CA LYS A 186 11.25 30.05 -21.24
C LYS A 186 12.08 30.75 -22.31
N GLU A 187 11.69 31.98 -22.61
CA GLU A 187 12.38 32.79 -23.62
C GLU A 187 13.85 33.02 -23.22
N THR A 188 14.09 33.32 -21.95
CA THR A 188 15.43 33.57 -21.50
C THR A 188 16.27 32.30 -21.61
N SER A 189 15.66 31.16 -21.30
CA SER A 189 16.33 29.87 -21.43
C SER A 189 16.78 29.65 -22.86
N ILE A 190 15.91 29.88 -23.80
CA ILE A 190 16.28 29.69 -25.18
C ILE A 190 17.37 30.67 -25.59
N ALA A 191 17.27 31.91 -25.10
CA ALA A 191 18.26 32.93 -25.39
C ALA A 191 19.64 32.54 -24.87
N ILE A 192 19.74 31.75 -23.79
CA ILE A 192 21.08 31.35 -23.36
C ILE A 192 21.52 30.00 -23.93
N GLY A 193 20.84 29.54 -24.97
CA GLY A 193 21.23 28.30 -25.66
C GLY A 193 20.65 27.03 -25.06
N LYS A 194 19.67 27.18 -24.17
CA LYS A 194 19.09 26.02 -23.47
C LYS A 194 17.77 25.55 -24.08
N ASP A 195 17.36 24.37 -23.65
CA ASP A 195 16.18 23.72 -24.14
C ASP A 195 15.23 23.49 -22.93
N PRO A 196 14.31 24.42 -22.69
CA PRO A 196 13.45 24.32 -21.52
C PRO A 196 12.26 23.40 -21.73
N VAL A 197 11.84 22.78 -20.62
CA VAL A 197 10.59 22.06 -20.55
C VAL A 197 9.76 22.66 -19.41
N GLU A 198 8.44 22.61 -19.58
CA GLU A 198 7.51 23.10 -18.60
C GLU A 198 7.08 21.98 -17.66
N VAL A 199 7.16 22.25 -16.37
CA VAL A 199 6.83 21.29 -15.31
C VAL A 199 6.04 22.01 -14.22
N ALA A 200 4.83 21.53 -13.96
CA ALA A 200 4.11 21.94 -12.76
C ALA A 200 4.78 21.29 -11.55
N GLU A 201 5.06 22.07 -10.53
CA GLU A 201 5.71 21.55 -9.36
C GLU A 201 5.04 20.25 -8.89
N ALA A 202 5.85 19.21 -8.79
CA ALA A 202 5.46 17.89 -8.24
C ALA A 202 6.74 17.18 -7.77
N PRO A 203 6.61 16.19 -6.89
CA PRO A 203 7.83 15.59 -6.29
C PRO A 203 8.71 14.91 -7.36
N GLY A 204 9.98 15.30 -7.42
CA GLY A 204 10.92 14.77 -8.41
C GLY A 204 10.78 15.31 -9.84
N PHE A 205 9.84 16.23 -10.06
CA PHE A 205 9.67 16.90 -11.36
C PHE A 205 9.56 15.80 -12.42
N VAL A 206 10.41 15.79 -13.45
CA VAL A 206 10.34 14.67 -14.39
C VAL A 206 11.51 13.72 -14.21
N VAL A 207 12.71 14.28 -14.34
CA VAL A 207 13.89 13.45 -14.43
C VAL A 207 14.06 12.59 -13.19
N ASN A 208 14.13 13.22 -12.02
CA ASN A 208 14.37 12.46 -10.81
C ASN A 208 13.23 11.52 -10.43
N ARG A 209 12.00 11.96 -10.70
CA ARG A 209 10.83 11.18 -10.42
C ARG A 209 10.87 9.82 -11.13
N ILE A 210 11.44 9.80 -12.34
CA ILE A 210 11.56 8.56 -13.11
C ILE A 210 12.89 7.86 -12.81
N LEU A 211 13.98 8.62 -12.72
CA LEU A 211 15.29 8.04 -12.70
C LEU A 211 15.69 7.40 -11.39
N ILE A 212 15.40 8.09 -10.29
CA ILE A 212 15.88 7.62 -9.01
C ILE A 212 15.17 6.32 -8.58
N PRO A 213 13.84 6.22 -8.75
CA PRO A 213 13.16 4.95 -8.49
C PRO A 213 13.70 3.77 -9.29
N MET A 214 14.22 4.03 -10.49
CA MET A 214 14.91 3.01 -11.29
C MET A 214 16.16 2.48 -10.58
N ILE A 215 16.94 3.39 -10.03
CA ILE A 215 18.09 3.01 -9.21
C ILE A 215 17.61 2.21 -8.00
N ASN A 216 16.59 2.71 -7.32
CA ASN A 216 16.04 2.04 -6.16
C ASN A 216 15.59 0.63 -6.49
N GLU A 217 15.03 0.46 -7.68
CA GLU A 217 14.56 -0.85 -8.11
C GLU A 217 15.73 -1.80 -8.29
N ALA A 218 16.78 -1.32 -8.95
CA ALA A 218 18.03 -2.08 -9.05
C ALA A 218 18.53 -2.61 -7.69
N VAL A 219 18.49 -1.75 -6.67
CA VAL A 219 18.88 -2.12 -5.33
C VAL A 219 18.02 -3.29 -4.81
N GLY A 220 16.71 -3.25 -5.04
CA GLY A 220 15.81 -4.35 -4.63
C GLY A 220 16.15 -5.67 -5.29
N ILE A 221 16.55 -5.61 -6.56
CA ILE A 221 16.92 -6.81 -7.30
C ILE A 221 18.22 -7.37 -6.72
N LEU A 222 19.15 -6.48 -6.43
CA LEU A 222 20.40 -6.90 -5.83
C LEU A 222 20.10 -7.56 -4.47
N ALA A 223 19.28 -6.90 -3.67
CA ALA A 223 19.08 -7.38 -2.30
C ALA A 223 18.48 -8.79 -2.20
N GLU A 224 17.69 -9.20 -3.18
CA GLU A 224 17.11 -10.50 -3.14
C GLU A 224 17.95 -11.52 -3.87
N GLY A 225 19.21 -11.21 -4.15
CA GLY A 225 20.15 -12.14 -4.77
C GLY A 225 19.72 -12.58 -6.16
N ILE A 226 18.95 -11.74 -6.85
CA ILE A 226 18.42 -12.09 -8.13
C ILE A 226 19.51 -12.04 -9.20
N ALA A 227 20.38 -11.05 -9.07
CA ALA A 227 21.51 -10.91 -9.95
C ALA A 227 22.56 -10.07 -9.27
N SER A 228 23.82 -10.20 -9.71
CA SER A 228 24.92 -9.42 -9.16
C SER A 228 24.90 -7.95 -9.65
N VAL A 229 25.63 -7.10 -8.94
CA VAL A 229 25.81 -5.68 -9.30
C VAL A 229 26.17 -5.54 -10.77
N GLU A 230 27.22 -6.24 -11.19
CA GLU A 230 27.75 -6.14 -12.55
C GLU A 230 26.76 -6.62 -13.61
N ASP A 231 26.08 -7.73 -13.34
CA ASP A 231 25.08 -8.23 -14.28
C ASP A 231 23.85 -7.30 -14.34
N ILE A 232 23.46 -6.72 -13.22
CA ILE A 232 22.37 -5.73 -13.26
C ILE A 232 22.77 -4.59 -14.20
N ASP A 233 23.97 -4.03 -14.01
CA ASP A 233 24.37 -2.89 -14.80
C ASP A 233 24.55 -3.25 -16.27
N LYS A 234 25.22 -4.37 -16.54
CA LYS A 234 25.36 -4.90 -17.90
C LYS A 234 24.01 -5.07 -18.55
N ALA A 235 23.06 -5.71 -17.84
CA ALA A 235 21.72 -5.92 -18.41
C ALA A 235 21.06 -4.62 -18.88
N MET A 236 21.12 -3.58 -18.07
CA MET A 236 20.49 -2.32 -18.47
C MET A 236 21.23 -1.62 -19.60
N LYS A 237 22.55 -1.71 -19.59
CA LYS A 237 23.32 -1.03 -20.61
C LYS A 237 23.04 -1.66 -21.97
N LEU A 238 23.05 -2.99 -22.01
CA LEU A 238 22.93 -3.72 -23.26
C LEU A 238 21.48 -3.95 -23.64
N GLY A 239 20.63 -4.17 -22.65
CA GLY A 239 19.23 -4.47 -22.89
C GLY A 239 18.33 -3.28 -23.06
N ALA A 240 18.63 -2.17 -22.42
CA ALA A 240 17.83 -0.95 -22.62
C ALA A 240 18.65 0.16 -23.27
N ASN A 241 19.84 -0.17 -23.73
CA ASN A 241 20.72 0.81 -24.39
C ASN A 241 20.95 2.07 -23.55
N HIS A 242 21.18 1.88 -22.26
CA HIS A 242 21.47 2.98 -21.36
C HIS A 242 22.97 3.24 -21.31
N PRO A 243 23.35 4.48 -21.05
CA PRO A 243 24.76 4.85 -21.06
C PRO A 243 25.48 4.29 -19.85
N MET A 244 24.79 4.23 -18.73
CA MET A 244 25.33 3.72 -17.49
C MET A 244 24.26 2.79 -16.92
N GLY A 245 24.68 1.73 -16.24
CA GLY A 245 23.78 0.91 -15.43
C GLY A 245 23.31 1.67 -14.17
N PRO A 246 22.13 1.29 -13.62
CA PRO A 246 21.53 1.97 -12.48
C PRO A 246 22.42 2.00 -11.24
N LEU A 247 23.16 0.91 -10.98
CA LEU A 247 23.96 0.87 -9.76
C LEU A 247 25.21 1.74 -9.89
N GLU A 248 25.95 1.66 -10.99
CA GLU A 248 27.06 2.60 -11.21
C GLU A 248 26.56 4.05 -11.29
N LEU A 249 25.35 4.26 -11.82
CA LEU A 249 24.79 5.62 -11.86
C LEU A 249 24.53 6.10 -10.45
N GLY A 250 23.94 5.23 -9.62
CA GLY A 250 23.76 5.57 -8.19
C GLY A 250 25.08 6.01 -7.58
N ASP A 251 26.12 5.21 -7.78
CA ASP A 251 27.46 5.58 -7.28
C ASP A 251 27.95 6.94 -7.80
N PHE A 252 27.64 7.25 -9.07
CA PHE A 252 28.09 8.50 -9.69
C PHE A 252 27.32 9.70 -9.15
N ILE A 253 26.00 9.58 -9.09
CA ILE A 253 25.17 10.61 -8.46
C ILE A 253 25.53 10.82 -6.96
N GLY A 254 25.80 9.74 -6.27
CA GLY A 254 25.97 9.74 -4.81
C GLY A 254 24.76 9.05 -4.20
N LEU A 255 25.00 7.97 -3.46
CA LEU A 255 23.89 7.20 -2.91
C LEU A 255 23.15 8.00 -1.81
N ASP A 256 23.86 8.90 -1.13
CA ASP A 256 23.22 9.78 -0.15
C ASP A 256 22.19 10.64 -0.84
N ILE A 257 22.57 11.16 -2.01
CA ILE A 257 21.66 11.99 -2.81
C ILE A 257 20.46 11.18 -3.25
N CYS A 258 20.72 9.96 -3.76
CA CYS A 258 19.66 9.07 -4.21
C CYS A 258 18.66 8.77 -3.08
N LEU A 259 19.19 8.40 -1.92
CA LEU A 259 18.34 8.12 -0.76
C LEU A 259 17.48 9.32 -0.40
N ALA A 260 18.09 10.51 -0.40
CA ALA A 260 17.38 11.74 -0.01
C ALA A 260 16.26 12.03 -1.00
N ILE A 261 16.50 11.75 -2.26
CA ILE A 261 15.44 11.96 -3.24
C ILE A 261 14.30 10.94 -3.02
N MET A 262 14.64 9.66 -2.84
CA MET A 262 13.58 8.71 -2.55
C MET A 262 12.82 9.13 -1.28
N ASP A 263 13.53 9.61 -0.26
CA ASP A 263 12.87 10.07 0.96
C ASP A 263 11.83 11.14 0.66
N VAL A 264 12.20 12.11 -0.16
CA VAL A 264 11.29 13.17 -0.59
C VAL A 264 10.10 12.59 -1.34
N LEU A 265 10.35 11.68 -2.28
CA LEU A 265 9.26 11.11 -3.04
C LEU A 265 8.27 10.39 -2.14
N TYR A 266 8.78 9.59 -1.21
CA TYR A 266 7.91 8.87 -0.28
C TYR A 266 7.18 9.82 0.65
N SER A 267 7.91 10.76 1.21
CA SER A 267 7.33 11.72 2.14
C SER A 267 6.23 12.58 1.48
N GLU A 268 6.49 13.09 0.28
CA GLU A 268 5.53 13.93 -0.40
C GLU A 268 4.31 13.16 -0.91
N THR A 269 4.53 11.99 -1.53
CA THR A 269 3.40 11.26 -2.11
C THR A 269 2.61 10.55 -1.03
N GLY A 270 3.30 10.11 0.03
CA GLY A 270 2.68 9.26 1.03
C GLY A 270 2.34 7.87 0.48
N ASP A 271 2.96 7.49 -0.65
CA ASP A 271 2.71 6.19 -1.31
C ASP A 271 3.96 5.33 -1.14
N SER A 272 3.80 4.21 -0.46
CA SER A 272 4.82 3.15 -0.32
C SER A 272 5.50 2.69 -1.62
N LYS A 273 4.88 3.01 -2.75
CA LYS A 273 5.49 2.76 -4.06
C LYS A 273 6.92 3.28 -4.12
N TYR A 274 7.14 4.45 -3.50
CA TYR A 274 8.42 5.17 -3.55
C TYR A 274 9.28 4.97 -2.30
N ARG A 275 8.99 3.94 -1.52
CA ARG A 275 9.78 3.66 -0.32
C ARG A 275 11.22 3.33 -0.69
N PRO A 276 12.21 4.04 -0.12
CA PRO A 276 13.62 3.70 -0.40
C PRO A 276 13.98 2.32 0.12
N HIS A 277 14.76 1.57 -0.62
CA HIS A 277 15.03 0.20 -0.21
C HIS A 277 15.91 0.17 1.03
N THR A 278 15.66 -0.78 1.92
CA THR A 278 16.41 -0.81 3.19
C THR A 278 17.91 -1.05 2.98
N LEU A 279 18.25 -1.67 1.85
CA LEU A 279 19.65 -1.93 1.54
C LEU A 279 20.32 -0.64 1.15
N LEU A 280 19.57 0.26 0.50
CA LEU A 280 20.15 1.53 0.14
C LEU A 280 20.47 2.32 1.40
N LYS A 281 19.58 2.26 2.38
CA LYS A 281 19.80 2.94 3.68
C LYS A 281 21.11 2.44 4.34
N LYS A 282 21.39 1.14 4.24
CA LYS A 282 22.52 0.55 4.92
C LYS A 282 23.84 0.99 4.28
N TYR A 283 23.86 1.09 2.95
CA TYR A 283 25.02 1.60 2.22
C TYR A 283 25.30 3.05 2.62
N VAL A 284 24.27 3.88 2.67
CA VAL A 284 24.47 5.28 3.02
C VAL A 284 24.99 5.38 4.45
N ARG A 285 24.38 4.63 5.36
CA ARG A 285 24.77 4.64 6.76
C ARG A 285 26.21 4.23 6.97
N ALA A 286 26.76 3.40 6.08
CA ALA A 286 28.15 2.97 6.18
C ALA A 286 29.11 4.05 5.68
N GLY A 287 28.61 5.07 5.00
CA GLY A 287 29.49 6.05 4.34
C GLY A 287 29.93 5.58 2.95
N TRP A 288 29.34 4.52 2.44
CA TRP A 288 29.66 3.98 1.12
C TRP A 288 28.75 4.66 0.11
N LEU A 289 29.09 5.91 -0.19
CA LEU A 289 28.25 6.81 -0.97
C LEU A 289 28.50 6.75 -2.48
N GLY A 290 29.53 6.04 -2.89
CA GLY A 290 29.84 5.93 -4.32
C GLY A 290 31.19 6.51 -4.62
N ARG A 291 31.32 7.10 -5.81
CA ARG A 291 32.61 7.64 -6.26
C ARG A 291 33.18 8.64 -5.28
N LYS A 292 32.34 9.54 -4.79
CA LYS A 292 32.77 10.59 -3.84
C LYS A 292 33.37 10.04 -2.53
N SER A 293 33.09 8.80 -2.18
CA SER A 293 33.64 8.24 -0.95
C SER A 293 34.61 7.10 -1.24
N GLY A 294 34.78 6.74 -2.52
CA GLY A 294 35.68 5.66 -2.92
C GLY A 294 35.03 4.30 -2.89
N LYS A 295 33.76 4.24 -2.54
CA LYS A 295 33.06 2.97 -2.44
C LYS A 295 31.55 3.19 -2.38
N GLY A 296 30.82 2.51 -3.26
CA GLY A 296 29.36 2.38 -3.19
C GLY A 296 29.02 0.94 -3.52
N PHE A 297 28.22 0.71 -4.55
CA PHE A 297 28.01 -0.66 -5.00
C PHE A 297 29.25 -1.26 -5.65
N TYR A 298 30.12 -0.39 -6.14
CA TYR A 298 31.42 -0.78 -6.63
C TYR A 298 32.50 -0.21 -5.73
N ASP A 299 33.68 -0.79 -5.83
CA ASP A 299 34.86 -0.27 -5.18
C ASP A 299 35.64 0.62 -6.15
N TYR A 300 35.99 1.81 -5.72
CA TYR A 300 36.75 2.73 -6.57
C TYR A 300 38.12 2.98 -5.96
N HIS B 20 39.72 -17.12 22.43
CA HIS B 20 40.73 -16.27 23.12
C HIS B 20 40.26 -15.03 23.89
N MET B 21 39.08 -14.49 23.64
CA MET B 21 38.62 -13.35 24.46
C MET B 21 38.38 -13.78 25.89
N LYS B 22 38.79 -12.95 26.84
CA LYS B 22 38.69 -13.32 28.25
C LYS B 22 38.41 -12.15 29.19
N LYS B 23 38.49 -10.95 28.65
CA LYS B 23 38.12 -9.75 29.36
C LYS B 23 37.06 -8.92 28.58
N VAL B 24 35.91 -8.71 29.22
CA VAL B 24 34.79 -7.99 28.61
C VAL B 24 34.38 -6.80 29.46
N CYS B 25 34.05 -5.68 28.79
CA CYS B 25 33.42 -4.53 29.45
C CYS B 25 31.97 -4.38 28.99
N VAL B 26 31.05 -4.35 29.97
CA VAL B 26 29.64 -4.08 29.71
C VAL B 26 29.34 -2.65 30.14
N ILE B 27 28.68 -1.90 29.28
CA ILE B 27 28.34 -0.49 29.50
C ILE B 27 26.84 -0.35 29.61
N GLY B 28 26.40 0.28 30.69
CA GLY B 28 24.98 0.37 31.04
C GLY B 28 24.59 -0.68 32.06
N ALA B 29 24.38 -0.25 33.31
CA ALA B 29 24.09 -1.17 34.41
C ALA B 29 22.59 -1.47 34.63
N GLY B 30 21.77 -1.36 33.59
CA GLY B 30 20.35 -1.64 33.73
C GLY B 30 20.13 -3.14 33.79
N THR B 31 18.87 -3.53 33.74
CA THR B 31 18.47 -4.92 33.65
C THR B 31 19.32 -5.74 32.69
N MET B 32 19.43 -5.24 31.47
CA MET B 32 20.01 -6.02 30.38
C MET B 32 21.51 -6.07 30.47
N GLY B 33 22.13 -4.93 30.73
CA GLY B 33 23.57 -4.88 30.90
C GLY B 33 24.02 -5.71 32.09
N SER B 34 23.29 -5.61 33.19
CA SER B 34 23.67 -6.36 34.40
C SER B 34 23.50 -7.86 34.19
N GLY B 35 22.46 -8.25 33.45
CA GLY B 35 22.27 -9.65 33.07
C GLY B 35 23.41 -10.18 32.19
N ILE B 36 23.89 -9.32 31.30
CA ILE B 36 24.94 -9.69 30.38
C ILE B 36 26.27 -9.83 31.14
N ALA B 37 26.54 -8.91 32.06
CA ALA B 37 27.76 -8.96 32.87
C ALA B 37 27.80 -10.27 33.68
N GLN B 38 26.65 -10.61 34.24
CA GLN B 38 26.51 -11.82 35.02
C GLN B 38 26.73 -13.06 34.16
N ALA B 39 26.17 -13.09 32.94
CA ALA B 39 26.36 -14.28 32.10
C ALA B 39 27.85 -14.53 31.79
N PHE B 40 28.61 -13.44 31.61
CA PHE B 40 30.04 -13.53 31.34
C PHE B 40 30.83 -13.93 32.60
N ALA B 41 30.50 -13.27 33.71
CA ALA B 41 31.11 -13.55 35.02
C ALA B 41 30.96 -15.02 35.43
N ALA B 42 29.82 -15.60 35.08
CA ALA B 42 29.50 -16.97 35.43
C ALA B 42 30.25 -17.97 34.59
N LYS B 43 30.90 -17.50 33.54
CA LYS B 43 31.59 -18.38 32.62
C LYS B 43 33.07 -18.01 32.48
N GLY B 44 33.67 -17.55 33.56
CA GLY B 44 35.13 -17.45 33.62
C GLY B 44 35.75 -16.34 32.81
N PHE B 45 35.02 -15.23 32.65
CA PHE B 45 35.59 -14.00 32.12
C PHE B 45 35.92 -13.05 33.24
N GLU B 46 36.88 -12.19 32.97
CA GLU B 46 37.08 -11.01 33.77
C GLU B 46 36.13 -9.98 33.23
N VAL B 47 35.25 -9.47 34.09
CA VAL B 47 34.20 -8.58 33.65
C VAL B 47 34.36 -7.19 34.27
N VAL B 48 34.25 -6.16 33.43
CA VAL B 48 34.01 -4.78 33.89
C VAL B 48 32.56 -4.35 33.64
N LEU B 49 31.95 -3.66 34.61
CA LEU B 49 30.62 -3.05 34.45
C LEU B 49 30.68 -1.56 34.72
N ARG B 50 30.43 -0.78 33.67
CA ARG B 50 30.46 0.69 33.73
C ARG B 50 29.08 1.31 33.52
N ASP B 51 28.81 2.33 34.33
CA ASP B 51 27.66 3.25 34.14
C ASP B 51 28.19 4.62 34.56
N ILE B 52 27.45 5.70 34.30
CA ILE B 52 27.96 7.07 34.60
C ILE B 52 27.87 7.48 36.08
N LYS B 53 27.01 6.79 36.84
CA LYS B 53 26.83 7.08 38.28
C LYS B 53 26.99 5.81 39.10
N ASP B 54 27.63 5.97 40.25
CA ASP B 54 27.85 4.85 41.17
C ASP B 54 26.52 4.21 41.59
N GLU B 55 25.49 5.06 41.72
CA GLU B 55 24.11 4.62 42.07
C GLU B 55 23.61 3.54 41.10
N PHE B 56 23.78 3.81 39.81
CA PHE B 56 23.43 2.86 38.75
C PHE B 56 24.26 1.59 38.86
N VAL B 57 25.58 1.76 38.96
CA VAL B 57 26.49 0.62 39.15
C VAL B 57 26.03 -0.28 40.32
N ASP B 58 25.90 0.31 41.51
CA ASP B 58 25.53 -0.43 42.72
C ASP B 58 24.20 -1.19 42.57
N ARG B 59 23.23 -0.54 41.94
CA ARG B 59 21.92 -1.14 41.67
C ARG B 59 22.07 -2.37 40.76
N GLY B 60 22.95 -2.27 39.77
CA GLY B 60 23.21 -3.40 38.86
C GLY B 60 23.82 -4.58 39.60
N LEU B 61 24.81 -4.29 40.44
CA LEU B 61 25.40 -5.32 41.32
C LEU B 61 24.34 -6.02 42.20
N ASP B 62 23.45 -5.22 42.79
CA ASP B 62 22.35 -5.72 43.64
C ASP B 62 21.43 -6.66 42.90
N PHE B 63 21.16 -6.31 41.65
CA PHE B 63 20.32 -7.10 40.76
C PHE B 63 20.97 -8.47 40.45
N ILE B 64 22.26 -8.44 40.12
CA ILE B 64 23.03 -9.67 39.91
C ILE B 64 23.04 -10.50 41.21
N ASN B 65 23.40 -9.87 42.32
CA ASN B 65 23.38 -10.54 43.65
C ASN B 65 22.06 -11.27 43.92
N LYS B 66 20.98 -10.57 43.63
CA LYS B 66 19.64 -11.08 43.78
C LYS B 66 19.37 -12.33 42.91
N ASN B 67 19.74 -12.29 41.62
CA ASN B 67 19.50 -13.47 40.74
C ASN B 67 20.36 -14.66 41.17
N LEU B 68 21.54 -14.37 41.73
CA LEU B 68 22.47 -15.43 42.13
C LEU B 68 21.91 -16.11 43.38
N SER B 69 21.44 -15.27 44.31
CA SER B 69 20.74 -15.73 45.52
C SER B 69 19.56 -16.64 45.18
N LYS B 70 18.81 -16.29 44.15
CA LYS B 70 17.68 -17.13 43.77
C LYS B 70 18.14 -18.50 43.24
N LEU B 71 19.28 -18.54 42.58
CA LEU B 71 19.87 -19.81 42.10
C LEU B 71 20.38 -20.65 43.29
N VAL B 72 21.01 -20.00 44.26
CA VAL B 72 21.44 -20.68 45.47
C VAL B 72 20.19 -21.33 46.08
N LYS B 73 19.17 -20.50 46.32
CA LYS B 73 17.97 -20.97 46.96
C LYS B 73 17.23 -22.04 46.22
N LYS B 74 17.34 -22.06 44.91
CA LYS B 74 16.75 -23.18 44.18
C LYS B 74 17.59 -24.46 44.21
N GLY B 75 18.79 -24.36 44.78
CA GLY B 75 19.75 -25.46 44.80
C GLY B 75 20.43 -25.69 43.46
N LYS B 76 20.33 -24.70 42.55
CA LYS B 76 20.99 -24.76 41.24
C LYS B 76 22.49 -24.58 41.42
N ILE B 77 22.88 -23.65 42.29
CA ILE B 77 24.30 -23.43 42.62
C ILE B 77 24.55 -23.29 44.11
N GLU B 78 25.80 -23.57 44.48
CA GLU B 78 26.34 -23.30 45.81
C GLU B 78 26.51 -21.80 46.04
N GLU B 79 26.47 -21.41 47.31
CA GLU B 79 26.74 -20.03 47.70
C GLU B 79 28.15 -19.59 47.32
N ALA B 80 29.14 -20.47 47.47
CA ALA B 80 30.54 -20.16 47.12
C ALA B 80 30.71 -19.82 45.62
N THR B 81 30.02 -20.59 44.77
CA THR B 81 29.95 -20.30 43.33
C THR B 81 29.49 -18.86 43.13
N LYS B 82 28.37 -18.49 43.77
CA LYS B 82 27.88 -17.11 43.76
C LYS B 82 28.94 -16.08 44.15
N VAL B 83 29.78 -16.41 45.13
CA VAL B 83 30.82 -15.48 45.59
C VAL B 83 31.92 -15.37 44.55
N GLU B 84 32.22 -16.49 43.89
CA GLU B 84 33.24 -16.48 42.81
C GLU B 84 32.75 -15.59 41.66
N ILE B 85 31.50 -15.82 41.23
CA ILE B 85 30.88 -15.05 40.12
C ILE B 85 30.96 -13.54 40.39
N LEU B 86 30.51 -13.15 41.58
CA LEU B 86 30.51 -11.73 41.97
C LEU B 86 31.91 -11.11 41.97
N THR B 87 32.93 -11.91 42.28
CA THR B 87 34.32 -11.42 42.32
C THR B 87 34.92 -11.07 40.94
N ARG B 88 34.47 -11.79 39.92
CA ARG B 88 34.91 -11.54 38.53
C ARG B 88 34.37 -10.21 37.94
N ILE B 89 33.37 -9.64 38.60
CA ILE B 89 32.77 -8.36 38.18
C ILE B 89 33.35 -7.19 39.00
N SER B 90 33.93 -6.22 38.31
CA SER B 90 34.40 -4.95 38.91
C SER B 90 33.59 -3.76 38.37
N GLY B 91 32.75 -3.17 39.21
CA GLY B 91 31.98 -1.97 38.84
C GLY B 91 32.87 -0.74 38.78
N THR B 92 32.44 0.25 38.03
CA THR B 92 33.18 1.51 37.87
C THR B 92 32.31 2.54 37.15
N VAL B 93 32.80 3.77 37.09
CA VAL B 93 32.24 4.79 36.22
C VAL B 93 33.29 5.29 35.22
N ASP B 94 34.53 4.84 35.36
CA ASP B 94 35.63 5.29 34.53
C ASP B 94 35.60 4.49 33.22
N LEU B 95 35.43 5.19 32.10
CA LEU B 95 35.33 4.55 30.80
C LEU B 95 36.64 3.87 30.40
N ASN B 96 37.76 4.45 30.84
CA ASN B 96 39.08 3.95 30.47
C ASN B 96 39.32 2.55 30.97
N MET B 97 38.50 2.08 31.90
CA MET B 97 38.57 0.68 32.35
C MET B 97 38.24 -0.32 31.22
N ALA B 98 37.63 0.16 30.14
CA ALA B 98 37.40 -0.66 28.95
C ALA B 98 38.63 -0.83 28.07
N ALA B 99 39.66 -0.01 28.30
CA ALA B 99 40.78 0.16 27.37
C ALA B 99 41.43 -1.14 26.88
N ASP B 100 41.65 -2.06 27.79
CA ASP B 100 42.38 -3.29 27.46
C ASP B 100 41.43 -4.47 27.34
N CYS B 101 40.13 -4.21 27.25
CA CYS B 101 39.18 -5.31 27.08
C CYS B 101 39.22 -5.90 25.68
N ASP B 102 38.95 -7.19 25.58
CA ASP B 102 38.92 -7.86 24.28
C ASP B 102 37.58 -7.58 23.63
N LEU B 103 36.55 -7.32 24.44
CA LEU B 103 35.20 -7.07 23.93
C LEU B 103 34.48 -6.05 24.81
N VAL B 104 33.75 -5.15 24.16
CA VAL B 104 32.89 -4.18 24.85
C VAL B 104 31.47 -4.34 24.33
N ILE B 105 30.51 -4.53 25.23
CA ILE B 105 29.10 -4.62 24.92
C ILE B 105 28.40 -3.42 25.51
N GLU B 106 27.93 -2.51 24.65
CA GLU B 106 27.16 -1.36 25.08
C GLU B 106 25.68 -1.73 25.14
N ALA B 107 25.08 -1.60 26.33
CA ALA B 107 23.64 -1.81 26.51
C ALA B 107 23.01 -0.66 27.28
N ALA B 108 22.89 0.49 26.63
CA ALA B 108 22.54 1.75 27.32
C ALA B 108 21.29 2.40 26.74
N VAL B 109 21.19 3.73 26.82
CA VAL B 109 20.04 4.47 26.26
C VAL B 109 20.00 4.23 24.76
N GLU B 110 18.80 4.08 24.21
CA GLU B 110 18.64 3.88 22.76
C GLU B 110 18.58 5.20 21.98
N ARG B 111 19.49 6.15 22.26
CA ARG B 111 19.57 7.40 21.47
C ARG B 111 20.84 7.48 20.61
N MET B 112 20.65 7.69 19.31
CA MET B 112 21.70 7.45 18.31
C MET B 112 22.93 8.33 18.46
N ASP B 113 22.74 9.63 18.66
CA ASP B 113 23.87 10.56 18.73
C ASP B 113 24.78 10.29 19.95
N ILE B 114 24.19 9.89 21.06
CA ILE B 114 24.98 9.57 22.24
C ILE B 114 25.66 8.21 22.03
N LYS B 115 24.94 7.27 21.45
CA LYS B 115 25.51 5.96 21.14
C LYS B 115 26.76 6.08 20.26
N LYS B 116 26.69 6.94 19.25
CA LYS B 116 27.83 7.20 18.39
C LYS B 116 29.01 7.76 19.18
N GLN B 117 28.73 8.68 20.10
CA GLN B 117 29.78 9.34 20.87
C GLN B 117 30.53 8.33 21.75
N ILE B 118 29.76 7.52 22.45
CA ILE B 118 30.28 6.38 23.22
C ILE B 118 31.22 5.50 22.37
N PHE B 119 30.77 5.13 21.15
CA PHE B 119 31.55 4.24 20.30
C PHE B 119 32.77 4.94 19.72
N ALA B 120 32.63 6.21 19.39
CA ALA B 120 33.77 7.02 18.96
C ALA B 120 34.85 7.11 20.05
N ASP B 121 34.42 7.35 21.29
CA ASP B 121 35.35 7.42 22.42
C ASP B 121 35.99 6.06 22.68
N LEU B 122 35.19 5.00 22.60
CA LEU B 122 35.73 3.67 22.80
C LEU B 122 36.78 3.40 21.74
N ASP B 123 36.50 3.82 20.52
CA ASP B 123 37.42 3.67 19.41
C ASP B 123 38.81 4.25 19.74
N ASN B 124 38.83 5.41 20.39
CA ASN B 124 40.09 6.08 20.77
C ASN B 124 40.73 5.48 21.97
N ILE B 125 39.90 5.13 22.93
CA ILE B 125 40.32 4.59 24.21
C ILE B 125 40.86 3.16 24.11
N CYS B 126 40.26 2.32 23.28
CA CYS B 126 40.55 0.87 23.29
C CYS B 126 41.76 0.44 22.47
N LYS B 127 42.44 -0.62 22.90
CA LYS B 127 43.46 -1.22 22.06
C LYS B 127 42.81 -1.59 20.72
N PRO B 128 43.62 -1.67 19.64
CA PRO B 128 43.03 -1.94 18.35
C PRO B 128 42.32 -3.29 18.23
N GLU B 129 42.67 -4.28 19.03
CA GLU B 129 42.07 -5.62 18.87
C GLU B 129 40.60 -5.66 19.33
N THR B 130 40.21 -4.68 20.13
CA THR B 130 38.94 -4.69 20.83
C THR B 130 37.76 -4.62 19.86
N ILE B 131 36.86 -5.60 19.99
CA ILE B 131 35.61 -5.63 19.25
C ILE B 131 34.55 -4.83 19.99
N LEU B 132 33.85 -3.95 19.28
CA LEU B 132 32.84 -3.08 19.90
C LEU B 132 31.46 -3.51 19.48
N ALA B 133 30.67 -3.92 20.47
CA ALA B 133 29.36 -4.45 20.24
C ALA B 133 28.27 -3.60 20.91
N SER B 134 27.04 -3.79 20.44
CA SER B 134 25.88 -3.13 20.99
C SER B 134 24.77 -4.15 21.11
N ASN B 135 23.98 -4.02 22.16
CA ASN B 135 22.81 -4.89 22.39
C ASN B 135 21.53 -4.29 21.80
N THR B 136 21.64 -3.15 21.12
CA THR B 136 20.46 -2.51 20.56
C THR B 136 19.56 -3.45 19.75
N SER B 137 18.25 -3.24 19.88
CA SER B 137 17.25 -3.91 19.03
C SER B 137 16.80 -3.00 17.87
N SER B 138 16.94 -1.69 18.04
CA SER B 138 16.24 -0.71 17.22
C SER B 138 17.15 0.11 16.32
N LEU B 139 18.38 0.39 16.74
CA LEU B 139 19.27 1.27 15.96
C LEU B 139 20.24 0.54 15.01
N SER B 140 20.74 1.25 14.01
CA SER B 140 21.61 0.66 13.00
C SER B 140 23.04 0.47 13.46
N ILE B 141 23.46 -0.79 13.47
CA ILE B 141 24.86 -1.14 13.83
C ILE B 141 25.81 -0.51 12.82
N THR B 142 25.44 -0.65 11.55
CA THR B 142 26.17 -0.03 10.45
C THR B 142 26.38 1.47 10.71
N GLU B 143 25.32 2.16 11.10
CA GLU B 143 25.42 3.59 11.29
C GLU B 143 26.35 3.90 12.48
N VAL B 144 26.19 3.16 13.58
CA VAL B 144 27.08 3.34 14.76
C VAL B 144 28.55 3.07 14.39
N ALA B 145 28.79 2.02 13.62
CA ALA B 145 30.14 1.69 13.19
C ALA B 145 30.81 2.83 12.41
N SER B 146 30.01 3.56 11.63
CA SER B 146 30.52 4.62 10.81
C SER B 146 31.07 5.79 11.64
N ALA B 147 30.75 5.85 12.92
CA ALA B 147 31.29 6.90 13.79
C ALA B 147 32.66 6.54 14.33
N THR B 148 33.19 5.37 13.96
CA THR B 148 34.48 4.90 14.44
C THR B 148 35.39 4.71 13.26
N LYS B 149 36.68 4.55 13.53
CA LYS B 149 37.67 4.18 12.52
C LYS B 149 37.91 2.66 12.47
N ARG B 150 37.11 1.90 13.22
CA ARG B 150 37.20 0.43 13.20
C ARG B 150 35.86 -0.27 12.84
N PRO B 151 35.21 0.17 11.75
CA PRO B 151 33.87 -0.39 11.46
C PRO B 151 33.89 -1.92 11.30
N ASP B 152 35.04 -2.45 10.90
CA ASP B 152 35.24 -3.90 10.76
C ASP B 152 35.13 -4.65 12.10
N LYS B 153 35.27 -3.91 13.20
CA LYS B 153 35.29 -4.47 14.55
C LYS B 153 34.10 -4.04 15.37
N VAL B 154 33.09 -3.51 14.70
CA VAL B 154 31.82 -3.16 15.33
C VAL B 154 30.76 -4.16 14.93
N ILE B 155 29.92 -4.52 15.89
CA ILE B 155 28.99 -5.61 15.70
C ILE B 155 27.81 -5.52 16.67
N GLY B 156 26.70 -6.15 16.32
CA GLY B 156 25.60 -6.30 17.25
C GLY B 156 25.67 -7.64 17.96
N MET B 157 25.46 -7.62 19.27
CA MET B 157 25.26 -8.86 20.04
C MET B 157 23.95 -8.69 20.78
N HIS B 158 22.88 -9.24 20.23
CA HIS B 158 21.53 -9.00 20.75
C HIS B 158 21.10 -10.13 21.69
N PHE B 159 21.04 -9.82 22.98
CA PHE B 159 20.64 -10.78 24.04
C PHE B 159 19.14 -10.75 24.31
N PHE B 160 18.65 -11.79 24.97
CA PHE B 160 17.22 -11.93 25.32
C PHE B 160 17.03 -12.05 26.82
N ASN B 161 16.08 -11.27 27.32
CA ASN B 161 15.83 -11.19 28.75
C ASN B 161 15.14 -12.48 29.23
N PRO B 162 15.61 -13.05 30.33
CA PRO B 162 16.76 -12.61 31.12
C PRO B 162 18.08 -13.14 30.53
N ALA B 163 19.05 -12.24 30.42
CA ALA B 163 20.32 -12.56 29.75
C ALA B 163 21.10 -13.77 30.35
N PRO B 164 21.04 -13.98 31.69
CA PRO B 164 21.73 -15.16 32.24
C PRO B 164 21.15 -16.50 31.85
N VAL B 165 19.87 -16.53 31.51
CA VAL B 165 19.20 -17.78 31.20
C VAL B 165 19.02 -18.03 29.70
N MET B 166 18.56 -17.04 28.97
CA MET B 166 18.22 -17.26 27.54
C MET B 166 19.48 -17.54 26.73
N LYS B 167 19.47 -18.62 25.98
CA LYS B 167 20.66 -19.04 25.25
C LYS B 167 20.86 -18.29 23.91
N LEU B 168 19.79 -17.77 23.33
CA LEU B 168 19.91 -17.18 21.99
C LEU B 168 20.71 -15.89 22.04
N VAL B 169 21.60 -15.73 21.07
CA VAL B 169 22.19 -14.42 20.79
C VAL B 169 22.06 -14.22 19.29
N GLU B 170 21.48 -13.10 18.88
CA GLU B 170 21.46 -12.71 17.48
C GLU B 170 22.72 -11.89 17.24
N VAL B 171 23.65 -12.46 16.49
CA VAL B 171 24.87 -11.75 16.19
C VAL B 171 24.66 -10.99 14.88
N ILE B 172 24.59 -9.67 15.05
CA ILE B 172 24.20 -8.75 13.99
C ILE B 172 25.42 -8.12 13.28
N ARG B 173 25.58 -8.49 12.02
CA ARG B 173 26.64 -7.97 11.18
C ARG B 173 26.21 -6.67 10.50
N GLY B 174 26.94 -5.60 10.81
CA GLY B 174 26.86 -4.39 10.01
C GLY B 174 27.46 -4.71 8.66
N ILE B 175 27.20 -3.88 7.66
CA ILE B 175 27.67 -4.22 6.30
C ILE B 175 29.20 -4.24 6.23
N ALA B 176 29.90 -3.58 7.15
CA ALA B 176 31.38 -3.59 7.14
C ALA B 176 31.98 -4.53 8.18
N THR B 177 31.14 -5.23 8.93
CA THR B 177 31.65 -6.15 9.97
C THR B 177 32.45 -7.24 9.28
N SER B 178 33.69 -7.49 9.71
CA SER B 178 34.55 -8.50 9.06
C SER B 178 34.19 -9.93 9.49
N GLN B 179 34.56 -10.90 8.67
CA GLN B 179 34.36 -12.31 8.98
C GLN B 179 35.03 -12.66 10.31
N GLU B 180 36.24 -12.14 10.48
CA GLU B 180 37.06 -12.36 11.68
C GLU B 180 36.36 -11.86 12.91
N THR B 181 35.85 -10.63 12.87
CA THR B 181 35.08 -10.12 13.99
C THR B 181 33.88 -11.04 14.27
N PHE B 182 33.18 -11.52 13.24
CA PHE B 182 32.00 -12.37 13.50
C PHE B 182 32.41 -13.71 14.10
N ASP B 183 33.42 -14.34 13.53
CA ASP B 183 33.93 -15.60 14.04
C ASP B 183 34.31 -15.48 15.50
N ALA B 184 34.97 -14.38 15.86
CA ALA B 184 35.41 -14.19 17.23
C ALA B 184 34.22 -14.07 18.21
N VAL B 185 33.23 -13.28 17.82
CA VAL B 185 32.03 -13.14 18.64
C VAL B 185 31.24 -14.45 18.67
N LYS B 186 31.11 -15.12 17.53
CA LYS B 186 30.48 -16.44 17.47
C LYS B 186 31.07 -17.42 18.52
N GLU B 187 32.38 -17.57 18.50
CA GLU B 187 32.99 -18.57 19.37
C GLU B 187 33.00 -18.13 20.84
N THR B 188 33.09 -16.85 21.10
CA THR B 188 32.87 -16.36 22.47
C THR B 188 31.46 -16.69 22.99
N SER B 189 30.44 -16.50 22.15
CA SER B 189 29.06 -16.75 22.57
C SER B 189 28.92 -18.21 22.94
N ILE B 190 29.48 -19.09 22.10
CA ILE B 190 29.48 -20.53 22.33
C ILE B 190 30.23 -20.85 23.63
N ALA B 191 31.31 -20.12 23.89
CA ALA B 191 32.07 -20.27 25.13
C ALA B 191 31.28 -19.90 26.39
N ILE B 192 30.47 -18.84 26.35
CA ILE B 192 29.66 -18.51 27.52
C ILE B 192 28.34 -19.31 27.59
N GLY B 193 28.25 -20.34 26.78
CA GLY B 193 27.10 -21.25 26.82
C GLY B 193 25.91 -20.73 26.04
N LYS B 194 26.12 -19.74 25.18
CA LYS B 194 25.03 -19.22 24.34
C LYS B 194 25.00 -19.91 22.99
N ASP B 195 23.91 -19.68 22.27
CA ASP B 195 23.71 -20.31 20.99
C ASP B 195 23.53 -19.22 19.93
N PRO B 196 24.64 -18.77 19.32
CA PRO B 196 24.56 -17.63 18.41
C PRO B 196 23.98 -17.96 17.03
N VAL B 197 23.30 -16.98 16.45
CA VAL B 197 22.89 -17.06 15.04
C VAL B 197 23.44 -15.85 14.29
N GLU B 198 23.68 -16.00 12.99
CA GLU B 198 24.19 -14.92 12.19
C GLU B 198 23.05 -14.17 11.49
N VAL B 199 23.04 -12.87 11.68
CA VAL B 199 22.01 -11.99 11.10
C VAL B 199 22.62 -10.77 10.44
N ALA B 200 22.45 -10.63 9.12
CA ALA B 200 22.85 -9.40 8.43
C ALA B 200 21.89 -8.28 8.84
N GLU B 201 22.41 -7.12 9.24
CA GLU B 201 21.53 -6.06 9.75
C GLU B 201 20.30 -5.81 8.87
N ALA B 202 19.12 -5.86 9.47
CA ALA B 202 17.85 -5.46 8.82
C ALA B 202 16.83 -5.19 9.94
N PRO B 203 15.74 -4.47 9.64
CA PRO B 203 14.84 -4.07 10.76
C PRO B 203 14.26 -5.27 11.51
N GLY B 204 14.50 -5.33 12.81
CA GLY B 204 13.95 -6.37 13.67
C GLY B 204 14.69 -7.69 13.70
N PHE B 205 15.80 -7.77 12.98
CA PHE B 205 16.67 -8.95 12.94
C PHE B 205 15.81 -10.19 12.58
N VAL B 206 15.89 -11.30 13.32
CA VAL B 206 14.93 -12.35 13.10
C VAL B 206 13.76 -12.32 14.06
N VAL B 207 14.02 -12.31 15.37
CA VAL B 207 12.96 -12.59 16.33
C VAL B 207 11.90 -11.50 16.35
N ASN B 208 12.31 -10.26 16.56
CA ASN B 208 11.35 -9.19 16.65
C ASN B 208 10.58 -9.01 15.34
N ARG B 209 11.31 -9.13 14.25
CA ARG B 209 10.74 -9.01 12.90
C ARG B 209 9.60 -9.97 12.65
N ILE B 210 9.67 -11.16 13.23
CA ILE B 210 8.60 -12.14 13.11
C ILE B 210 7.57 -12.09 14.26
N LEU B 211 8.05 -11.89 15.47
CA LEU B 211 7.22 -12.07 16.66
C LEU B 211 6.29 -10.88 16.90
N ILE B 212 6.81 -9.69 16.77
CA ILE B 212 6.02 -8.56 17.17
C ILE B 212 4.85 -8.32 16.21
N PRO B 213 5.06 -8.53 14.91
CA PRO B 213 3.93 -8.48 14.00
C PRO B 213 2.87 -9.51 14.28
N MET B 214 3.25 -10.68 14.83
CA MET B 214 2.23 -11.65 15.28
C MET B 214 1.38 -11.01 16.36
N ILE B 215 2.01 -10.30 17.27
CA ILE B 215 1.28 -9.67 18.34
C ILE B 215 0.37 -8.58 17.77
N ASN B 216 0.91 -7.78 16.85
CA ASN B 216 0.16 -6.70 16.22
C ASN B 216 -1.05 -7.22 15.48
N GLU B 217 -0.88 -8.38 14.86
CA GLU B 217 -1.98 -9.07 14.17
C GLU B 217 -3.07 -9.49 15.15
N ALA B 218 -2.70 -9.98 16.34
CA ALA B 218 -3.72 -10.35 17.35
C ALA B 218 -4.57 -9.14 17.77
N VAL B 219 -3.91 -7.99 17.90
CA VAL B 219 -4.60 -6.77 18.26
C VAL B 219 -5.66 -6.44 17.22
N GLY B 220 -5.31 -6.60 15.93
CA GLY B 220 -6.27 -6.38 14.86
C GLY B 220 -7.51 -7.26 14.91
N ILE B 221 -7.29 -8.53 15.18
CA ILE B 221 -8.37 -9.49 15.39
C ILE B 221 -9.29 -9.04 16.55
N LEU B 222 -8.66 -8.64 17.65
CA LEU B 222 -9.40 -8.14 18.80
C LEU B 222 -10.22 -6.90 18.44
N ALA B 223 -9.58 -5.95 17.77
CA ALA B 223 -10.19 -4.65 17.48
C ALA B 223 -11.48 -4.77 16.67
N GLU B 224 -11.50 -5.73 15.75
CA GLU B 224 -12.64 -5.93 14.90
C GLU B 224 -13.69 -6.85 15.48
N GLY B 225 -13.61 -7.15 16.78
CA GLY B 225 -14.61 -7.99 17.44
C GLY B 225 -14.63 -9.43 16.94
N ILE B 226 -13.51 -9.90 16.39
CA ILE B 226 -13.52 -11.25 15.80
C ILE B 226 -13.46 -12.35 16.88
N ALA B 227 -12.74 -12.06 17.97
CA ALA B 227 -12.66 -12.97 19.09
C ALA B 227 -12.20 -12.20 20.31
N SER B 228 -12.47 -12.74 21.49
CA SER B 228 -12.06 -12.13 22.74
C SER B 228 -10.55 -12.27 22.98
N VAL B 229 -10.03 -11.48 23.91
CA VAL B 229 -8.65 -11.61 24.32
C VAL B 229 -8.26 -13.05 24.71
N GLU B 230 -9.11 -13.70 25.49
CA GLU B 230 -8.80 -15.02 26.05
C GLU B 230 -8.86 -16.07 24.97
N ASP B 231 -9.84 -15.97 24.10
CA ASP B 231 -9.98 -16.90 22.98
C ASP B 231 -8.88 -16.78 21.94
N ILE B 232 -8.42 -15.57 21.64
CA ILE B 232 -7.25 -15.38 20.78
C ILE B 232 -6.04 -16.09 21.37
N ASP B 233 -5.77 -15.85 22.66
CA ASP B 233 -4.61 -16.46 23.30
C ASP B 233 -4.75 -17.99 23.40
N LYS B 234 -5.92 -18.47 23.73
CA LYS B 234 -6.10 -19.91 23.82
C LYS B 234 -5.91 -20.55 22.45
N ALA B 235 -6.47 -19.91 21.42
CA ALA B 235 -6.38 -20.42 20.06
C ALA B 235 -4.92 -20.55 19.67
N MET B 236 -4.10 -19.55 19.98
CA MET B 236 -2.69 -19.61 19.62
C MET B 236 -1.95 -20.63 20.49
N LYS B 237 -2.28 -20.72 21.77
CA LYS B 237 -1.57 -21.69 22.61
C LYS B 237 -1.87 -23.13 22.19
N LEU B 238 -3.13 -23.44 21.97
CA LEU B 238 -3.54 -24.79 21.67
C LEU B 238 -3.35 -25.10 20.20
N GLY B 239 -3.66 -24.12 19.36
CA GLY B 239 -3.62 -24.31 17.94
C GLY B 239 -2.22 -24.35 17.38
N ALA B 240 -1.32 -23.53 17.89
CA ALA B 240 0.05 -23.50 17.38
C ALA B 240 1.04 -24.08 18.36
N ASN B 241 0.54 -24.58 19.48
CA ASN B 241 1.40 -25.16 20.51
C ASN B 241 2.44 -24.15 21.01
N HIS B 242 1.96 -22.94 21.30
CA HIS B 242 2.79 -21.90 21.94
C HIS B 242 2.51 -21.88 23.45
N PRO B 243 3.51 -21.52 24.24
CA PRO B 243 3.36 -21.47 25.69
C PRO B 243 2.66 -20.20 26.15
N MET B 244 2.73 -19.15 25.35
CA MET B 244 1.96 -17.94 25.64
C MET B 244 1.16 -17.49 24.42
N GLY B 245 -0.01 -16.95 24.64
CA GLY B 245 -0.74 -16.32 23.57
C GLY B 245 -0.16 -14.95 23.23
N PRO B 246 -0.37 -14.48 21.99
CA PRO B 246 0.15 -13.17 21.58
C PRO B 246 -0.22 -11.97 22.47
N LEU B 247 -1.46 -11.89 22.95
CA LEU B 247 -1.90 -10.73 23.72
C LEU B 247 -1.29 -10.73 25.11
N GLU B 248 -1.36 -11.86 25.82
CA GLU B 248 -0.65 -11.95 27.12
C GLU B 248 0.86 -11.82 26.90
N LEU B 249 1.37 -12.22 25.74
CA LEU B 249 2.81 -12.11 25.51
C LEU B 249 3.20 -10.64 25.34
N GLY B 250 2.35 -9.89 24.64
CA GLY B 250 2.52 -8.43 24.53
C GLY B 250 2.55 -7.76 25.89
N ASP B 251 1.60 -8.12 26.74
CA ASP B 251 1.58 -7.64 28.14
C ASP B 251 2.88 -8.01 28.88
N PHE B 252 3.44 -9.17 28.59
CA PHE B 252 4.64 -9.65 29.28
C PHE B 252 5.88 -8.88 28.81
N ILE B 253 6.02 -8.73 27.48
CA ILE B 253 7.10 -7.94 26.88
C ILE B 253 6.97 -6.47 27.24
N GLY B 254 5.74 -5.98 27.30
CA GLY B 254 5.49 -4.58 27.50
C GLY B 254 4.96 -4.04 26.19
N LEU B 255 3.75 -3.49 26.24
CA LEU B 255 3.08 -3.01 25.04
C LEU B 255 3.76 -1.77 24.46
N ASP B 256 4.38 -0.95 25.32
CA ASP B 256 5.21 0.17 24.85
C ASP B 256 6.39 -0.34 24.00
N ILE B 257 7.07 -1.38 24.48
CA ILE B 257 8.15 -2.00 23.72
C ILE B 257 7.62 -2.55 22.38
N CYS B 258 6.49 -3.23 22.42
CA CYS B 258 5.88 -3.79 21.21
C CYS B 258 5.58 -2.67 20.17
N LEU B 259 4.99 -1.58 20.64
CA LEU B 259 4.67 -0.47 19.75
C LEU B 259 5.92 0.16 19.17
N ALA B 260 6.94 0.42 19.99
CA ALA B 260 8.21 0.98 19.49
C ALA B 260 8.80 0.13 18.38
N ILE B 261 8.76 -1.20 18.54
CA ILE B 261 9.33 -2.09 17.53
C ILE B 261 8.56 -1.98 16.21
N MET B 262 7.23 -2.05 16.31
CA MET B 262 6.40 -1.88 15.15
C MET B 262 6.70 -0.53 14.47
N ASP B 263 6.88 0.51 15.28
CA ASP B 263 7.23 1.84 14.76
C ASP B 263 8.50 1.80 13.94
N VAL B 264 9.51 1.08 14.45
CA VAL B 264 10.78 0.98 13.77
C VAL B 264 10.62 0.17 12.49
N LEU B 265 9.85 -0.91 12.55
CA LEU B 265 9.66 -1.71 11.37
C LEU B 265 8.97 -0.87 10.27
N TYR B 266 7.92 -0.14 10.63
CA TYR B 266 7.22 0.68 9.65
C TYR B 266 8.11 1.80 9.12
N SER B 267 8.80 2.48 10.03
CA SER B 267 9.68 3.57 9.66
C SER B 267 10.82 3.12 8.72
N GLU B 268 11.47 2.01 9.07
CA GLU B 268 12.62 1.52 8.33
C GLU B 268 12.24 0.93 6.97
N THR B 269 11.15 0.18 6.94
CA THR B 269 10.76 -0.50 5.71
C THR B 269 10.00 0.46 4.81
N GLY B 270 9.32 1.42 5.41
CA GLY B 270 8.38 2.24 4.65
C GLY B 270 7.21 1.44 4.04
N ASP B 271 7.01 0.21 4.52
CA ASP B 271 5.92 -0.64 4.06
C ASP B 271 4.79 -0.69 5.10
N SER B 272 3.60 -0.22 4.71
CA SER B 272 2.43 -0.22 5.58
C SER B 272 2.01 -1.63 6.05
N LYS B 273 2.56 -2.68 5.44
CA LYS B 273 2.45 -4.02 5.97
C LYS B 273 2.75 -4.06 7.47
N TYR B 274 3.73 -3.26 7.89
CA TYR B 274 4.14 -3.20 9.30
C TYR B 274 3.52 -2.08 10.11
N ARG B 275 2.41 -1.51 9.67
CA ARG B 275 1.80 -0.46 10.46
C ARG B 275 1.30 -1.00 11.82
N PRO B 276 1.66 -0.32 12.94
CA PRO B 276 1.09 -0.72 14.22
C PRO B 276 -0.41 -0.45 14.28
N HIS B 277 -1.17 -1.35 14.89
CA HIS B 277 -2.61 -1.13 14.94
C HIS B 277 -2.94 0.08 15.80
N THR B 278 -3.95 0.82 15.38
CA THR B 278 -4.40 1.99 16.10
C THR B 278 -4.82 1.63 17.56
N LEU B 279 -5.38 0.45 17.74
CA LEU B 279 -5.82 0.06 19.07
C LEU B 279 -4.61 -0.12 19.98
N LEU B 280 -3.50 -0.62 19.45
CA LEU B 280 -2.30 -0.79 20.26
C LEU B 280 -1.81 0.57 20.75
N LYS B 281 -1.85 1.54 19.85
CA LYS B 281 -1.50 2.93 20.21
C LYS B 281 -2.31 3.44 21.38
N LYS B 282 -3.59 3.07 21.41
CA LYS B 282 -4.50 3.60 22.40
C LYS B 282 -4.21 2.98 23.77
N TYR B 283 -3.95 1.67 23.81
CA TYR B 283 -3.48 1.01 25.05
C TYR B 283 -2.22 1.66 25.59
N VAL B 284 -1.23 1.90 24.75
CA VAL B 284 -0.01 2.55 25.22
C VAL B 284 -0.29 3.97 25.74
N ARG B 285 -1.06 4.75 24.99
CA ARG B 285 -1.36 6.11 25.43
C ARG B 285 -2.07 6.14 26.77
N ALA B 286 -2.80 5.06 27.09
CA ALA B 286 -3.54 5.02 28.36
C ALA B 286 -2.64 4.66 29.53
N GLY B 287 -1.42 4.23 29.23
CA GLY B 287 -0.52 3.75 30.26
C GLY B 287 -0.79 2.29 30.58
N TRP B 288 -1.62 1.62 29.78
CA TRP B 288 -1.91 0.21 29.99
C TRP B 288 -0.87 -0.65 29.31
N LEU B 289 0.32 -0.76 29.89
CA LEU B 289 1.48 -1.35 29.22
C LEU B 289 1.68 -2.85 29.42
N GLY B 290 0.83 -3.45 30.26
CA GLY B 290 0.96 -4.89 30.55
C GLY B 290 1.31 -5.11 32.02
N ARG B 291 2.01 -6.23 32.27
CA ARG B 291 2.37 -6.63 33.63
C ARG B 291 3.01 -5.53 34.42
N LYS B 292 3.95 -4.80 33.83
CA LYS B 292 4.71 -3.77 34.57
C LYS B 292 3.89 -2.60 35.09
N SER B 293 2.72 -2.35 34.49
CA SER B 293 1.83 -1.28 34.95
C SER B 293 0.56 -1.84 35.59
N GLY B 294 0.48 -3.16 35.70
CA GLY B 294 -0.65 -3.81 36.33
C GLY B 294 -1.85 -3.95 35.42
N LYS B 295 -1.70 -3.56 34.16
CA LYS B 295 -2.81 -3.64 33.21
C LYS B 295 -2.35 -3.50 31.75
N GLY B 296 -2.74 -4.46 30.93
CA GLY B 296 -2.58 -4.35 29.48
C GLY B 296 -3.83 -4.89 28.80
N PHE B 297 -3.69 -5.93 27.98
CA PHE B 297 -4.86 -6.62 27.48
C PHE B 297 -5.59 -7.39 28.59
N TYR B 298 -4.83 -7.83 29.59
CA TYR B 298 -5.35 -8.39 30.83
C TYR B 298 -5.11 -7.45 32.02
N ASP B 299 -5.92 -7.64 33.06
CA ASP B 299 -5.68 -7.07 34.41
C ASP B 299 -4.69 -7.90 35.24
N TYR B 300 -3.82 -7.25 36.00
CA TYR B 300 -2.81 -7.96 36.83
C TYR B 300 -2.76 -7.44 38.27
N LYS C 22 -26.72 -38.86 21.19
CA LYS C 22 -26.62 -37.81 20.13
C LYS C 22 -25.88 -38.37 18.91
N LYS C 23 -26.37 -38.02 17.73
CA LYS C 23 -25.95 -38.65 16.50
C LYS C 23 -25.29 -37.64 15.54
N VAL C 24 -24.10 -37.96 15.06
CA VAL C 24 -23.32 -37.09 14.19
C VAL C 24 -23.07 -37.72 12.83
N CYS C 25 -23.06 -36.90 11.78
CA CYS C 25 -22.61 -37.35 10.47
C CYS C 25 -21.37 -36.57 10.03
N VAL C 26 -20.32 -37.29 9.65
CA VAL C 26 -19.15 -36.69 9.07
C VAL C 26 -19.18 -37.00 7.58
N ILE C 27 -19.05 -35.96 6.75
CA ILE C 27 -18.98 -36.09 5.29
C ILE C 27 -17.54 -35.89 4.87
N GLY C 28 -16.92 -36.94 4.36
CA GLY C 28 -15.52 -36.91 3.93
C GLY C 28 -14.70 -37.87 4.77
N ALA C 29 -14.26 -38.98 4.15
CA ALA C 29 -13.50 -40.03 4.84
C ALA C 29 -12.00 -39.89 4.60
N GLY C 30 -11.56 -38.69 4.25
CA GLY C 30 -10.13 -38.38 4.21
C GLY C 30 -9.59 -38.32 5.64
N THR C 31 -8.38 -37.81 5.77
CA THR C 31 -7.65 -37.83 7.02
C THR C 31 -8.38 -37.09 8.11
N MET C 32 -8.79 -35.86 7.81
CA MET C 32 -9.44 -35.03 8.77
C MET C 32 -10.83 -35.56 9.11
N GLY C 33 -11.67 -35.80 8.09
CA GLY C 33 -12.99 -36.37 8.31
C GLY C 33 -12.96 -37.64 9.17
N SER C 34 -12.04 -38.54 8.86
CA SER C 34 -11.89 -39.78 9.62
C SER C 34 -11.51 -39.52 11.09
N GLY C 35 -10.53 -38.64 11.30
CA GLY C 35 -10.13 -38.21 12.64
C GLY C 35 -11.28 -37.59 13.44
N ILE C 36 -12.13 -36.83 12.76
CA ILE C 36 -13.25 -36.18 13.40
C ILE C 36 -14.25 -37.26 13.85
N ALA C 37 -14.58 -38.16 12.94
CA ALA C 37 -15.44 -39.29 13.24
C ALA C 37 -14.90 -40.04 14.45
N GLN C 38 -13.59 -40.23 14.47
CA GLN C 38 -12.96 -40.98 15.55
C GLN C 38 -13.15 -40.26 16.87
N ALA C 39 -12.90 -38.95 16.88
CA ALA C 39 -13.01 -38.14 18.12
C ALA C 39 -14.41 -38.25 18.71
N PHE C 40 -15.42 -38.21 17.84
CA PHE C 40 -16.81 -38.30 18.29
C PHE C 40 -17.13 -39.69 18.83
N ALA C 41 -16.78 -40.72 18.07
CA ALA C 41 -17.00 -42.12 18.50
C ALA C 41 -16.33 -42.42 19.84
N ALA C 42 -15.08 -41.95 19.98
CA ALA C 42 -14.33 -42.10 21.22
C ALA C 42 -15.10 -41.55 22.42
N LYS C 43 -15.97 -40.57 22.22
CA LYS C 43 -16.65 -39.94 23.35
C LYS C 43 -18.13 -40.31 23.48
N GLY C 44 -18.54 -41.38 22.84
CA GLY C 44 -19.87 -41.94 23.11
C GLY C 44 -20.89 -41.66 22.04
N PHE C 45 -20.52 -40.86 21.04
CA PHE C 45 -21.47 -40.46 20.02
C PHE C 45 -21.56 -41.53 18.95
N GLU C 46 -22.79 -41.80 18.53
CA GLU C 46 -23.07 -42.59 17.34
C GLU C 46 -22.71 -41.74 16.12
N VAL C 47 -21.99 -42.33 15.18
CA VAL C 47 -21.37 -41.59 14.08
C VAL C 47 -21.66 -42.23 12.73
N VAL C 48 -22.18 -41.43 11.80
CA VAL C 48 -22.31 -41.83 10.40
C VAL C 48 -21.15 -41.24 9.63
N LEU C 49 -20.38 -42.09 8.97
CA LEU C 49 -19.28 -41.61 8.16
C LEU C 49 -19.58 -41.84 6.67
N ARG C 50 -19.81 -40.74 5.95
CA ARG C 50 -20.27 -40.77 4.56
C ARG C 50 -19.20 -40.24 3.61
N ASP C 51 -18.89 -41.02 2.57
CA ASP C 51 -18.05 -40.58 1.46
C ASP C 51 -18.72 -41.07 0.16
N ILE C 52 -18.13 -40.74 -0.98
CA ILE C 52 -18.81 -40.95 -2.28
C ILE C 52 -18.61 -42.36 -2.86
N LYS C 53 -17.78 -43.18 -2.21
CA LYS C 53 -17.50 -44.53 -2.67
C LYS C 53 -16.94 -45.40 -1.54
N ASP C 54 -17.37 -46.67 -1.53
CA ASP C 54 -16.89 -47.69 -0.60
C ASP C 54 -15.38 -47.63 -0.30
N GLU C 55 -14.57 -47.62 -1.36
CA GLU C 55 -13.10 -47.58 -1.25
C GLU C 55 -12.61 -46.49 -0.32
N PHE C 56 -13.17 -45.30 -0.45
CA PHE C 56 -12.78 -44.17 0.41
C PHE C 56 -13.30 -44.34 1.84
N VAL C 57 -14.55 -44.78 1.97
CA VAL C 57 -15.14 -45.07 3.27
C VAL C 57 -14.32 -46.13 4.02
N ASP C 58 -14.00 -47.25 3.36
CA ASP C 58 -13.24 -48.34 3.99
C ASP C 58 -11.84 -47.91 4.30
N ARG C 59 -11.25 -47.11 3.41
CA ARG C 59 -9.92 -46.57 3.68
C ARG C 59 -9.99 -45.72 4.95
N GLY C 60 -11.08 -44.97 5.10
CA GLY C 60 -11.30 -44.15 6.29
C GLY C 60 -11.38 -45.00 7.56
N LEU C 61 -12.26 -45.99 7.54
CA LEU C 61 -12.46 -46.90 8.68
C LEU C 61 -11.18 -47.60 9.05
N ASP C 62 -10.40 -47.96 8.04
CA ASP C 62 -9.15 -48.66 8.26
C ASP C 62 -8.05 -47.74 8.88
N PHE C 63 -8.00 -46.49 8.46
CA PHE C 63 -7.14 -45.47 9.12
C PHE C 63 -7.51 -45.33 10.62
N ILE C 64 -8.80 -45.29 10.92
CA ILE C 64 -9.26 -45.20 12.31
C ILE C 64 -8.87 -46.47 13.11
N ASN C 65 -9.02 -47.64 12.48
CA ASN C 65 -8.62 -48.93 13.08
C ASN C 65 -7.15 -48.88 13.46
N LYS C 66 -6.31 -48.47 12.51
CA LYS C 66 -4.89 -48.35 12.77
C LYS C 66 -4.56 -47.37 13.91
N ASN C 67 -5.20 -46.20 13.92
CA ASN C 67 -5.02 -45.26 15.04
C ASN C 67 -5.34 -45.94 16.37
N LEU C 68 -6.50 -46.59 16.43
CA LEU C 68 -6.94 -47.21 17.67
C LEU C 68 -6.02 -48.34 18.05
N SER C 69 -5.56 -49.11 17.07
CA SER C 69 -4.65 -50.22 17.35
C SER C 69 -3.34 -49.72 17.90
N LYS C 70 -2.88 -48.56 17.42
CA LYS C 70 -1.63 -47.95 17.91
C LYS C 70 -1.79 -47.59 19.38
N LEU C 71 -2.95 -47.06 19.73
CA LEU C 71 -3.26 -46.66 21.12
C LEU C 71 -3.34 -47.86 22.08
N VAL C 72 -3.91 -48.96 21.59
CA VAL C 72 -3.89 -50.23 22.30
C VAL C 72 -2.48 -50.72 22.54
N LYS C 73 -1.71 -50.86 21.48
CA LYS C 73 -0.31 -51.25 21.59
C LYS C 73 0.48 -50.44 22.60
N LYS C 74 0.23 -49.13 22.67
CA LYS C 74 0.95 -48.25 23.59
C LYS C 74 0.33 -48.25 24.97
N GLY C 75 -0.79 -48.97 25.10
CA GLY C 75 -1.47 -49.12 26.37
C GLY C 75 -2.22 -47.88 26.82
N LYS C 76 -2.62 -47.03 25.87
CA LYS C 76 -3.43 -45.85 26.24
C LYS C 76 -4.91 -46.20 26.37
N ILE C 77 -5.40 -47.11 25.53
CA ILE C 77 -6.77 -47.61 25.64
C ILE C 77 -6.77 -49.14 25.67
N GLU C 78 -7.83 -49.73 26.20
CA GLU C 78 -7.96 -51.19 26.21
C GLU C 78 -8.52 -51.67 24.85
N GLU C 79 -8.27 -52.93 24.51
CA GLU C 79 -8.78 -53.48 23.25
C GLU C 79 -10.30 -53.31 23.13
N ALA C 80 -11.01 -53.57 24.23
CA ALA C 80 -12.48 -53.49 24.21
C ALA C 80 -13.00 -52.07 23.97
N THR C 81 -12.22 -51.06 24.41
CA THR C 81 -12.54 -49.66 24.13
C THR C 81 -12.47 -49.41 22.63
N LYS C 82 -11.39 -49.86 22.01
CA LYS C 82 -11.26 -49.76 20.55
C LYS C 82 -12.44 -50.41 19.82
N VAL C 83 -12.82 -51.61 20.26
CA VAL C 83 -13.88 -52.35 19.58
C VAL C 83 -15.22 -51.59 19.71
N GLU C 84 -15.50 -51.05 20.91
CA GLU C 84 -16.73 -50.26 21.19
C GLU C 84 -16.78 -49.04 20.27
N ILE C 85 -15.64 -48.37 20.16
CA ILE C 85 -15.51 -47.16 19.34
C ILE C 85 -15.84 -47.49 17.87
N LEU C 86 -15.27 -48.57 17.34
CA LEU C 86 -15.51 -48.92 15.95
C LEU C 86 -16.96 -49.33 15.70
N THR C 87 -17.60 -49.85 16.72
CA THR C 87 -19.01 -50.18 16.65
C THR C 87 -19.92 -48.93 16.44
N ARG C 88 -19.52 -47.80 17.03
CA ARG C 88 -20.30 -46.57 16.94
C ARG C 88 -20.22 -45.86 15.59
N ILE C 89 -19.33 -46.31 14.71
CA ILE C 89 -19.12 -45.67 13.43
C ILE C 89 -19.66 -46.52 12.29
N SER C 90 -20.66 -46.03 11.57
CA SER C 90 -21.22 -46.78 10.42
C SER C 90 -20.88 -46.09 9.11
N GLY C 91 -20.10 -46.76 8.27
CA GLY C 91 -19.73 -46.24 6.95
C GLY C 91 -20.89 -46.31 5.97
N THR C 92 -20.96 -45.35 5.06
CA THR C 92 -22.04 -45.31 4.05
C THR C 92 -21.65 -44.41 2.89
N VAL C 93 -22.25 -44.63 1.73
CA VAL C 93 -22.14 -43.69 0.60
C VAL C 93 -23.41 -42.89 0.44
N ASP C 94 -24.41 -43.17 1.27
CA ASP C 94 -25.75 -42.64 1.11
C ASP C 94 -26.01 -41.43 2.03
N LEU C 95 -26.15 -40.27 1.41
CA LEU C 95 -26.30 -39.02 2.13
C LEU C 95 -27.59 -38.96 2.94
N ASN C 96 -28.60 -39.76 2.56
CA ASN C 96 -29.87 -39.77 3.30
C ASN C 96 -29.73 -40.27 4.71
N MET C 97 -28.62 -40.97 4.98
CA MET C 97 -28.28 -41.43 6.35
C MET C 97 -28.01 -40.28 7.31
N ALA C 98 -27.77 -39.09 6.77
CA ALA C 98 -27.67 -37.88 7.59
C ALA C 98 -29.04 -37.40 8.10
N ALA C 99 -30.12 -37.98 7.55
CA ALA C 99 -31.47 -37.46 7.74
C ALA C 99 -31.83 -37.12 9.16
N ASP C 100 -31.51 -38.02 10.09
CA ASP C 100 -31.91 -37.82 11.48
C ASP C 100 -30.75 -37.43 12.41
N CYS C 101 -29.57 -37.16 11.86
CA CYS C 101 -28.44 -36.69 12.67
C CYS C 101 -28.72 -35.31 13.31
N ASP C 102 -28.22 -35.09 14.51
CA ASP C 102 -28.38 -33.80 15.18
C ASP C 102 -27.35 -32.80 14.65
N LEU C 103 -26.19 -33.32 14.21
CA LEU C 103 -25.07 -32.51 13.72
C LEU C 103 -24.48 -33.15 12.47
N VAL C 104 -24.24 -32.34 11.44
CA VAL C 104 -23.48 -32.82 10.29
C VAL C 104 -22.20 -32.02 10.17
N ILE C 105 -21.07 -32.71 10.04
CA ILE C 105 -19.80 -32.02 9.81
C ILE C 105 -19.22 -32.38 8.45
N GLU C 106 -19.22 -31.39 7.56
CA GLU C 106 -18.65 -31.51 6.22
C GLU C 106 -17.13 -31.29 6.26
N ALA C 107 -16.39 -32.29 5.84
CA ALA C 107 -14.92 -32.22 5.81
C ALA C 107 -14.36 -32.70 4.48
N ALA C 108 -15.07 -32.41 3.38
CA ALA C 108 -14.60 -32.65 2.01
C ALA C 108 -13.73 -31.48 1.49
N VAL C 109 -13.06 -31.70 0.36
CA VAL C 109 -12.09 -30.73 -0.16
C VAL C 109 -12.80 -29.45 -0.61
N GLU C 110 -12.15 -28.32 -0.38
CA GLU C 110 -12.79 -26.99 -0.41
C GLU C 110 -12.99 -26.38 -1.81
N ARG C 111 -14.18 -26.60 -2.37
CA ARG C 111 -14.61 -26.00 -3.63
C ARG C 111 -16.02 -25.43 -3.49
N MET C 112 -16.15 -24.10 -3.47
CA MET C 112 -17.41 -23.43 -3.08
C MET C 112 -18.68 -23.96 -3.78
N ASP C 113 -18.61 -24.12 -5.09
CA ASP C 113 -19.75 -24.62 -5.88
C ASP C 113 -20.31 -25.94 -5.34
N ILE C 114 -19.41 -26.85 -5.01
CA ILE C 114 -19.75 -28.20 -4.49
C ILE C 114 -20.29 -28.14 -3.06
N LYS C 115 -19.51 -27.49 -2.19
CA LYS C 115 -19.88 -27.30 -0.79
C LYS C 115 -21.28 -26.71 -0.68
N LYS C 116 -21.58 -25.72 -1.51
CA LYS C 116 -22.94 -25.19 -1.55
C LYS C 116 -23.99 -26.25 -1.91
N GLN C 117 -23.68 -27.12 -2.88
CA GLN C 117 -24.60 -28.21 -3.28
C GLN C 117 -24.89 -29.18 -2.14
N ILE C 118 -23.81 -29.64 -1.52
CA ILE C 118 -23.88 -30.50 -0.37
C ILE C 118 -24.74 -29.88 0.72
N PHE C 119 -24.51 -28.60 1.03
CA PHE C 119 -25.26 -27.94 2.09
C PHE C 119 -26.74 -27.76 1.75
N ALA C 120 -27.02 -27.50 0.47
CA ALA C 120 -28.40 -27.37 0.00
C ALA C 120 -29.13 -28.73 0.11
N ASP C 121 -28.47 -29.77 -0.36
CA ASP C 121 -29.04 -31.13 -0.26
C ASP C 121 -29.35 -31.48 1.20
N LEU C 122 -28.38 -31.26 2.07
CA LEU C 122 -28.53 -31.55 3.50
C LEU C 122 -29.67 -30.75 4.10
N ASP C 123 -29.88 -29.55 3.59
CA ASP C 123 -30.95 -28.71 4.11
C ASP C 123 -32.31 -29.37 3.88
N ASN C 124 -32.47 -30.06 2.75
CA ASN C 124 -33.75 -30.73 2.43
C ASN C 124 -33.88 -32.10 3.08
N ILE C 125 -32.79 -32.87 3.04
CA ILE C 125 -32.72 -34.19 3.66
C ILE C 125 -32.96 -34.19 5.17
N CYS C 126 -32.30 -33.28 5.89
CA CYS C 126 -32.26 -33.36 7.34
C CYS C 126 -33.48 -32.78 8.04
N LYS C 127 -33.77 -33.32 9.22
CA LYS C 127 -34.76 -32.72 10.12
C LYS C 127 -34.37 -31.27 10.46
N PRO C 128 -35.37 -30.43 10.78
CA PRO C 128 -35.13 -29.00 10.99
C PRO C 128 -34.18 -28.69 12.14
N GLU C 129 -34.08 -29.56 13.14
CA GLU C 129 -33.15 -29.31 14.23
C GLU C 129 -31.68 -29.49 13.79
N THR C 130 -31.44 -30.14 12.67
CA THR C 130 -30.07 -30.48 12.34
C THR C 130 -29.20 -29.22 12.18
N ILE C 131 -28.09 -29.18 12.90
CA ILE C 131 -27.05 -28.17 12.69
C ILE C 131 -26.08 -28.66 11.63
N LEU C 132 -25.77 -27.76 10.68
CA LEU C 132 -24.86 -28.07 9.56
C LEU C 132 -23.52 -27.32 9.65
N ALA C 133 -22.44 -28.07 9.85
CA ALA C 133 -21.12 -27.50 10.10
C ALA C 133 -20.10 -27.83 9.00
N SER C 134 -19.21 -26.87 8.74
CA SER C 134 -18.09 -27.07 7.82
C SER C 134 -16.77 -26.95 8.56
N ASN C 135 -15.83 -27.81 8.17
CA ASN C 135 -14.48 -27.77 8.68
C ASN C 135 -13.55 -26.93 7.81
N THR C 136 -14.07 -26.26 6.78
CA THR C 136 -13.25 -25.43 5.89
C THR C 136 -12.41 -24.41 6.65
N SER C 137 -11.23 -24.14 6.11
CA SER C 137 -10.36 -23.12 6.67
C SER C 137 -10.46 -21.85 5.85
N SER C 138 -10.97 -21.96 4.63
CA SER C 138 -10.79 -20.89 3.66
C SER C 138 -12.07 -20.40 2.99
N LEU C 139 -13.12 -21.20 2.96
CA LEU C 139 -14.37 -20.75 2.34
C LEU C 139 -15.28 -20.05 3.36
N SER C 140 -16.11 -19.14 2.87
CA SER C 140 -16.97 -18.35 3.72
C SER C 140 -18.15 -19.17 4.20
N ILE C 141 -18.25 -19.24 5.53
CA ILE C 141 -19.34 -19.95 6.18
C ILE C 141 -20.65 -19.27 5.84
N THR C 142 -20.65 -17.94 5.93
CA THR C 142 -21.84 -17.13 5.55
C THR C 142 -22.32 -17.43 4.13
N GLU C 143 -21.41 -17.48 3.19
CA GLU C 143 -21.76 -17.75 1.79
C GLU C 143 -22.33 -19.17 1.65
N VAL C 144 -21.74 -20.13 2.34
CA VAL C 144 -22.27 -21.47 2.36
C VAL C 144 -23.69 -21.49 2.93
N ALA C 145 -23.88 -20.81 4.07
CA ALA C 145 -25.18 -20.74 4.73
C ALA C 145 -26.31 -20.19 3.82
N SER C 146 -25.94 -19.25 2.94
CA SER C 146 -26.92 -18.60 2.07
C SER C 146 -27.51 -19.56 1.05
N ALA C 147 -26.80 -20.66 0.78
CA ALA C 147 -27.31 -21.74 -0.08
C ALA C 147 -28.36 -22.60 0.60
N THR C 148 -28.66 -22.33 1.87
CA THR C 148 -29.63 -23.12 2.59
C THR C 148 -30.77 -22.26 3.07
N LYS C 149 -31.85 -22.92 3.50
CA LYS C 149 -32.97 -22.24 4.16
C LYS C 149 -32.85 -22.25 5.66
N ARG C 150 -31.73 -22.71 6.20
CA ARG C 150 -31.50 -22.66 7.65
C ARG C 150 -30.17 -21.96 8.01
N PRO C 151 -29.94 -20.76 7.46
CA PRO C 151 -28.66 -20.09 7.71
C PRO C 151 -28.29 -19.93 9.20
N ASP C 152 -29.31 -19.86 10.05
CA ASP C 152 -29.16 -19.81 11.51
C ASP C 152 -28.64 -21.11 12.12
N LYS C 153 -28.68 -22.20 11.34
CA LYS C 153 -28.17 -23.49 11.80
C LYS C 153 -26.88 -23.92 11.09
N VAL C 154 -26.26 -22.98 10.39
CA VAL C 154 -25.01 -23.27 9.70
C VAL C 154 -23.89 -22.56 10.43
N ILE C 155 -22.76 -23.24 10.50
CA ILE C 155 -21.68 -22.79 11.35
C ILE C 155 -20.39 -23.46 10.91
N GLY C 156 -19.26 -22.92 11.31
CA GLY C 156 -17.99 -23.60 11.13
C GLY C 156 -17.54 -24.29 12.43
N MET C 157 -16.96 -25.46 12.25
CA MET C 157 -16.24 -26.16 13.33
C MET C 157 -14.94 -26.59 12.73
N HIS C 158 -13.89 -25.89 13.10
CA HIS C 158 -12.59 -26.02 12.46
C HIS C 158 -11.67 -26.79 13.42
N PHE C 159 -11.31 -28.00 13.02
CA PHE C 159 -10.52 -28.94 13.84
C PHE C 159 -9.07 -28.80 13.43
N PHE C 160 -8.19 -29.37 14.21
CA PHE C 160 -6.76 -29.27 13.96
C PHE C 160 -6.20 -30.66 13.87
N ASN C 161 -5.30 -30.86 12.92
CA ASN C 161 -4.77 -32.18 12.63
C ASN C 161 -3.72 -32.50 13.69
N PRO C 162 -3.77 -33.70 14.30
CA PRO C 162 -4.78 -34.74 14.14
C PRO C 162 -5.98 -34.52 15.05
N ALA C 163 -7.17 -34.61 14.47
CA ALA C 163 -8.39 -34.30 15.18
C ALA C 163 -8.61 -35.10 16.47
N PRO C 164 -8.30 -36.42 16.48
CA PRO C 164 -8.50 -37.13 17.75
C PRO C 164 -7.68 -36.57 18.90
N VAL C 165 -6.50 -36.01 18.60
CA VAL C 165 -5.58 -35.56 19.63
C VAL C 165 -5.73 -34.06 19.94
N MET C 166 -5.77 -33.21 18.91
CA MET C 166 -5.74 -31.77 19.13
C MET C 166 -7.01 -31.26 19.81
N LYS C 167 -6.82 -30.48 20.86
CA LYS C 167 -7.92 -30.00 21.69
C LYS C 167 -8.71 -28.82 21.11
N LEU C 168 -8.06 -27.95 20.37
CA LEU C 168 -8.71 -26.73 19.88
C LEU C 168 -9.78 -27.03 18.83
N VAL C 169 -10.92 -26.35 18.95
CA VAL C 169 -11.87 -26.19 17.87
C VAL C 169 -12.17 -24.71 17.74
N GLU C 170 -11.97 -24.14 16.55
CA GLU C 170 -12.39 -22.78 16.26
C GLU C 170 -13.80 -22.89 15.78
N VAL C 171 -14.73 -22.37 16.55
CA VAL C 171 -16.15 -22.39 16.18
C VAL C 171 -16.47 -21.07 15.44
N ILE C 172 -16.75 -21.16 14.15
CA ILE C 172 -16.84 -20.00 13.28
C ILE C 172 -18.30 -19.61 13.04
N ARG C 173 -18.69 -18.47 13.54
CA ARG C 173 -20.04 -17.99 13.33
C ARG C 173 -20.14 -17.20 12.02
N GLY C 174 -20.98 -17.69 11.10
CA GLY C 174 -21.42 -16.90 9.98
C GLY C 174 -22.23 -15.78 10.57
N ILE C 175 -22.49 -14.75 9.78
CA ILE C 175 -23.14 -13.53 10.31
C ILE C 175 -24.57 -13.85 10.72
N ALA C 176 -25.15 -14.89 10.11
CA ALA C 176 -26.53 -15.32 10.43
C ALA C 176 -26.62 -16.47 11.46
N THR C 177 -25.50 -17.07 11.84
CA THR C 177 -25.52 -18.15 12.82
C THR C 177 -26.11 -17.64 14.12
N SER C 178 -27.13 -18.34 14.62
CA SER C 178 -27.82 -17.94 15.86
C SER C 178 -27.00 -18.27 17.09
N GLN C 179 -27.32 -17.60 18.18
CA GLN C 179 -26.71 -17.86 19.47
C GLN C 179 -26.97 -19.30 19.89
N GLU C 180 -28.21 -19.75 19.64
CA GLU C 180 -28.60 -21.10 20.00
C GLU C 180 -27.75 -22.10 19.28
N THR C 181 -27.54 -21.93 17.98
CA THR C 181 -26.70 -22.84 17.23
C THR C 181 -25.27 -22.79 17.77
N PHE C 182 -24.77 -21.60 18.10
CA PHE C 182 -23.40 -21.51 18.61
C PHE C 182 -23.24 -22.23 19.95
N ASP C 183 -24.20 -22.00 20.84
CA ASP C 183 -24.23 -22.58 22.19
C ASP C 183 -24.30 -24.10 22.12
N ALA C 184 -25.13 -24.65 21.22
CA ALA C 184 -25.17 -26.11 21.02
C ALA C 184 -23.83 -26.72 20.51
N VAL C 185 -23.19 -26.07 19.55
CA VAL C 185 -21.90 -26.56 19.06
C VAL C 185 -20.80 -26.43 20.15
N LYS C 186 -20.82 -25.33 20.89
CA LYS C 186 -19.86 -25.11 21.97
C LYS C 186 -19.94 -26.26 23.01
N GLU C 187 -21.16 -26.59 23.40
CA GLU C 187 -21.42 -27.63 24.40
C GLU C 187 -20.94 -29.00 23.90
N THR C 188 -21.33 -29.32 22.66
CA THR C 188 -20.86 -30.52 22.02
C THR C 188 -19.33 -30.63 21.95
N SER C 189 -18.65 -29.53 21.59
CA SER C 189 -17.18 -29.55 21.53
C SER C 189 -16.60 -29.92 22.91
N ILE C 190 -17.14 -29.32 23.96
CA ILE C 190 -16.73 -29.66 25.31
C ILE C 190 -17.06 -31.13 25.59
N ALA C 191 -18.27 -31.55 25.22
CA ALA C 191 -18.66 -32.95 25.44
C ALA C 191 -17.72 -33.95 24.78
N ILE C 192 -17.00 -33.55 23.73
CA ILE C 192 -16.05 -34.50 23.13
C ILE C 192 -14.63 -34.25 23.58
N GLY C 193 -14.46 -33.50 24.66
CA GLY C 193 -13.14 -33.25 25.21
C GLY C 193 -12.36 -32.20 24.46
N LYS C 194 -13.06 -31.32 23.73
CA LYS C 194 -12.37 -30.25 22.99
C LYS C 194 -12.56 -28.92 23.70
N ASP C 195 -11.77 -27.94 23.31
CA ASP C 195 -11.74 -26.64 23.96
C ASP C 195 -12.08 -25.62 22.89
N PRO C 196 -13.38 -25.29 22.76
CA PRO C 196 -13.80 -24.43 21.65
C PRO C 196 -13.56 -22.94 21.94
N VAL C 197 -13.27 -22.20 20.88
CA VAL C 197 -13.21 -20.75 20.93
C VAL C 197 -14.22 -20.18 19.93
N GLU C 198 -14.84 -19.06 20.30
CA GLU C 198 -15.81 -18.36 19.44
C GLU C 198 -15.13 -17.39 18.48
N VAL C 199 -15.33 -17.60 17.18
CA VAL C 199 -14.73 -16.72 16.15
C VAL C 199 -15.79 -16.22 15.17
N ALA C 200 -16.03 -14.91 15.12
CA ALA C 200 -16.85 -14.33 14.07
C ALA C 200 -16.11 -14.49 12.74
N GLU C 201 -16.78 -14.98 11.70
CA GLU C 201 -16.12 -15.28 10.43
C GLU C 201 -15.26 -14.11 9.92
N ALA C 202 -14.01 -14.43 9.59
CA ALA C 202 -13.11 -13.45 9.00
C ALA C 202 -11.93 -14.24 8.43
N PRO C 203 -11.20 -13.66 7.46
CA PRO C 203 -10.17 -14.40 6.75
C PRO C 203 -9.08 -14.92 7.70
N GLY C 204 -8.87 -16.23 7.69
CA GLY C 204 -7.86 -16.88 8.54
C GLY C 204 -8.27 -17.22 9.98
N PHE C 205 -9.49 -16.86 10.34
CA PHE C 205 -9.99 -17.03 11.70
C PHE C 205 -8.98 -16.44 12.71
N VAL C 206 -8.55 -17.21 13.72
CA VAL C 206 -7.51 -16.74 14.61
C VAL C 206 -6.17 -17.35 14.25
N VAL C 207 -6.08 -18.68 14.18
CA VAL C 207 -4.79 -19.34 14.15
C VAL C 207 -4.03 -19.09 12.84
N ASN C 208 -4.67 -19.38 11.70
CA ASN C 208 -4.02 -19.19 10.42
C ASN C 208 -3.74 -17.71 10.14
N ARG C 209 -4.69 -16.85 10.49
CA ARG C 209 -4.51 -15.39 10.40
C ARG C 209 -3.21 -14.89 11.04
N ILE C 210 -2.82 -15.49 12.15
CA ILE C 210 -1.57 -15.11 12.80
C ILE C 210 -0.39 -15.93 12.36
N LEU C 211 -0.57 -17.22 12.18
CA LEU C 211 0.53 -18.15 12.03
C LEU C 211 1.16 -18.17 10.63
N ILE C 212 0.33 -18.16 9.61
CA ILE C 212 0.87 -18.24 8.25
C ILE C 212 1.68 -16.99 7.86
N PRO C 213 1.15 -15.78 8.15
CA PRO C 213 1.96 -14.60 7.83
C PRO C 213 3.31 -14.60 8.53
N MET C 214 3.36 -15.23 9.70
CA MET C 214 4.63 -15.46 10.39
C MET C 214 5.55 -16.33 9.55
N ILE C 215 5.02 -17.40 8.96
CA ILE C 215 5.83 -18.24 8.09
C ILE C 215 6.27 -17.44 6.85
N ASN C 216 5.33 -16.70 6.30
CA ASN C 216 5.58 -15.82 5.16
C ASN C 216 6.67 -14.79 5.47
N GLU C 217 6.64 -14.23 6.66
CA GLU C 217 7.66 -13.30 7.08
C GLU C 217 9.05 -13.95 7.04
N ALA C 218 9.13 -15.17 7.57
CA ALA C 218 10.41 -15.90 7.59
C ALA C 218 10.99 -16.06 6.19
N VAL C 219 10.11 -16.36 5.24
CA VAL C 219 10.51 -16.54 3.86
C VAL C 219 11.18 -15.24 3.36
N GLY C 220 10.59 -14.09 3.68
CA GLY C 220 11.14 -12.79 3.27
C GLY C 220 12.53 -12.55 3.81
N ILE C 221 12.76 -12.96 5.05
CA ILE C 221 14.06 -12.82 5.70
C ILE C 221 15.11 -13.67 5.00
N LEU C 222 14.75 -14.92 4.75
CA LEU C 222 15.57 -15.79 3.94
C LEU C 222 15.86 -15.17 2.57
N ALA C 223 14.81 -14.75 1.86
CA ALA C 223 14.94 -14.24 0.47
C ALA C 223 15.92 -13.07 0.35
N GLU C 224 15.96 -12.21 1.36
CA GLU C 224 16.90 -11.07 1.34
C GLU C 224 18.28 -11.41 1.91
N GLY C 225 18.51 -12.68 2.21
CA GLY C 225 19.82 -13.17 2.63
C GLY C 225 20.16 -12.74 4.03
N ILE C 226 19.13 -12.44 4.84
CA ILE C 226 19.37 -11.88 6.18
C ILE C 226 19.90 -12.95 7.16
N ALA C 227 19.38 -14.16 7.03
CA ALA C 227 19.85 -15.30 7.80
C ALA C 227 19.49 -16.58 7.09
N SER C 228 20.17 -17.68 7.43
CA SER C 228 19.95 -18.97 6.79
C SER C 228 18.66 -19.64 7.31
N VAL C 229 18.19 -20.65 6.60
CA VAL C 229 17.04 -21.44 7.05
C VAL C 229 17.18 -21.86 8.53
N GLU C 230 18.31 -22.49 8.83
CA GLU C 230 18.58 -23.10 10.14
C GLU C 230 18.61 -22.04 11.24
N ASP C 231 19.25 -20.91 10.96
CA ASP C 231 19.34 -19.81 11.93
C ASP C 231 18.02 -19.06 12.13
N ILE C 232 17.18 -18.98 11.12
CA ILE C 232 15.86 -18.40 11.28
C ILE C 232 15.05 -19.27 12.25
N ASP C 233 15.02 -20.58 11.99
CA ASP C 233 14.25 -21.50 12.82
C ASP C 233 14.84 -21.59 14.24
N LYS C 234 16.15 -21.62 14.35
CA LYS C 234 16.77 -21.65 15.68
C LYS C 234 16.42 -20.38 16.44
N ALA C 235 16.51 -19.24 15.79
CA ALA C 235 16.16 -17.99 16.48
C ALA C 235 14.75 -18.04 17.03
N MET C 236 13.80 -18.51 16.23
CA MET C 236 12.42 -18.53 16.70
C MET C 236 12.23 -19.57 17.79
N LYS C 237 12.78 -20.78 17.65
CA LYS C 237 12.68 -21.78 18.73
C LYS C 237 13.25 -21.27 20.06
N LEU C 238 14.50 -20.86 20.06
CA LEU C 238 15.15 -20.37 21.26
C LEU C 238 14.65 -18.99 21.72
N GLY C 239 14.37 -18.12 20.77
CA GLY C 239 14.00 -16.73 21.06
C GLY C 239 12.53 -16.55 21.45
N ALA C 240 11.62 -17.27 20.84
CA ALA C 240 10.19 -17.14 21.17
C ALA C 240 9.67 -18.38 21.91
N ASN C 241 10.59 -19.26 22.28
CA ASN C 241 10.21 -20.55 22.90
C ASN C 241 9.15 -21.31 22.09
N HIS C 242 9.36 -21.39 20.78
CA HIS C 242 8.49 -22.18 19.91
C HIS C 242 9.07 -23.58 19.68
N PRO C 243 8.20 -24.59 19.54
CA PRO C 243 8.66 -25.97 19.37
C PRO C 243 9.22 -26.26 17.98
N MET C 244 8.74 -25.56 16.95
CA MET C 244 9.28 -25.65 15.60
C MET C 244 9.58 -24.24 15.11
N GLY C 245 10.62 -24.09 14.31
CA GLY C 245 10.84 -22.82 13.60
C GLY C 245 9.84 -22.67 12.47
N PRO C 246 9.58 -21.41 12.05
CA PRO C 246 8.60 -21.11 10.97
C PRO C 246 8.78 -21.81 9.62
N LEU C 247 10.02 -22.04 9.20
CA LEU C 247 10.24 -22.66 7.90
C LEU C 247 10.02 -24.18 7.95
N GLU C 248 10.58 -24.80 8.98
CA GLU C 248 10.22 -26.16 9.40
C GLU C 248 8.72 -26.37 9.43
N LEU C 249 8.05 -25.47 10.12
CA LEU C 249 6.59 -25.57 10.28
C LEU C 249 5.88 -25.47 8.93
N GLY C 250 6.36 -24.57 8.08
CA GLY C 250 5.82 -24.44 6.73
C GLY C 250 5.98 -25.77 6.00
N ASP C 251 7.18 -26.35 6.08
CA ASP C 251 7.48 -27.67 5.50
C ASP C 251 6.53 -28.73 6.08
N PHE C 252 6.25 -28.63 7.38
CA PHE C 252 5.40 -29.62 8.07
C PHE C 252 3.96 -29.45 7.63
N ILE C 253 3.47 -28.21 7.64
CA ILE C 253 2.10 -27.91 7.19
C ILE C 253 1.91 -28.20 5.70
N GLY C 254 2.96 -28.00 4.91
CA GLY C 254 2.86 -28.04 3.46
C GLY C 254 2.93 -26.64 2.86
N LEU C 255 3.92 -26.39 2.04
CA LEU C 255 4.11 -25.04 1.47
C LEU C 255 2.98 -24.65 0.51
N ASP C 256 2.40 -25.63 -0.18
CA ASP C 256 1.23 -25.40 -1.02
C ASP C 256 0.07 -24.90 -0.18
N ILE C 257 -0.12 -25.54 0.97
CA ILE C 257 -1.15 -25.11 1.92
C ILE C 257 -0.86 -23.69 2.46
N CYS C 258 0.39 -23.41 2.80
CA CYS C 258 0.74 -22.08 3.32
C CYS C 258 0.47 -20.99 2.27
N LEU C 259 0.76 -21.31 1.01
CA LEU C 259 0.60 -20.34 -0.05
C LEU C 259 -0.87 -20.10 -0.33
N ALA C 260 -1.70 -21.15 -0.32
CA ALA C 260 -3.14 -20.98 -0.53
C ALA C 260 -3.76 -20.11 0.56
N ILE C 261 -3.30 -20.24 1.80
CA ILE C 261 -3.83 -19.41 2.89
C ILE C 261 -3.48 -17.93 2.69
N MET C 262 -2.21 -17.64 2.39
CA MET C 262 -1.81 -16.27 2.07
C MET C 262 -2.64 -15.75 0.91
N ASP C 263 -2.85 -16.59 -0.12
CA ASP C 263 -3.65 -16.18 -1.27
C ASP C 263 -5.03 -15.76 -0.83
N VAL C 264 -5.63 -16.54 0.06
CA VAL C 264 -6.93 -16.19 0.61
C VAL C 264 -6.88 -14.93 1.45
N LEU C 265 -5.85 -14.77 2.29
CA LEU C 265 -5.78 -13.55 3.13
C LEU C 265 -5.68 -12.29 2.25
N TYR C 266 -4.82 -12.33 1.26
CA TYR C 266 -4.66 -11.19 0.38
C TYR C 266 -5.92 -10.97 -0.45
N SER C 267 -6.51 -12.03 -0.94
CA SER C 267 -7.69 -11.90 -1.76
C SER C 267 -8.88 -11.36 -0.98
N GLU C 268 -9.08 -11.81 0.26
CA GLU C 268 -10.23 -11.33 1.04
C GLU C 268 -10.04 -9.95 1.64
N THR C 269 -8.83 -9.66 2.13
CA THR C 269 -8.58 -8.36 2.76
C THR C 269 -8.38 -7.27 1.75
N GLY C 270 -7.89 -7.63 0.56
CA GLY C 270 -7.42 -6.65 -0.42
C GLY C 270 -6.24 -5.80 0.08
N ASP C 271 -5.56 -6.27 1.12
CA ASP C 271 -4.50 -5.54 1.75
C ASP C 271 -3.20 -6.22 1.42
N SER C 272 -2.28 -5.52 0.78
CA SER C 272 -1.04 -6.13 0.41
C SER C 272 -0.11 -6.42 1.60
N LYS C 273 -0.50 -5.99 2.79
CA LYS C 273 0.09 -6.55 4.02
C LYS C 273 0.19 -8.06 3.97
N TYR C 274 -0.81 -8.74 3.41
CA TYR C 274 -0.81 -10.20 3.34
C TYR C 274 -0.36 -10.80 2.01
N ARG C 275 0.42 -10.08 1.22
CA ARG C 275 0.88 -10.65 -0.05
C ARG C 275 1.86 -11.78 0.25
N PRO C 276 1.70 -12.93 -0.42
CA PRO C 276 2.66 -14.01 -0.25
C PRO C 276 3.96 -13.67 -0.94
N HIS C 277 5.06 -14.07 -0.35
CA HIS C 277 6.35 -13.69 -0.84
C HIS C 277 6.57 -14.43 -2.14
N THR C 278 7.20 -13.75 -3.09
CA THR C 278 7.52 -14.37 -4.37
C THR C 278 8.36 -15.66 -4.24
N LEU C 279 9.24 -15.73 -3.25
CA LEU C 279 10.07 -16.93 -3.04
C LEU C 279 9.23 -18.16 -2.69
N LEU C 280 8.26 -17.97 -1.81
CA LEU C 280 7.27 -19.00 -1.52
C LEU C 280 6.57 -19.48 -2.79
N LYS C 281 6.19 -18.57 -3.67
CA LYS C 281 5.57 -19.01 -4.94
C LYS C 281 6.50 -19.92 -5.69
N LYS C 282 7.77 -19.56 -5.71
CA LYS C 282 8.75 -20.31 -6.47
C LYS C 282 8.97 -21.72 -5.92
N TYR C 283 9.05 -21.86 -4.60
CA TYR C 283 9.14 -23.18 -3.98
C TYR C 283 7.98 -24.05 -4.37
N VAL C 284 6.76 -23.51 -4.26
CA VAL C 284 5.57 -24.27 -4.59
C VAL C 284 5.55 -24.66 -6.07
N ARG C 285 5.90 -23.75 -6.98
CA ARG C 285 5.89 -24.12 -8.41
C ARG C 285 6.92 -25.22 -8.75
N ALA C 286 7.96 -25.36 -7.93
CA ALA C 286 8.95 -26.42 -8.10
C ALA C 286 8.43 -27.81 -7.69
N GLY C 287 7.30 -27.84 -6.97
CA GLY C 287 6.87 -29.05 -6.28
C GLY C 287 7.64 -29.28 -4.98
N TRP C 288 8.36 -28.26 -4.50
CA TRP C 288 9.10 -28.41 -3.26
C TRP C 288 8.20 -28.03 -2.09
N LEU C 289 7.29 -28.93 -1.73
CA LEU C 289 6.21 -28.63 -0.80
C LEU C 289 6.50 -28.82 0.65
N GLY C 290 7.66 -29.37 0.97
CA GLY C 290 8.00 -29.72 2.36
C GLY C 290 8.06 -31.23 2.54
N ARG C 291 7.71 -31.69 3.74
CA ARG C 291 7.85 -33.10 4.08
C ARG C 291 7.08 -34.01 3.14
N LYS C 292 5.87 -33.62 2.76
CA LYS C 292 5.08 -34.52 1.95
C LYS C 292 5.71 -34.84 0.58
N SER C 293 6.60 -33.98 0.10
CA SER C 293 7.23 -34.22 -1.19
C SER C 293 8.70 -34.59 -1.02
N GLY C 294 9.18 -34.61 0.24
CA GLY C 294 10.59 -34.90 0.51
C GLY C 294 11.51 -33.71 0.43
N LYS C 295 10.96 -32.52 0.28
CA LYS C 295 11.76 -31.32 0.08
C LYS C 295 10.95 -30.03 0.13
N GLY C 296 11.36 -29.11 1.02
CA GLY C 296 10.81 -27.76 1.06
C GLY C 296 11.96 -26.82 1.36
N PHE C 297 11.85 -26.05 2.43
CA PHE C 297 13.01 -25.27 2.87
C PHE C 297 14.15 -26.16 3.35
N TYR C 298 13.82 -27.35 3.83
CA TYR C 298 14.81 -28.39 4.15
C TYR C 298 14.67 -29.58 3.22
N ASP C 299 15.67 -30.45 3.25
CA ASP C 299 15.66 -31.70 2.51
C ASP C 299 15.29 -32.87 3.41
N TYR C 300 14.35 -33.73 2.99
CA TYR C 300 13.88 -34.83 3.87
C TYR C 300 14.18 -36.23 3.33
N LYS D 22 -34.33 16.04 -32.82
CA LYS D 22 -33.85 14.83 -33.53
C LYS D 22 -34.64 13.54 -33.21
N LYS D 23 -34.07 12.39 -33.55
CA LYS D 23 -34.66 11.10 -33.28
C LYS D 23 -33.65 10.28 -32.47
N VAL D 24 -34.13 9.58 -31.45
CA VAL D 24 -33.27 8.85 -30.55
C VAL D 24 -33.77 7.41 -30.36
N CYS D 25 -32.84 6.49 -30.19
CA CYS D 25 -33.15 5.08 -29.88
C CYS D 25 -32.58 4.73 -28.52
N VAL D 26 -33.41 4.13 -27.66
CA VAL D 26 -32.98 3.65 -26.36
C VAL D 26 -33.02 2.14 -26.47
N ILE D 27 -31.92 1.48 -26.12
CA ILE D 27 -31.86 0.03 -26.15
C ILE D 27 -31.93 -0.47 -24.71
N GLY D 28 -32.96 -1.29 -24.45
CA GLY D 28 -33.28 -1.77 -23.10
C GLY D 28 -34.55 -1.14 -22.55
N ALA D 29 -35.53 -1.99 -22.20
CA ALA D 29 -36.84 -1.49 -21.81
C ALA D 29 -37.14 -1.70 -20.34
N GLY D 30 -36.12 -1.98 -19.53
CA GLY D 30 -36.25 -1.93 -18.07
C GLY D 30 -36.47 -0.51 -17.56
N THR D 31 -36.34 -0.33 -16.25
CA THR D 31 -36.69 0.95 -15.62
C THR D 31 -35.80 2.13 -16.03
N MET D 32 -34.47 1.94 -16.11
CA MET D 32 -33.58 2.99 -16.56
C MET D 32 -33.84 3.34 -18.03
N GLY D 33 -33.86 2.32 -18.88
CA GLY D 33 -34.08 2.53 -20.33
C GLY D 33 -35.40 3.23 -20.61
N SER D 34 -36.47 2.71 -20.02
CA SER D 34 -37.80 3.30 -20.18
C SER D 34 -37.84 4.73 -19.66
N GLY D 35 -37.13 4.97 -18.56
CA GLY D 35 -37.08 6.29 -17.98
C GLY D 35 -36.42 7.29 -18.90
N ILE D 36 -35.27 6.90 -19.43
CA ILE D 36 -34.57 7.72 -20.40
C ILE D 36 -35.44 8.00 -21.63
N ALA D 37 -36.13 6.99 -22.15
CA ALA D 37 -37.00 7.20 -23.31
C ALA D 37 -38.10 8.22 -22.99
N GLN D 38 -38.62 8.15 -21.76
CA GLN D 38 -39.63 9.09 -21.27
C GLN D 38 -39.11 10.51 -21.29
N ALA D 39 -37.87 10.70 -20.82
CA ALA D 39 -37.29 12.04 -20.70
C ALA D 39 -37.13 12.73 -22.05
N PHE D 40 -36.87 11.94 -23.10
CA PHE D 40 -36.75 12.49 -24.46
C PHE D 40 -38.11 12.74 -25.07
N ALA D 41 -38.99 11.74 -25.00
CA ALA D 41 -40.35 11.88 -25.54
C ALA D 41 -41.00 13.11 -24.95
N ALA D 42 -40.89 13.25 -23.63
CA ALA D 42 -41.46 14.39 -22.91
C ALA D 42 -40.95 15.74 -23.40
N LYS D 43 -39.79 15.78 -24.03
CA LYS D 43 -39.26 17.03 -24.53
C LYS D 43 -39.36 17.16 -26.03
N GLY D 44 -40.30 16.45 -26.64
CA GLY D 44 -40.59 16.61 -28.06
C GLY D 44 -39.80 15.74 -29.02
N PHE D 45 -38.93 14.87 -28.51
CA PHE D 45 -38.12 14.02 -29.39
C PHE D 45 -38.86 12.75 -29.75
N GLU D 46 -38.68 12.27 -30.98
CA GLU D 46 -39.18 10.95 -31.37
C GLU D 46 -38.23 9.91 -30.86
N VAL D 47 -38.80 8.85 -30.31
CA VAL D 47 -38.04 7.85 -29.61
C VAL D 47 -38.42 6.47 -30.10
N VAL D 48 -37.39 5.66 -30.34
CA VAL D 48 -37.56 4.25 -30.59
C VAL D 48 -37.03 3.49 -29.38
N LEU D 49 -37.92 2.76 -28.71
CA LEU D 49 -37.58 1.93 -27.58
C LEU D 49 -37.41 0.49 -28.02
N ARG D 50 -36.19 -0.05 -27.89
CA ARG D 50 -35.94 -1.42 -28.33
C ARG D 50 -35.54 -2.34 -27.20
N ASP D 51 -36.11 -3.54 -27.22
CA ASP D 51 -35.64 -4.63 -26.38
C ASP D 51 -35.75 -5.93 -27.16
N ILE D 52 -35.42 -7.05 -26.52
CA ILE D 52 -35.17 -8.30 -27.22
C ILE D 52 -36.44 -9.12 -27.48
N LYS D 53 -37.54 -8.80 -26.78
CA LYS D 53 -38.83 -9.36 -27.09
C LYS D 53 -39.97 -8.44 -26.67
N ASP D 54 -41.12 -8.62 -27.32
CA ASP D 54 -42.28 -7.74 -27.18
C ASP D 54 -42.66 -7.55 -25.72
N GLU D 55 -42.61 -8.63 -24.96
CA GLU D 55 -43.04 -8.57 -23.57
C GLU D 55 -42.17 -7.63 -22.71
N PHE D 56 -40.89 -7.48 -23.06
CA PHE D 56 -40.02 -6.51 -22.38
C PHE D 56 -40.34 -5.08 -22.82
N VAL D 57 -40.53 -4.91 -24.12
CA VAL D 57 -40.92 -3.62 -24.68
C VAL D 57 -42.22 -3.11 -24.02
N ASP D 58 -43.24 -3.97 -24.02
CA ASP D 58 -44.58 -3.65 -23.48
C ASP D 58 -44.57 -3.36 -22.00
N ARG D 59 -43.74 -4.08 -21.26
CA ARG D 59 -43.57 -3.81 -19.82
C ARG D 59 -43.02 -2.38 -19.62
N GLY D 60 -42.07 -2.00 -20.46
CA GLY D 60 -41.44 -0.70 -20.36
C GLY D 60 -42.38 0.43 -20.71
N LEU D 61 -43.16 0.25 -21.77
CA LEU D 61 -44.21 1.19 -22.13
C LEU D 61 -45.27 1.28 -21.03
N ASP D 62 -45.60 0.15 -20.41
CA ASP D 62 -46.52 0.12 -19.25
C ASP D 62 -45.97 0.98 -18.12
N PHE D 63 -44.68 0.80 -17.84
CA PHE D 63 -43.98 1.53 -16.78
C PHE D 63 -44.02 3.03 -17.03
N ILE D 64 -43.77 3.42 -18.28
CA ILE D 64 -43.82 4.80 -18.69
C ILE D 64 -45.22 5.35 -18.53
N ASN D 65 -46.20 4.58 -19.02
CA ASN D 65 -47.60 4.97 -18.89
C ASN D 65 -47.96 5.22 -17.42
N LYS D 66 -47.56 4.29 -16.56
CA LYS D 66 -47.75 4.46 -15.11
C LYS D 66 -47.10 5.74 -14.60
N ASN D 67 -45.88 6.03 -15.05
CA ASN D 67 -45.17 7.23 -14.61
C ASN D 67 -45.90 8.50 -15.04
N LEU D 68 -46.37 8.54 -16.28
CA LEU D 68 -47.07 9.72 -16.79
C LEU D 68 -48.46 9.85 -16.15
N SER D 69 -49.07 8.71 -15.80
CA SER D 69 -50.37 8.69 -15.09
C SER D 69 -50.25 9.33 -13.69
N LYS D 70 -49.16 9.03 -12.99
CA LYS D 70 -48.89 9.66 -11.69
C LYS D 70 -48.71 11.17 -11.80
N LEU D 71 -48.21 11.64 -12.94
CA LEU D 71 -47.91 13.05 -13.14
C LEU D 71 -49.15 13.86 -13.46
N VAL D 72 -50.16 13.24 -14.08
CA VAL D 72 -51.44 13.92 -14.25
C VAL D 72 -52.08 14.16 -12.86
N LYS D 73 -52.16 13.10 -12.06
CA LYS D 73 -52.73 13.19 -10.69
C LYS D 73 -52.00 14.20 -9.81
N LYS D 74 -50.68 14.21 -9.91
CA LYS D 74 -49.84 15.25 -9.29
C LYS D 74 -50.13 16.66 -9.84
N GLY D 75 -50.83 16.75 -10.97
CA GLY D 75 -51.21 18.03 -11.57
C GLY D 75 -50.21 18.64 -12.55
N LYS D 76 -49.06 17.97 -12.73
CA LYS D 76 -47.94 18.55 -13.49
C LYS D 76 -48.14 18.62 -15.00
N ILE D 77 -48.92 17.72 -15.56
CA ILE D 77 -49.26 17.73 -16.99
C ILE D 77 -50.72 17.34 -17.19
N GLU D 78 -51.26 17.66 -18.37
CA GLU D 78 -52.64 17.27 -18.72
C GLU D 78 -52.64 15.94 -19.49
N GLU D 79 -53.71 15.15 -19.29
CA GLU D 79 -53.88 13.86 -19.97
C GLU D 79 -53.57 13.92 -21.46
N ALA D 80 -53.90 15.05 -22.10
CA ALA D 80 -53.59 15.26 -23.51
C ALA D 80 -52.10 15.15 -23.77
N THR D 81 -51.31 15.81 -22.92
CA THR D 81 -49.85 15.79 -23.00
C THR D 81 -49.35 14.37 -22.80
N LYS D 82 -49.92 13.66 -21.82
CA LYS D 82 -49.59 12.26 -21.65
C LYS D 82 -49.73 11.50 -22.95
N VAL D 83 -50.86 11.67 -23.64
CA VAL D 83 -51.12 10.93 -24.88
C VAL D 83 -50.09 11.28 -25.95
N GLU D 84 -49.87 12.58 -26.10
CA GLU D 84 -48.91 13.11 -27.04
C GLU D 84 -47.50 12.55 -26.80
N ILE D 85 -47.08 12.55 -25.54
CA ILE D 85 -45.76 11.99 -25.19
C ILE D 85 -45.69 10.53 -25.62
N LEU D 86 -46.74 9.77 -25.33
CA LEU D 86 -46.80 8.34 -25.69
C LEU D 86 -46.79 8.06 -27.21
N THR D 87 -47.28 9.00 -28.00
CA THR D 87 -47.25 8.84 -29.46
C THR D 87 -45.82 8.92 -30.04
N ARG D 88 -44.92 9.59 -29.33
CA ARG D 88 -43.53 9.80 -29.79
C ARG D 88 -42.62 8.62 -29.57
N ILE D 89 -43.15 7.58 -28.94
CA ILE D 89 -42.36 6.44 -28.54
C ILE D 89 -42.87 5.22 -29.30
N SER D 90 -42.01 4.62 -30.14
CA SER D 90 -42.37 3.40 -30.85
C SER D 90 -41.55 2.25 -30.32
N GLY D 91 -42.24 1.20 -29.90
CA GLY D 91 -41.62 -0.01 -29.38
C GLY D 91 -41.24 -0.97 -30.48
N THR D 92 -40.13 -1.68 -30.31
CA THR D 92 -39.67 -2.62 -31.31
C THR D 92 -38.70 -3.63 -30.74
N VAL D 93 -38.56 -4.74 -31.46
CA VAL D 93 -37.51 -5.71 -31.21
C VAL D 93 -36.36 -5.54 -32.20
N ASP D 94 -36.64 -4.88 -33.30
CA ASP D 94 -35.74 -4.84 -34.46
C ASP D 94 -34.70 -3.72 -34.39
N LEU D 95 -33.45 -4.09 -34.13
CA LEU D 95 -32.37 -3.11 -33.99
C LEU D 95 -32.20 -2.20 -35.22
N ASN D 96 -32.65 -2.67 -36.38
CA ASN D 96 -32.59 -1.89 -37.62
C ASN D 96 -33.37 -0.59 -37.58
N MET D 97 -34.37 -0.49 -36.68
CA MET D 97 -35.11 0.78 -36.48
C MET D 97 -34.23 1.91 -35.93
N ALA D 98 -33.03 1.58 -35.47
CA ALA D 98 -32.06 2.61 -35.07
C ALA D 98 -31.34 3.30 -36.24
N ALA D 99 -31.51 2.77 -37.45
CA ALA D 99 -30.73 3.21 -38.61
C ALA D 99 -30.68 4.71 -38.85
N ASP D 100 -31.81 5.40 -38.79
CA ASP D 100 -31.82 6.84 -39.07
C ASP D 100 -31.83 7.70 -37.80
N CYS D 101 -31.57 7.09 -36.65
CA CYS D 101 -31.54 7.85 -35.41
C CYS D 101 -30.27 8.68 -35.33
N ASP D 102 -30.34 9.80 -34.64
CA ASP D 102 -29.19 10.68 -34.47
C ASP D 102 -28.39 10.27 -33.23
N LEU D 103 -29.09 9.76 -32.23
CA LEU D 103 -28.46 9.29 -30.99
C LEU D 103 -29.02 7.90 -30.65
N VAL D 104 -28.15 6.98 -30.27
CA VAL D 104 -28.58 5.65 -29.78
C VAL D 104 -27.99 5.47 -28.39
N ILE D 105 -28.87 5.22 -27.41
CA ILE D 105 -28.47 5.05 -26.01
C ILE D 105 -28.69 3.60 -25.58
N GLU D 106 -27.60 2.92 -25.28
CA GLU D 106 -27.61 1.53 -24.85
C GLU D 106 -27.69 1.48 -23.32
N ALA D 107 -28.80 0.95 -22.81
CA ALA D 107 -29.05 0.92 -21.37
C ALA D 107 -29.11 -0.49 -20.75
N ALA D 108 -29.17 -1.53 -21.58
CA ALA D 108 -29.22 -2.92 -21.08
C ALA D 108 -27.93 -3.40 -20.36
N VAL D 109 -27.99 -3.53 -19.04
CA VAL D 109 -26.88 -4.11 -18.25
C VAL D 109 -26.52 -5.47 -18.83
N GLU D 110 -25.24 -5.67 -19.14
CA GLU D 110 -24.79 -6.94 -19.74
C GLU D 110 -23.26 -7.06 -19.78
N ARG D 111 -22.80 -8.19 -20.31
CA ARG D 111 -21.38 -8.47 -20.42
C ARG D 111 -20.71 -7.71 -21.58
N MET D 112 -19.46 -7.31 -21.35
CA MET D 112 -18.63 -6.63 -22.35
C MET D 112 -18.65 -7.31 -23.71
N ASP D 113 -18.55 -8.63 -23.72
CA ASP D 113 -18.52 -9.38 -24.99
C ASP D 113 -19.75 -9.06 -25.87
N ILE D 114 -20.94 -9.01 -25.28
CA ILE D 114 -22.14 -8.81 -26.12
C ILE D 114 -22.40 -7.32 -26.35
N LYS D 115 -22.00 -6.48 -25.40
CA LYS D 115 -22.12 -5.02 -25.59
C LYS D 115 -21.28 -4.57 -26.77
N LYS D 116 -20.10 -5.16 -26.88
CA LYS D 116 -19.23 -4.95 -28.02
C LYS D 116 -19.93 -5.34 -29.31
N GLN D 117 -20.59 -6.49 -29.33
CA GLN D 117 -21.31 -6.95 -30.52
C GLN D 117 -22.33 -5.90 -30.93
N ILE D 118 -23.12 -5.47 -29.97
CA ILE D 118 -24.21 -4.56 -30.23
C ILE D 118 -23.70 -3.23 -30.76
N PHE D 119 -22.64 -2.71 -30.18
CA PHE D 119 -22.06 -1.47 -30.71
C PHE D 119 -21.50 -1.66 -32.10
N ALA D 120 -20.87 -2.80 -32.32
CA ALA D 120 -20.41 -3.15 -33.68
C ALA D 120 -21.60 -3.27 -34.62
N ASP D 121 -22.65 -3.94 -34.19
CA ASP D 121 -23.84 -4.06 -35.03
C ASP D 121 -24.40 -2.69 -35.38
N LEU D 122 -24.59 -1.86 -34.37
CA LEU D 122 -25.03 -0.49 -34.56
C LEU D 122 -24.11 0.32 -35.44
N ASP D 123 -22.80 0.06 -35.38
CA ASP D 123 -21.88 0.84 -36.21
C ASP D 123 -22.17 0.63 -37.72
N ASN D 124 -22.53 -0.58 -38.10
CA ASN D 124 -22.86 -0.92 -39.51
C ASN D 124 -24.25 -0.42 -39.90
N ILE D 125 -25.22 -0.73 -39.06
CA ILE D 125 -26.63 -0.36 -39.26
C ILE D 125 -26.88 1.13 -39.42
N CYS D 126 -26.27 1.94 -38.58
CA CYS D 126 -26.65 3.35 -38.45
C CYS D 126 -25.97 4.24 -39.49
N LYS D 127 -26.67 5.31 -39.89
CA LYS D 127 -26.08 6.34 -40.74
C LYS D 127 -24.84 6.90 -40.05
N PRO D 128 -23.84 7.37 -40.83
CA PRO D 128 -22.56 7.83 -40.26
C PRO D 128 -22.64 8.96 -39.21
N GLU D 129 -23.76 9.68 -39.12
CA GLU D 129 -23.86 10.80 -38.19
C GLU D 129 -24.15 10.30 -36.77
N THR D 130 -24.62 9.06 -36.67
CA THR D 130 -25.25 8.62 -35.44
C THR D 130 -24.20 8.51 -34.34
N ILE D 131 -24.53 9.11 -33.20
CA ILE D 131 -23.74 8.98 -32.00
C ILE D 131 -24.25 7.77 -31.18
N LEU D 132 -23.29 6.96 -30.75
CA LEU D 132 -23.55 5.76 -30.01
C LEU D 132 -23.12 5.91 -28.55
N ALA D 133 -24.11 5.96 -27.67
CA ALA D 133 -23.88 6.21 -26.24
C ALA D 133 -24.24 5.00 -25.40
N SER D 134 -23.53 4.84 -24.28
CA SER D 134 -23.78 3.81 -23.28
C SER D 134 -24.03 4.45 -21.92
N ASN D 135 -25.01 3.90 -21.20
CA ASN D 135 -25.41 4.30 -19.85
C ASN D 135 -24.58 3.61 -18.77
N THR D 136 -23.70 2.70 -19.17
CA THR D 136 -22.87 1.94 -18.21
C THR D 136 -22.11 2.82 -17.24
N SER D 137 -21.81 2.23 -16.10
CA SER D 137 -20.94 2.83 -15.13
C SER D 137 -19.83 1.88 -14.68
N SER D 138 -19.82 0.65 -15.17
CA SER D 138 -18.79 -0.31 -14.74
C SER D 138 -17.85 -0.73 -15.84
N LEU D 139 -18.23 -0.50 -17.09
CA LEU D 139 -17.45 -0.91 -18.23
C LEU D 139 -16.77 0.30 -18.88
N SER D 140 -15.65 0.02 -19.54
CA SER D 140 -14.88 1.06 -20.22
C SER D 140 -15.56 1.51 -21.53
N ILE D 141 -15.92 2.78 -21.57
CA ILE D 141 -16.43 3.45 -22.77
C ILE D 141 -15.40 3.33 -23.91
N THR D 142 -14.14 3.61 -23.62
CA THR D 142 -13.04 3.46 -24.59
C THR D 142 -12.97 2.07 -25.22
N GLU D 143 -13.05 1.05 -24.39
CA GLU D 143 -12.99 -0.31 -24.88
C GLU D 143 -14.15 -0.63 -25.81
N VAL D 144 -15.35 -0.28 -25.39
CA VAL D 144 -16.51 -0.48 -26.23
C VAL D 144 -16.35 0.25 -27.57
N ALA D 145 -15.86 1.50 -27.53
CA ALA D 145 -15.69 2.30 -28.74
C ALA D 145 -14.79 1.59 -29.73
N SER D 146 -13.83 0.83 -29.20
CA SER D 146 -12.82 0.19 -30.05
C SER D 146 -13.39 -1.00 -30.81
N ALA D 147 -14.60 -1.43 -30.48
CA ALA D 147 -15.29 -2.46 -31.27
C ALA D 147 -16.02 -1.90 -32.48
N THR D 148 -15.99 -0.58 -32.65
CA THR D 148 -16.66 0.08 -33.75
C THR D 148 -15.64 0.72 -34.65
N LYS D 149 -16.06 1.15 -35.84
CA LYS D 149 -15.21 1.98 -36.72
C LYS D 149 -15.52 3.45 -36.52
N ARG D 150 -16.13 3.76 -35.39
CA ARG D 150 -16.77 5.01 -35.11
C ARG D 150 -16.29 5.60 -33.78
N PRO D 151 -15.05 5.28 -33.34
CA PRO D 151 -14.74 5.60 -31.96
C PRO D 151 -14.88 7.07 -31.58
N ASP D 152 -14.77 7.96 -32.56
CA ASP D 152 -14.96 9.38 -32.29
C ASP D 152 -16.42 9.77 -31.94
N LYS D 153 -17.35 8.88 -32.25
CA LYS D 153 -18.80 9.08 -32.04
C LYS D 153 -19.35 8.25 -30.86
N VAL D 154 -18.47 7.55 -30.14
CA VAL D 154 -18.87 6.73 -28.99
C VAL D 154 -18.60 7.51 -27.70
N ILE D 155 -19.56 7.45 -26.79
CA ILE D 155 -19.53 8.29 -25.62
C ILE D 155 -20.37 7.65 -24.53
N GLY D 156 -20.11 8.04 -23.28
CA GLY D 156 -20.95 7.62 -22.17
C GLY D 156 -21.97 8.70 -21.86
N MET D 157 -23.19 8.26 -21.54
CA MET D 157 -24.22 9.13 -20.98
C MET D 157 -24.80 8.48 -19.73
N HIS D 158 -24.31 8.87 -18.55
CA HIS D 158 -24.69 8.23 -17.29
C HIS D 158 -25.83 9.00 -16.61
N PHE D 159 -27.03 8.45 -16.71
CA PHE D 159 -28.23 9.03 -16.08
C PHE D 159 -28.39 8.56 -14.65
N PHE D 160 -29.20 9.27 -13.88
CA PHE D 160 -29.45 8.92 -12.50
C PHE D 160 -30.92 8.62 -12.24
N ASN D 161 -31.15 7.63 -11.38
CA ASN D 161 -32.48 7.09 -11.12
C ASN D 161 -33.24 7.97 -10.16
N PRO D 162 -34.47 8.36 -10.51
CA PRO D 162 -35.18 8.02 -11.74
C PRO D 162 -34.82 9.00 -12.84
N ALA D 163 -34.64 8.48 -14.04
CA ALA D 163 -34.14 9.26 -15.15
C ALA D 163 -35.00 10.46 -15.57
N PRO D 164 -36.35 10.31 -15.52
CA PRO D 164 -37.18 11.47 -15.89
C PRO D 164 -36.97 12.71 -15.02
N VAL D 165 -36.68 12.52 -13.73
CA VAL D 165 -36.66 13.66 -12.80
C VAL D 165 -35.24 14.15 -12.49
N MET D 166 -34.30 13.24 -12.29
CA MET D 166 -32.93 13.60 -11.88
C MET D 166 -32.21 14.34 -13.00
N LYS D 167 -31.64 15.48 -12.65
CA LYS D 167 -31.06 16.42 -13.62
C LYS D 167 -29.64 16.07 -14.04
N LEU D 168 -28.86 15.44 -13.18
CA LEU D 168 -27.45 15.18 -13.50
C LEU D 168 -27.30 14.14 -14.61
N VAL D 169 -26.48 14.44 -15.61
CA VAL D 169 -25.93 13.44 -16.51
C VAL D 169 -24.42 13.58 -16.50
N GLU D 170 -23.71 12.48 -16.20
CA GLU D 170 -22.28 12.47 -16.38
C GLU D 170 -22.05 12.03 -17.81
N VAL D 171 -21.47 12.92 -18.60
CA VAL D 171 -21.16 12.67 -19.99
C VAL D 171 -19.71 12.20 -20.02
N ILE D 172 -19.50 10.93 -20.40
CA ILE D 172 -18.21 10.28 -20.18
C ILE D 172 -17.48 10.22 -21.51
N ARG D 173 -16.35 10.92 -21.60
CA ARG D 173 -15.53 10.85 -22.81
C ARG D 173 -14.53 9.71 -22.75
N GLY D 174 -14.67 8.79 -23.71
CA GLY D 174 -13.66 7.82 -24.05
C GLY D 174 -12.48 8.58 -24.61
N ILE D 175 -11.29 7.98 -24.61
CA ILE D 175 -10.13 8.76 -25.02
C ILE D 175 -10.27 9.25 -26.49
N ALA D 176 -10.95 8.49 -27.35
CA ALA D 176 -11.15 8.89 -28.77
C ALA D 176 -12.39 9.77 -29.04
N THR D 177 -13.25 9.95 -28.03
CA THR D 177 -14.47 10.72 -28.24
C THR D 177 -14.10 12.12 -28.73
N SER D 178 -14.71 12.59 -29.82
CA SER D 178 -14.34 13.86 -30.41
C SER D 178 -15.00 14.98 -29.67
N GLN D 179 -14.45 16.17 -29.79
CA GLN D 179 -15.07 17.33 -29.19
C GLN D 179 -16.47 17.57 -29.77
N GLU D 180 -16.63 17.31 -31.07
CA GLU D 180 -17.93 17.40 -31.76
C GLU D 180 -19.00 16.54 -31.09
N THR D 181 -18.67 15.26 -30.90
CA THR D 181 -19.57 14.31 -30.28
C THR D 181 -19.89 14.78 -28.89
N PHE D 182 -18.90 15.22 -28.13
CA PHE D 182 -19.19 15.68 -26.79
C PHE D 182 -20.16 16.86 -26.81
N ASP D 183 -19.86 17.85 -27.66
CA ASP D 183 -20.69 19.07 -27.67
C ASP D 183 -22.14 18.79 -28.06
N ALA D 184 -22.35 17.84 -28.97
CA ALA D 184 -23.70 17.47 -29.39
C ALA D 184 -24.49 16.80 -28.24
N VAL D 185 -23.85 15.86 -27.55
CA VAL D 185 -24.49 15.17 -26.42
C VAL D 185 -24.76 16.14 -25.26
N LYS D 186 -23.81 17.04 -25.04
CA LYS D 186 -24.03 18.07 -24.05
C LYS D 186 -25.27 18.91 -24.35
N GLU D 187 -25.36 19.38 -25.59
CA GLU D 187 -26.47 20.25 -25.96
C GLU D 187 -27.78 19.44 -25.94
N THR D 188 -27.73 18.20 -26.39
CA THR D 188 -28.92 17.35 -26.30
C THR D 188 -29.36 17.15 -24.84
N SER D 189 -28.40 16.89 -23.96
CA SER D 189 -28.69 16.81 -22.54
C SER D 189 -29.42 18.05 -22.00
N ILE D 190 -28.93 19.23 -22.36
CA ILE D 190 -29.58 20.47 -21.93
C ILE D 190 -30.99 20.56 -22.53
N ALA D 191 -31.10 20.19 -23.80
CA ALA D 191 -32.42 20.20 -24.45
C ALA D 191 -33.46 19.32 -23.75
N ILE D 192 -33.03 18.26 -23.08
CA ILE D 192 -34.00 17.45 -22.32
C ILE D 192 -34.12 17.85 -20.85
N GLY D 193 -33.67 19.06 -20.51
CA GLY D 193 -33.81 19.57 -19.13
C GLY D 193 -32.74 19.11 -18.14
N LYS D 194 -31.65 18.53 -18.63
CA LYS D 194 -30.63 17.98 -17.76
C LYS D 194 -29.43 18.90 -17.66
N ASP D 195 -28.61 18.60 -16.67
CA ASP D 195 -27.46 19.40 -16.30
C ASP D 195 -26.21 18.53 -16.49
N PRO D 196 -25.69 18.47 -17.71
CA PRO D 196 -24.58 17.59 -18.03
C PRO D 196 -23.26 18.02 -17.40
N VAL D 197 -22.41 17.06 -17.04
CA VAL D 197 -21.05 17.38 -16.62
C VAL D 197 -20.09 16.60 -17.47
N GLU D 198 -18.90 17.15 -17.66
CA GLU D 198 -17.91 16.50 -18.52
C GLU D 198 -16.93 15.65 -17.72
N VAL D 199 -16.82 14.38 -18.10
CA VAL D 199 -16.00 13.44 -17.36
C VAL D 199 -15.15 12.65 -18.29
N ALA D 200 -13.84 12.78 -18.17
CA ALA D 200 -12.93 11.89 -18.87
C ALA D 200 -13.10 10.50 -18.25
N GLU D 201 -13.26 9.46 -19.06
CA GLU D 201 -13.35 8.10 -18.53
C GLU D 201 -12.27 7.79 -17.48
N ALA D 202 -12.75 7.44 -16.27
CA ALA D 202 -11.95 6.93 -15.16
C ALA D 202 -12.87 6.14 -14.19
N PRO D 203 -12.29 5.25 -13.37
CA PRO D 203 -13.07 4.39 -12.46
C PRO D 203 -13.96 5.18 -11.51
N GLY D 204 -15.27 4.91 -11.58
CA GLY D 204 -16.30 5.54 -10.77
C GLY D 204 -16.73 6.94 -11.19
N PHE D 205 -16.17 7.41 -12.32
CA PHE D 205 -16.51 8.73 -12.90
C PHE D 205 -16.32 9.73 -11.78
N VAL D 206 -17.34 10.54 -11.46
CA VAL D 206 -17.24 11.43 -10.29
C VAL D 206 -18.05 10.90 -9.12
N VAL D 207 -19.37 10.74 -9.30
CA VAL D 207 -20.26 10.48 -8.17
C VAL D 207 -19.90 9.20 -7.43
N ASN D 208 -19.88 8.08 -8.15
CA ASN D 208 -19.53 6.81 -7.50
C ASN D 208 -18.14 6.77 -6.90
N ARG D 209 -17.18 7.39 -7.59
CA ARG D 209 -15.81 7.41 -7.15
C ARG D 209 -15.69 8.04 -5.78
N ILE D 210 -16.50 9.05 -5.52
CA ILE D 210 -16.46 9.74 -4.24
C ILE D 210 -17.43 9.10 -3.24
N LEU D 211 -18.62 8.74 -3.69
CA LEU D 211 -19.70 8.37 -2.78
C LEU D 211 -19.56 6.97 -2.17
N ILE D 212 -19.24 5.99 -3.00
CA ILE D 212 -19.16 4.63 -2.52
C ILE D 212 -18.07 4.39 -1.47
N PRO D 213 -16.84 4.88 -1.68
CA PRO D 213 -15.81 4.76 -0.64
C PRO D 213 -16.22 5.36 0.69
N MET D 214 -17.08 6.36 0.64
CA MET D 214 -17.64 6.92 1.83
C MET D 214 -18.51 5.91 2.60
N ILE D 215 -19.32 5.17 1.88
CA ILE D 215 -20.12 4.12 2.47
C ILE D 215 -19.21 3.01 2.99
N ASN D 216 -18.26 2.58 2.18
CA ASN D 216 -17.19 1.68 2.63
C ASN D 216 -16.47 2.16 3.90
N GLU D 217 -16.20 3.45 4.00
CA GLU D 217 -15.57 3.98 5.20
C GLU D 217 -16.46 3.76 6.41
N ALA D 218 -17.74 4.03 6.27
CA ALA D 218 -18.68 3.82 7.35
C ALA D 218 -18.66 2.36 7.85
N VAL D 219 -18.59 1.43 6.89
CA VAL D 219 -18.52 0.03 7.24
C VAL D 219 -17.32 -0.26 8.12
N GLY D 220 -16.19 0.36 7.81
CA GLY D 220 -14.96 0.18 8.55
C GLY D 220 -15.06 0.63 9.99
N ILE D 221 -15.71 1.77 10.20
CA ILE D 221 -15.92 2.35 11.53
C ILE D 221 -16.86 1.45 12.38
N LEU D 222 -17.93 0.96 11.75
CA LEU D 222 -18.84 -0.01 12.42
C LEU D 222 -18.09 -1.26 12.84
N ALA D 223 -17.29 -1.77 11.91
CA ALA D 223 -16.55 -3.01 12.07
C ALA D 223 -15.59 -2.99 13.22
N GLU D 224 -14.97 -1.85 13.51
CA GLU D 224 -14.09 -1.72 14.63
C GLU D 224 -14.82 -1.25 15.91
N GLY D 225 -16.15 -1.35 15.93
CA GLY D 225 -16.92 -0.99 17.10
C GLY D 225 -16.76 0.47 17.54
N ILE D 226 -16.45 1.33 16.59
CA ILE D 226 -16.20 2.73 16.92
C ILE D 226 -17.51 3.46 17.26
N ALA D 227 -18.56 3.11 16.53
CA ALA D 227 -19.88 3.63 16.78
C ALA D 227 -20.94 2.70 16.18
N SER D 228 -22.17 2.79 16.67
CA SER D 228 -23.24 1.97 16.16
C SER D 228 -23.70 2.43 14.78
N VAL D 229 -24.46 1.56 14.13
CA VAL D 229 -25.05 1.89 12.83
C VAL D 229 -25.78 3.23 12.90
N GLU D 230 -26.65 3.38 13.88
CA GLU D 230 -27.47 4.58 13.95
C GLU D 230 -26.71 5.82 14.39
N ASP D 231 -25.68 5.71 15.21
CA ASP D 231 -24.91 6.91 15.55
C ASP D 231 -24.03 7.33 14.35
N ILE D 232 -23.59 6.39 13.55
CA ILE D 232 -22.80 6.71 12.35
C ILE D 232 -23.65 7.53 11.40
N ASP D 233 -24.85 7.04 11.15
CA ASP D 233 -25.77 7.73 10.24
C ASP D 233 -26.24 9.08 10.81
N LYS D 234 -26.54 9.11 12.09
CA LYS D 234 -26.90 10.37 12.74
C LYS D 234 -25.79 11.39 12.60
N ALA D 235 -24.56 10.97 12.85
CA ALA D 235 -23.42 11.89 12.84
C ALA D 235 -23.22 12.47 11.46
N MET D 236 -23.38 11.66 10.42
CA MET D 236 -23.20 12.16 9.06
C MET D 236 -24.36 13.05 8.61
N LYS D 237 -25.58 12.73 9.03
CA LYS D 237 -26.71 13.56 8.70
C LYS D 237 -26.66 14.93 9.41
N LEU D 238 -26.37 14.94 10.70
CA LEU D 238 -26.31 16.20 11.43
C LEU D 238 -25.00 16.90 11.21
N GLY D 239 -23.91 16.14 11.23
CA GLY D 239 -22.59 16.71 11.11
C GLY D 239 -22.25 17.30 9.76
N ALA D 240 -22.64 16.61 8.68
CA ALA D 240 -22.36 17.05 7.30
C ALA D 240 -23.59 17.54 6.57
N ASN D 241 -24.74 17.52 7.24
CA ASN D 241 -26.00 17.98 6.64
C ASN D 241 -26.33 17.18 5.38
N HIS D 242 -26.28 15.86 5.48
CA HIS D 242 -26.68 14.98 4.38
C HIS D 242 -28.06 14.47 4.72
N PRO D 243 -28.87 14.16 3.71
CA PRO D 243 -30.23 13.70 3.93
C PRO D 243 -30.29 12.21 4.35
N MET D 244 -29.28 11.42 4.01
CA MET D 244 -29.17 10.05 4.52
C MET D 244 -27.77 9.77 5.01
N GLY D 245 -27.67 8.92 6.03
CA GLY D 245 -26.37 8.42 6.47
C GLY D 245 -25.82 7.40 5.50
N PRO D 246 -24.49 7.21 5.51
CA PRO D 246 -23.82 6.25 4.61
C PRO D 246 -24.36 4.82 4.66
N LEU D 247 -24.66 4.28 5.84
CA LEU D 247 -25.10 2.86 5.95
C LEU D 247 -26.52 2.66 5.46
N GLU D 248 -27.38 3.56 5.91
CA GLU D 248 -28.73 3.72 5.39
C GLU D 248 -28.73 3.94 3.86
N LEU D 249 -27.82 4.80 3.39
CA LEU D 249 -27.65 4.98 1.96
C LEU D 249 -27.19 3.69 1.26
N GLY D 250 -26.25 2.98 1.87
CA GLY D 250 -25.81 1.67 1.35
C GLY D 250 -26.98 0.68 1.20
N ASP D 251 -27.77 0.51 2.25
CA ASP D 251 -29.00 -0.27 2.17
C ASP D 251 -29.94 0.14 1.03
N PHE D 252 -29.99 1.45 0.74
CA PHE D 252 -30.90 1.99 -0.28
C PHE D 252 -30.40 1.68 -1.70
N ILE D 253 -29.12 1.88 -1.90
CA ILE D 253 -28.50 1.58 -3.16
C ILE D 253 -28.54 0.06 -3.38
N GLY D 254 -28.32 -0.69 -2.32
CA GLY D 254 -28.04 -2.11 -2.42
C GLY D 254 -26.57 -2.38 -2.13
N LEU D 255 -26.32 -3.22 -1.12
CA LEU D 255 -24.96 -3.50 -0.69
C LEU D 255 -24.23 -4.32 -1.72
N ASP D 256 -24.96 -5.12 -2.49
CA ASP D 256 -24.36 -5.80 -3.64
C ASP D 256 -23.83 -4.78 -4.66
N ILE D 257 -24.62 -3.76 -4.94
CA ILE D 257 -24.21 -2.75 -5.90
C ILE D 257 -23.00 -2.04 -5.33
N CYS D 258 -23.05 -1.69 -4.03
CA CYS D 258 -21.92 -1.00 -3.41
C CYS D 258 -20.63 -1.81 -3.46
N LEU D 259 -20.73 -3.08 -3.12
CA LEU D 259 -19.59 -3.96 -3.16
C LEU D 259 -19.03 -4.03 -4.58
N ALA D 260 -19.90 -4.23 -5.57
CA ALA D 260 -19.45 -4.42 -6.94
C ALA D 260 -18.70 -3.16 -7.41
N ILE D 261 -19.11 -1.99 -6.94
CA ILE D 261 -18.47 -0.74 -7.33
C ILE D 261 -17.07 -0.67 -6.72
N MET D 262 -16.96 -0.97 -5.43
CA MET D 262 -15.64 -1.03 -4.82
C MET D 262 -14.75 -2.05 -5.53
N ASP D 263 -15.30 -3.23 -5.83
CA ASP D 263 -14.57 -4.20 -6.62
C ASP D 263 -13.99 -3.57 -7.90
N VAL D 264 -14.83 -2.85 -8.63
CA VAL D 264 -14.36 -2.14 -9.84
C VAL D 264 -13.25 -1.15 -9.54
N LEU D 265 -13.45 -0.30 -8.53
CA LEU D 265 -12.45 0.70 -8.19
C LEU D 265 -11.11 0.08 -7.78
N TYR D 266 -11.15 -0.98 -6.97
CA TYR D 266 -9.93 -1.67 -6.58
C TYR D 266 -9.29 -2.37 -7.78
N SER D 267 -10.08 -3.09 -8.56
CA SER D 267 -9.57 -3.75 -9.74
C SER D 267 -8.95 -2.79 -10.75
N GLU D 268 -9.65 -1.69 -11.08
CA GLU D 268 -9.14 -0.73 -12.05
C GLU D 268 -7.93 0.07 -11.56
N THR D 269 -7.97 0.55 -10.32
CA THR D 269 -6.85 1.38 -9.81
C THR D 269 -5.66 0.53 -9.44
N GLY D 270 -5.94 -0.69 -8.99
CA GLY D 270 -4.92 -1.50 -8.34
C GLY D 270 -4.35 -0.84 -7.09
N ASP D 271 -5.11 0.06 -6.47
CA ASP D 271 -4.71 0.73 -5.24
C ASP D 271 -5.59 0.19 -4.12
N SER D 272 -4.97 -0.47 -3.15
CA SER D 272 -5.74 -1.02 -2.05
C SER D 272 -6.41 0.06 -1.16
N LYS D 273 -6.19 1.33 -1.48
CA LYS D 273 -6.96 2.43 -0.90
C LYS D 273 -8.46 2.16 -1.06
N TYR D 274 -8.81 1.57 -2.21
CA TYR D 274 -10.19 1.29 -2.56
C TYR D 274 -10.60 -0.14 -2.26
N ARG D 275 -9.93 -0.81 -1.32
CA ARG D 275 -10.29 -2.19 -1.00
C ARG D 275 -11.64 -2.22 -0.30
N PRO D 276 -12.57 -3.05 -0.77
CA PRO D 276 -13.83 -3.14 -0.05
C PRO D 276 -13.68 -3.77 1.31
N HIS D 277 -14.48 -3.37 2.28
CA HIS D 277 -14.24 -3.86 3.64
C HIS D 277 -14.74 -5.27 3.73
N THR D 278 -13.98 -6.10 4.44
CA THR D 278 -14.35 -7.53 4.62
C THR D 278 -15.76 -7.71 5.21
N LEU D 279 -16.18 -6.77 6.05
CA LEU D 279 -17.51 -6.82 6.64
C LEU D 279 -18.60 -6.59 5.60
N LEU D 280 -18.34 -5.71 4.63
CA LEU D 280 -19.30 -5.52 3.56
C LEU D 280 -19.44 -6.81 2.76
N LYS D 281 -18.34 -7.52 2.53
CA LYS D 281 -18.42 -8.80 1.80
C LYS D 281 -19.31 -9.81 2.50
N LYS D 282 -19.29 -9.80 3.84
CA LYS D 282 -20.05 -10.75 4.64
C LYS D 282 -21.56 -10.45 4.63
N TYR D 283 -21.93 -9.18 4.74
CA TYR D 283 -23.32 -8.75 4.57
C TYR D 283 -23.86 -9.22 3.24
N VAL D 284 -23.08 -9.01 2.18
CA VAL D 284 -23.55 -9.38 0.86
C VAL D 284 -23.64 -10.90 0.70
N ARG D 285 -22.64 -11.63 1.19
CA ARG D 285 -22.70 -13.10 1.09
C ARG D 285 -23.87 -13.67 1.90
N ALA D 286 -24.37 -12.91 2.87
CA ALA D 286 -25.52 -13.33 3.62
C ALA D 286 -26.81 -13.09 2.86
N GLY D 287 -26.77 -12.35 1.75
CA GLY D 287 -28.01 -11.85 1.11
C GLY D 287 -28.69 -10.70 1.88
N TRP D 288 -27.94 -10.05 2.77
CA TRP D 288 -28.44 -8.92 3.50
C TRP D 288 -28.07 -7.69 2.66
N LEU D 289 -28.83 -7.51 1.57
CA LEU D 289 -28.50 -6.49 0.57
C LEU D 289 -29.05 -5.09 0.85
N GLY D 290 -29.85 -4.94 1.89
CA GLY D 290 -30.48 -3.66 2.22
C GLY D 290 -31.98 -3.71 1.99
N ARG D 291 -32.55 -2.61 1.52
CA ARG D 291 -34.00 -2.51 1.36
C ARG D 291 -34.60 -3.61 0.51
N LYS D 292 -33.98 -3.92 -0.61
CA LYS D 292 -34.54 -4.90 -1.54
C LYS D 292 -34.65 -6.33 -1.01
N SER D 293 -33.97 -6.67 0.09
CA SER D 293 -34.10 -8.00 0.67
C SER D 293 -34.68 -7.99 2.08
N GLY D 294 -35.07 -6.81 2.57
CA GLY D 294 -35.64 -6.69 3.91
C GLY D 294 -34.60 -6.53 5.00
N LYS D 295 -33.33 -6.62 4.66
CA LYS D 295 -32.27 -6.54 5.67
C LYS D 295 -30.93 -6.13 5.05
N GLY D 296 -30.29 -5.16 5.68
CA GLY D 296 -28.90 -4.79 5.39
C GLY D 296 -28.28 -4.39 6.70
N PHE D 297 -27.74 -3.17 6.77
CA PHE D 297 -27.28 -2.68 8.05
C PHE D 297 -28.44 -2.38 8.98
N TYR D 298 -29.62 -2.16 8.42
CA TYR D 298 -30.79 -2.01 9.21
C TYR D 298 -31.67 -3.13 8.78
N ASP D 299 -32.66 -3.46 9.56
CA ASP D 299 -33.64 -4.30 8.94
C ASP D 299 -34.99 -3.67 8.81
N TYR D 300 -35.68 -4.07 7.77
CA TYR D 300 -36.82 -3.31 7.30
C TYR D 300 -38.16 -3.99 7.58
N LYS E 22 27.43 -30.04 -31.77
CA LYS E 22 26.26 -29.45 -31.03
C LYS E 22 25.13 -29.14 -32.03
N LYS E 23 23.91 -29.57 -31.70
CA LYS E 23 22.76 -29.44 -32.56
C LYS E 23 21.62 -28.78 -31.78
N VAL E 24 21.03 -27.73 -32.33
CA VAL E 24 20.02 -26.95 -31.62
C VAL E 24 18.68 -27.02 -32.31
N CYS E 25 17.62 -27.14 -31.53
CA CYS E 25 16.27 -27.10 -32.08
C CYS E 25 15.55 -25.88 -31.54
N VAL E 26 14.95 -25.11 -32.43
CA VAL E 26 14.16 -23.92 -32.06
C VAL E 26 12.69 -24.25 -32.32
N ILE E 27 11.84 -24.11 -31.30
CA ILE E 27 10.41 -24.35 -31.41
C ILE E 27 9.73 -23.03 -31.65
N GLY E 28 9.17 -22.88 -32.83
CA GLY E 28 8.54 -21.64 -33.25
C GLY E 28 9.38 -20.89 -34.26
N ALA E 29 8.84 -20.80 -35.49
CA ALA E 29 9.42 -20.01 -36.58
C ALA E 29 8.79 -18.61 -36.70
N GLY E 30 8.48 -17.99 -35.56
CA GLY E 30 8.02 -16.62 -35.53
C GLY E 30 9.20 -15.66 -35.56
N THR E 31 8.97 -14.44 -35.10
CA THR E 31 10.00 -13.39 -35.15
C THR E 31 11.22 -13.74 -34.30
N MET E 32 10.95 -14.13 -33.05
CA MET E 32 12.01 -14.47 -32.13
C MET E 32 12.68 -15.79 -32.52
N GLY E 33 11.88 -16.82 -32.80
CA GLY E 33 12.45 -18.13 -33.13
C GLY E 33 13.33 -18.09 -34.38
N SER E 34 12.83 -17.43 -35.42
CA SER E 34 13.62 -17.30 -36.63
C SER E 34 14.92 -16.55 -36.33
N GLY E 35 14.82 -15.49 -35.52
CA GLY E 35 16.01 -14.72 -35.15
C GLY E 35 17.01 -15.57 -34.38
N ILE E 36 16.52 -16.33 -33.42
CA ILE E 36 17.39 -17.20 -32.62
C ILE E 36 18.02 -18.26 -33.51
N ALA E 37 17.20 -18.88 -34.35
CA ALA E 37 17.73 -19.89 -35.26
C ALA E 37 18.86 -19.30 -36.10
N GLN E 38 18.64 -18.09 -36.61
CA GLN E 38 19.67 -17.40 -37.40
C GLN E 38 20.96 -17.25 -36.61
N ALA E 39 20.82 -16.82 -35.35
CA ALA E 39 21.97 -16.50 -34.51
C ALA E 39 22.83 -17.71 -34.25
N PHE E 40 22.19 -18.87 -34.11
CA PHE E 40 22.92 -20.12 -33.92
C PHE E 40 23.58 -20.59 -35.21
N ALA E 41 22.89 -20.48 -36.34
CA ALA E 41 23.48 -20.97 -37.60
C ALA E 41 24.64 -20.09 -38.05
N ALA E 42 24.58 -18.79 -37.73
CA ALA E 42 25.65 -17.87 -38.07
C ALA E 42 26.91 -18.23 -37.31
N LYS E 43 26.78 -18.89 -36.16
CA LYS E 43 27.96 -19.27 -35.40
C LYS E 43 28.31 -20.74 -35.56
N GLY E 44 27.79 -21.35 -36.62
CA GLY E 44 28.26 -22.66 -37.02
C GLY E 44 27.48 -23.81 -36.44
N PHE E 45 26.44 -23.53 -35.67
CA PHE E 45 25.63 -24.59 -35.11
C PHE E 45 24.61 -25.10 -36.11
N GLU E 46 24.37 -26.41 -36.08
CA GLU E 46 23.33 -27.05 -36.84
C GLU E 46 21.99 -26.80 -36.12
N VAL E 47 20.99 -26.36 -36.89
CA VAL E 47 19.72 -25.92 -36.35
C VAL E 47 18.55 -26.63 -37.01
N VAL E 48 17.63 -27.11 -36.18
CA VAL E 48 16.33 -27.58 -36.64
C VAL E 48 15.31 -26.54 -36.22
N LEU E 49 14.56 -26.02 -37.18
CA LEU E 49 13.57 -24.97 -36.90
C LEU E 49 12.18 -25.52 -37.14
N ARG E 50 11.39 -25.58 -36.09
CA ARG E 50 10.09 -26.24 -36.17
C ARG E 50 8.91 -25.34 -35.85
N ASP E 51 7.86 -25.49 -36.65
CA ASP E 51 6.58 -24.84 -36.43
C ASP E 51 5.51 -25.86 -36.82
N ILE E 52 4.24 -25.47 -36.79
CA ILE E 52 3.14 -26.43 -36.89
C ILE E 52 2.52 -26.56 -38.29
N LYS E 53 2.93 -25.69 -39.20
CA LYS E 53 2.59 -25.82 -40.61
C LYS E 53 3.80 -25.47 -41.47
N ASP E 54 3.84 -26.06 -42.66
CA ASP E 54 4.85 -25.75 -43.69
C ASP E 54 4.90 -24.25 -44.05
N GLU E 55 3.73 -23.63 -44.06
CA GLU E 55 3.57 -22.21 -44.36
C GLU E 55 4.37 -21.32 -43.39
N PHE E 56 4.32 -21.66 -42.11
CA PHE E 56 4.98 -20.85 -41.08
C PHE E 56 6.48 -21.07 -41.11
N VAL E 57 6.88 -22.30 -41.40
CA VAL E 57 8.30 -22.64 -41.56
C VAL E 57 8.93 -21.78 -42.67
N ASP E 58 8.29 -21.80 -43.84
CA ASP E 58 8.82 -21.09 -45.00
C ASP E 58 8.87 -19.60 -44.74
N ARG E 59 7.82 -19.08 -44.11
CA ARG E 59 7.81 -17.69 -43.64
C ARG E 59 9.07 -17.39 -42.81
N GLY E 60 9.40 -18.26 -41.87
CA GLY E 60 10.59 -18.03 -41.04
C GLY E 60 11.89 -18.07 -41.83
N LEU E 61 11.99 -19.02 -42.74
CA LEU E 61 13.19 -19.17 -43.56
C LEU E 61 13.40 -17.98 -44.50
N ASP E 62 12.30 -17.47 -45.03
CA ASP E 62 12.31 -16.27 -45.87
C ASP E 62 12.85 -15.11 -45.08
N PHE E 63 12.22 -14.85 -43.94
CA PHE E 63 12.60 -13.79 -43.03
C PHE E 63 14.11 -13.84 -42.77
N ILE E 64 14.65 -15.04 -42.57
CA ILE E 64 16.10 -15.18 -42.31
C ILE E 64 16.90 -14.86 -43.57
N ASN E 65 16.48 -15.45 -44.68
CA ASN E 65 17.12 -15.20 -45.96
C ASN E 65 17.19 -13.70 -46.23
N LYS E 66 16.07 -13.02 -46.01
CA LYS E 66 15.94 -11.58 -46.23
C LYS E 66 16.88 -10.76 -45.31
N ASN E 67 17.02 -11.17 -44.05
CA ASN E 67 17.95 -10.51 -43.14
C ASN E 67 19.38 -10.69 -43.59
N LEU E 68 19.73 -11.92 -43.93
CA LEU E 68 21.07 -12.23 -44.39
C LEU E 68 21.40 -11.50 -45.69
N SER E 69 20.40 -11.33 -46.56
CA SER E 69 20.58 -10.57 -47.81
C SER E 69 20.96 -9.11 -47.55
N LYS E 70 20.46 -8.54 -46.46
CA LYS E 70 20.87 -7.19 -46.03
C LYS E 70 22.31 -7.16 -45.56
N LEU E 71 22.72 -8.19 -44.83
CA LEU E 71 24.08 -8.24 -44.33
C LEU E 71 25.06 -8.37 -45.50
N VAL E 72 24.67 -9.08 -46.55
CA VAL E 72 25.49 -9.15 -47.75
C VAL E 72 25.48 -7.79 -48.45
N LYS E 73 24.30 -7.32 -48.84
CA LYS E 73 24.24 -6.08 -49.63
C LYS E 73 24.75 -4.84 -48.89
N LYS E 74 25.11 -4.94 -47.61
CA LYS E 74 25.81 -3.85 -46.93
C LYS E 74 27.25 -4.23 -46.59
N GLY E 75 27.72 -5.34 -47.16
CA GLY E 75 29.14 -5.74 -47.02
C GLY E 75 29.54 -6.26 -45.68
N LYS E 76 28.56 -6.55 -44.82
CA LYS E 76 28.82 -7.10 -43.50
C LYS E 76 29.26 -8.57 -43.59
N ILE E 77 28.72 -9.32 -44.54
CA ILE E 77 29.15 -10.73 -44.76
C ILE E 77 29.25 -11.02 -46.25
N GLU E 78 29.97 -12.09 -46.58
CA GLU E 78 30.09 -12.61 -47.95
C GLU E 78 28.87 -13.42 -48.34
N GLU E 79 28.60 -13.42 -49.64
CA GLU E 79 27.51 -14.19 -50.22
C GLU E 79 27.65 -15.69 -49.87
N ALA E 80 28.87 -16.20 -49.87
CA ALA E 80 29.14 -17.59 -49.49
C ALA E 80 28.81 -17.90 -48.00
N THR E 81 28.96 -16.90 -47.15
CA THR E 81 28.62 -17.04 -45.74
C THR E 81 27.11 -17.16 -45.59
N LYS E 82 26.38 -16.28 -46.25
CA LYS E 82 24.92 -16.38 -46.25
C LYS E 82 24.44 -17.81 -46.59
N VAL E 83 25.05 -18.42 -47.59
CA VAL E 83 24.60 -19.73 -48.07
C VAL E 83 24.91 -20.79 -47.04
N GLU E 84 26.14 -20.79 -46.54
CA GLU E 84 26.57 -21.72 -45.48
C GLU E 84 25.60 -21.71 -44.33
N ILE E 85 25.21 -20.49 -43.94
CA ILE E 85 24.34 -20.25 -42.79
C ILE E 85 22.97 -20.86 -43.02
N LEU E 86 22.32 -20.53 -44.14
CA LEU E 86 21.03 -21.15 -44.48
C LEU E 86 21.11 -22.67 -44.62
N THR E 87 22.26 -23.17 -45.04
CA THR E 87 22.44 -24.61 -45.22
C THR E 87 22.37 -25.36 -43.87
N ARG E 88 22.87 -24.73 -42.80
CA ARG E 88 22.84 -25.32 -41.43
C ARG E 88 21.44 -25.32 -40.78
N ILE E 89 20.46 -24.76 -41.46
CA ILE E 89 19.10 -24.68 -40.96
C ILE E 89 18.22 -25.65 -41.76
N SER E 90 17.49 -26.52 -41.07
CA SER E 90 16.42 -27.35 -41.67
C SER E 90 15.08 -27.05 -41.01
N GLY E 91 14.11 -26.63 -41.81
CA GLY E 91 12.75 -26.44 -41.36
C GLY E 91 12.04 -27.78 -41.23
N THR E 92 11.13 -27.89 -40.28
CA THR E 92 10.30 -29.09 -40.13
C THR E 92 9.01 -28.74 -39.43
N VAL E 93 8.02 -29.60 -39.61
CA VAL E 93 6.77 -29.54 -38.83
C VAL E 93 6.69 -30.68 -37.81
N ASP E 94 7.78 -31.46 -37.74
CA ASP E 94 7.82 -32.66 -36.91
C ASP E 94 8.61 -32.43 -35.63
N LEU E 95 7.90 -32.43 -34.52
CA LEU E 95 8.54 -32.19 -33.21
C LEU E 95 9.55 -33.27 -32.87
N ASN E 96 9.34 -34.49 -33.39
CA ASN E 96 10.31 -35.58 -33.17
C ASN E 96 11.70 -35.25 -33.71
N MET E 97 11.82 -34.27 -34.61
CA MET E 97 13.16 -33.85 -35.06
C MET E 97 13.99 -33.20 -33.93
N ALA E 98 13.36 -32.92 -32.79
CA ALA E 98 14.10 -32.38 -31.65
C ALA E 98 14.88 -33.46 -30.89
N ALA E 99 14.53 -34.73 -31.11
CA ALA E 99 14.97 -35.85 -30.27
C ALA E 99 16.45 -35.93 -29.91
N ASP E 100 17.34 -35.77 -30.91
CA ASP E 100 18.78 -35.86 -30.64
C ASP E 100 19.50 -34.52 -30.46
N CYS E 101 18.75 -33.44 -30.36
CA CYS E 101 19.35 -32.12 -30.18
C CYS E 101 19.88 -31.99 -28.77
N ASP E 102 20.88 -31.12 -28.61
CA ASP E 102 21.59 -30.95 -27.36
C ASP E 102 20.99 -29.84 -26.54
N LEU E 103 20.34 -28.91 -27.24
CA LEU E 103 19.68 -27.76 -26.66
C LEU E 103 18.42 -27.54 -27.48
N VAL E 104 17.29 -27.40 -26.81
CA VAL E 104 16.06 -26.95 -27.46
C VAL E 104 15.68 -25.58 -26.91
N ILE E 105 15.40 -24.61 -27.79
CA ILE E 105 14.93 -23.29 -27.35
C ILE E 105 13.49 -23.12 -27.82
N GLU E 106 12.60 -22.90 -26.87
CA GLU E 106 11.19 -22.69 -27.18
C GLU E 106 10.86 -21.22 -27.26
N ALA E 107 10.32 -20.83 -28.41
CA ALA E 107 9.89 -19.47 -28.68
C ALA E 107 8.54 -19.48 -29.38
N ALA E 108 7.58 -20.19 -28.79
CA ALA E 108 6.36 -20.48 -29.51
C ALA E 108 5.20 -19.52 -29.21
N VAL E 109 4.63 -19.61 -28.03
CA VAL E 109 3.45 -18.81 -27.71
C VAL E 109 3.43 -18.67 -26.20
N GLU E 110 3.18 -17.46 -25.74
CA GLU E 110 3.24 -17.13 -24.33
C GLU E 110 1.96 -17.58 -23.59
N ARG E 111 1.77 -18.90 -23.46
CA ARG E 111 0.67 -19.48 -22.67
C ARG E 111 1.25 -20.55 -21.78
N MET E 112 0.95 -20.52 -20.50
CA MET E 112 1.57 -21.45 -19.56
C MET E 112 1.22 -22.92 -19.91
N ASP E 113 -0.04 -23.16 -20.25
CA ASP E 113 -0.48 -24.52 -20.58
C ASP E 113 0.34 -25.09 -21.75
N ILE E 114 0.52 -24.28 -22.77
CA ILE E 114 1.26 -24.70 -23.95
C ILE E 114 2.76 -24.90 -23.67
N LYS E 115 3.38 -24.00 -22.92
CA LYS E 115 4.79 -24.21 -22.57
C LYS E 115 4.93 -25.52 -21.80
N LYS E 116 4.03 -25.73 -20.84
CA LYS E 116 4.04 -26.96 -20.07
C LYS E 116 3.91 -28.19 -20.99
N GLN E 117 2.96 -28.10 -21.92
CA GLN E 117 2.66 -29.19 -22.84
C GLN E 117 3.88 -29.52 -23.70
N ILE E 118 4.49 -28.49 -24.26
CA ILE E 118 5.65 -28.67 -25.12
C ILE E 118 6.80 -29.30 -24.36
N PHE E 119 7.07 -28.79 -23.16
CA PHE E 119 8.21 -29.22 -22.37
C PHE E 119 8.00 -30.63 -21.80
N ALA E 120 6.77 -30.94 -21.41
CA ALA E 120 6.39 -32.31 -20.99
C ALA E 120 6.70 -33.30 -22.09
N ASP E 121 6.23 -32.99 -23.28
CA ASP E 121 6.44 -33.84 -24.45
C ASP E 121 7.93 -33.93 -24.82
N LEU E 122 8.63 -32.80 -24.82
CA LEU E 122 10.06 -32.80 -25.15
C LEU E 122 10.87 -33.66 -24.19
N ASP E 123 10.46 -33.64 -22.93
CA ASP E 123 11.11 -34.42 -21.89
C ASP E 123 11.07 -35.92 -22.24
N ASN E 124 9.97 -36.35 -22.83
CA ASN E 124 9.79 -37.73 -23.29
C ASN E 124 10.49 -38.01 -24.60
N ILE E 125 10.44 -37.04 -25.51
CA ILE E 125 11.02 -37.18 -26.86
C ILE E 125 12.56 -37.12 -26.88
N CYS E 126 13.15 -36.24 -26.10
CA CYS E 126 14.56 -35.93 -26.25
C CYS E 126 15.38 -36.88 -25.45
N LYS E 127 16.59 -37.10 -25.91
CA LYS E 127 17.57 -37.86 -25.18
C LYS E 127 17.79 -37.19 -23.81
N PRO E 128 18.32 -37.93 -22.82
CA PRO E 128 18.46 -37.40 -21.46
C PRO E 128 19.34 -36.15 -21.33
N GLU E 129 20.34 -36.00 -22.21
CA GLU E 129 21.29 -34.91 -22.07
C GLU E 129 20.74 -33.54 -22.52
N THR E 130 19.63 -33.56 -23.25
CA THR E 130 19.09 -32.37 -23.85
C THR E 130 18.71 -31.32 -22.78
N ILE E 131 19.20 -30.10 -22.96
CA ILE E 131 18.78 -28.96 -22.13
C ILE E 131 17.58 -28.32 -22.81
N LEU E 132 16.55 -28.01 -22.01
CA LEU E 132 15.30 -27.41 -22.50
C LEU E 132 15.18 -25.96 -22.04
N ALA E 133 15.29 -25.00 -22.96
CA ALA E 133 15.25 -23.56 -22.62
C ALA E 133 14.01 -22.87 -23.16
N SER E 134 13.52 -21.88 -22.43
CA SER E 134 12.39 -21.05 -22.89
C SER E 134 12.81 -19.59 -23.01
N ASN E 135 12.28 -18.93 -24.05
CA ASN E 135 12.52 -17.52 -24.33
C ASN E 135 11.49 -16.59 -23.70
N THR E 136 10.62 -17.15 -22.86
CA THR E 136 9.54 -16.41 -22.20
C THR E 136 10.03 -15.13 -21.45
N SER E 137 9.22 -14.07 -21.52
CA SER E 137 9.37 -12.83 -20.73
C SER E 137 8.65 -12.89 -19.39
N SER E 138 7.53 -13.62 -19.37
CA SER E 138 6.53 -13.45 -18.33
C SER E 138 6.18 -14.70 -17.53
N LEU E 139 6.48 -15.88 -18.06
CA LEU E 139 6.04 -17.11 -17.43
C LEU E 139 7.17 -17.73 -16.61
N SER E 140 6.78 -18.37 -15.51
CA SER E 140 7.70 -19.01 -14.56
C SER E 140 8.46 -20.21 -15.15
N ILE E 141 9.78 -20.11 -15.17
CA ILE E 141 10.65 -21.21 -15.59
C ILE E 141 10.50 -22.39 -14.65
N THR E 142 10.48 -22.12 -13.35
CA THR E 142 10.31 -23.15 -12.33
C THR E 142 9.05 -23.95 -12.62
N GLU E 143 7.94 -23.26 -12.90
CA GLU E 143 6.69 -23.93 -13.11
C GLU E 143 6.75 -24.79 -14.37
N VAL E 144 7.35 -24.25 -15.43
CA VAL E 144 7.49 -25.02 -16.68
C VAL E 144 8.35 -26.27 -16.44
N ALA E 145 9.43 -26.11 -15.68
CA ALA E 145 10.34 -27.19 -15.37
C ALA E 145 9.64 -28.30 -14.59
N SER E 146 8.72 -27.93 -13.70
CA SER E 146 7.97 -28.92 -12.93
C SER E 146 7.05 -29.85 -13.77
N ALA E 147 6.74 -29.51 -15.01
CA ALA E 147 5.99 -30.41 -15.89
C ALA E 147 6.91 -31.42 -16.58
N THR E 148 8.20 -31.38 -16.26
CA THR E 148 9.17 -32.33 -16.78
C THR E 148 9.70 -33.15 -15.61
N LYS E 149 10.33 -34.27 -15.94
CA LYS E 149 11.12 -35.04 -14.98
C LYS E 149 12.60 -34.67 -15.10
N ARG E 150 12.93 -33.60 -15.83
CA ARG E 150 14.30 -33.10 -15.88
C ARG E 150 14.40 -31.64 -15.48
N PRO E 151 13.84 -31.28 -14.31
CA PRO E 151 13.85 -29.89 -13.90
C PRO E 151 15.26 -29.30 -13.80
N ASP E 152 16.26 -30.12 -13.49
CA ASP E 152 17.65 -29.65 -13.44
C ASP E 152 18.16 -29.20 -14.83
N LYS E 153 17.47 -29.63 -15.89
CA LYS E 153 17.86 -29.34 -17.26
C LYS E 153 17.02 -28.24 -17.90
N VAL E 154 16.16 -27.59 -17.13
CA VAL E 154 15.27 -26.60 -17.72
C VAL E 154 15.76 -25.22 -17.29
N ILE E 155 15.62 -24.25 -18.19
CA ILE E 155 16.23 -22.94 -17.97
C ILE E 155 15.55 -21.93 -18.86
N GLY E 156 15.77 -20.66 -18.56
CA GLY E 156 15.31 -19.59 -19.44
C GLY E 156 16.49 -19.03 -20.21
N MET E 157 16.27 -18.79 -21.51
CA MET E 157 17.22 -18.05 -22.34
C MET E 157 16.46 -16.93 -22.98
N HIS E 158 16.50 -15.77 -22.35
CA HIS E 158 15.74 -14.62 -22.76
C HIS E 158 16.54 -13.71 -23.70
N PHE E 159 16.20 -13.80 -24.98
CA PHE E 159 16.79 -13.00 -26.04
C PHE E 159 16.14 -11.63 -26.19
N PHE E 160 16.85 -10.70 -26.80
CA PHE E 160 16.28 -9.39 -27.10
C PHE E 160 16.17 -9.14 -28.61
N ASN E 161 15.04 -8.54 -28.98
CA ASN E 161 14.70 -8.27 -30.36
C ASN E 161 15.53 -7.10 -30.89
N PRO E 162 16.21 -7.25 -32.04
CA PRO E 162 16.32 -8.46 -32.88
C PRO E 162 17.40 -9.40 -32.37
N ALA E 163 17.01 -10.66 -32.26
CA ALA E 163 17.85 -11.66 -31.64
C ALA E 163 19.18 -11.84 -32.34
N PRO E 164 19.21 -11.73 -33.68
CA PRO E 164 20.54 -11.88 -34.28
C PRO E 164 21.55 -10.76 -33.94
N VAL E 165 21.05 -9.57 -33.58
CA VAL E 165 21.92 -8.40 -33.36
C VAL E 165 22.16 -8.13 -31.85
N MET E 166 21.10 -8.19 -31.06
CA MET E 166 21.19 -7.85 -29.64
C MET E 166 22.09 -8.81 -28.92
N LYS E 167 23.10 -8.28 -28.25
CA LYS E 167 24.09 -9.09 -27.55
C LYS E 167 23.61 -9.68 -26.21
N LEU E 168 22.68 -9.00 -25.55
CA LEU E 168 22.30 -9.42 -24.19
C LEU E 168 21.49 -10.67 -24.24
N VAL E 169 21.78 -11.62 -23.36
CA VAL E 169 20.85 -12.69 -23.03
C VAL E 169 20.70 -12.76 -21.50
N GLU E 170 19.47 -12.73 -21.03
CA GLU E 170 19.21 -13.01 -19.63
C GLU E 170 19.01 -14.51 -19.50
N VAL E 171 19.94 -15.15 -18.82
CA VAL E 171 19.83 -16.59 -18.53
C VAL E 171 19.14 -16.76 -17.18
N ILE E 172 17.96 -17.37 -17.24
CA ILE E 172 17.04 -17.40 -16.11
C ILE E 172 17.08 -18.78 -15.46
N ARG E 173 17.56 -18.82 -14.22
CA ARG E 173 17.59 -20.08 -13.49
C ARG E 173 16.31 -20.29 -12.70
N GLY E 174 15.61 -21.37 -13.02
CA GLY E 174 14.56 -21.87 -12.16
C GLY E 174 15.20 -22.28 -10.85
N ILE E 175 14.42 -22.44 -9.80
CA ILE E 175 15.02 -22.82 -8.54
C ILE E 175 15.68 -24.20 -8.62
N ALA E 176 15.22 -25.09 -9.51
CA ALA E 176 15.85 -26.40 -9.69
C ALA E 176 16.93 -26.44 -10.78
N THR E 177 17.16 -25.34 -11.51
CA THR E 177 18.16 -25.39 -12.59
C THR E 177 19.54 -25.68 -11.99
N SER E 178 20.25 -26.66 -12.55
CA SER E 178 21.55 -27.08 -12.01
C SER E 178 22.67 -26.13 -12.40
N GLN E 179 23.74 -26.08 -11.61
CA GLN E 179 24.92 -25.34 -12.01
C GLN E 179 25.42 -25.80 -13.38
N GLU E 180 25.38 -27.10 -13.63
CA GLU E 180 25.82 -27.70 -14.91
C GLU E 180 25.06 -27.13 -16.08
N THR E 181 23.74 -27.15 -15.96
CA THR E 181 22.86 -26.64 -17.01
C THR E 181 23.16 -25.17 -17.22
N PHE E 182 23.28 -24.41 -16.13
CA PHE E 182 23.55 -22.98 -16.27
C PHE E 182 24.84 -22.73 -17.03
N ASP E 183 25.93 -23.38 -16.59
CA ASP E 183 27.25 -23.18 -17.24
C ASP E 183 27.27 -23.61 -18.70
N ALA E 184 26.54 -24.66 -19.03
CA ALA E 184 26.45 -25.09 -20.40
C ALA E 184 25.83 -23.98 -21.26
N VAL E 185 24.74 -23.41 -20.74
CA VAL E 185 24.00 -22.40 -21.46
C VAL E 185 24.77 -21.10 -21.47
N LYS E 186 25.52 -20.82 -20.41
CA LYS E 186 26.39 -19.65 -20.43
C LYS E 186 27.43 -19.79 -21.53
N GLU E 187 28.12 -20.95 -21.58
CA GLU E 187 29.13 -21.23 -22.61
C GLU E 187 28.54 -21.12 -24.02
N THR E 188 27.37 -21.71 -24.22
CA THR E 188 26.71 -21.65 -25.50
C THR E 188 26.33 -20.20 -25.86
N SER E 189 25.88 -19.43 -24.88
CA SER E 189 25.53 -18.04 -25.14
C SER E 189 26.75 -17.23 -25.64
N ILE E 190 27.90 -17.44 -25.00
CA ILE E 190 29.15 -16.79 -25.44
C ILE E 190 29.55 -17.30 -26.82
N ALA E 191 29.43 -18.61 -27.01
CA ALA E 191 29.80 -19.22 -28.27
C ALA E 191 29.02 -18.62 -29.42
N ILE E 192 27.76 -18.24 -29.20
CA ILE E 192 27.03 -17.55 -30.28
C ILE E 192 27.21 -16.03 -30.28
N GLY E 193 28.27 -15.55 -29.65
CA GLY E 193 28.61 -14.12 -29.65
C GLY E 193 27.72 -13.24 -28.80
N LYS E 194 27.04 -13.82 -27.82
CA LYS E 194 26.22 -13.03 -26.90
C LYS E 194 26.92 -12.79 -25.57
N ASP E 195 26.33 -11.89 -24.80
CA ASP E 195 26.84 -11.44 -23.53
C ASP E 195 25.81 -11.86 -22.45
N PRO E 196 25.95 -13.07 -21.88
CA PRO E 196 24.90 -13.54 -20.98
C PRO E 196 25.04 -12.98 -19.56
N VAL E 197 23.89 -12.81 -18.90
CA VAL E 197 23.88 -12.47 -17.47
C VAL E 197 23.10 -13.53 -16.72
N GLU E 198 23.46 -13.78 -15.46
CA GLU E 198 22.79 -14.79 -14.62
C GLU E 198 21.68 -14.15 -13.77
N VAL E 199 20.47 -14.70 -13.90
CA VAL E 199 19.28 -14.18 -13.22
C VAL E 199 18.49 -15.28 -12.52
N ALA E 200 18.34 -15.17 -11.21
CA ALA E 200 17.51 -16.10 -10.47
C ALA E 200 16.06 -15.73 -10.77
N GLU E 201 15.24 -16.70 -11.15
CA GLU E 201 13.86 -16.38 -11.56
C GLU E 201 13.16 -15.40 -10.64
N ALA E 202 12.62 -14.35 -11.23
CA ALA E 202 11.86 -13.37 -10.47
C ALA E 202 11.08 -12.53 -11.47
N PRO E 203 9.96 -11.92 -11.05
CA PRO E 203 9.13 -11.21 -12.00
C PRO E 203 9.84 -10.07 -12.76
N GLY E 204 9.84 -10.15 -14.08
CA GLY E 204 10.50 -9.16 -14.97
C GLY E 204 12.01 -9.29 -15.12
N PHE E 205 12.58 -10.34 -14.54
CA PHE E 205 14.04 -10.58 -14.56
C PHE E 205 14.80 -9.31 -14.14
N VAL E 206 15.74 -8.82 -14.95
CA VAL E 206 16.36 -7.53 -14.65
C VAL E 206 15.74 -6.45 -15.54
N VAL E 207 15.84 -6.59 -16.86
CA VAL E 207 15.56 -5.44 -17.75
C VAL E 207 14.15 -4.93 -17.62
N ASN E 208 13.18 -5.80 -17.83
CA ASN E 208 11.79 -5.40 -17.78
C ASN E 208 11.33 -4.95 -16.40
N ARG E 209 11.88 -5.59 -15.37
CA ARG E 209 11.58 -5.22 -13.98
C ARG E 209 11.91 -3.77 -13.66
N ILE E 210 12.94 -3.25 -14.31
CA ILE E 210 13.37 -1.85 -14.13
C ILE E 210 12.78 -0.92 -15.18
N LEU E 211 12.81 -1.35 -16.43
CA LEU E 211 12.52 -0.46 -17.56
C LEU E 211 11.04 -0.14 -17.64
N ILE E 212 10.20 -1.17 -17.58
CA ILE E 212 8.80 -0.92 -17.79
C ILE E 212 8.16 -0.01 -16.73
N PRO E 213 8.46 -0.21 -15.44
CA PRO E 213 7.95 0.77 -14.48
C PRO E 213 8.39 2.23 -14.70
N MET E 214 9.53 2.44 -15.35
CA MET E 214 9.97 3.78 -15.72
C MET E 214 8.96 4.38 -16.69
N ILE E 215 8.53 3.55 -17.62
CA ILE E 215 7.56 3.97 -18.60
C ILE E 215 6.23 4.21 -17.92
N ASN E 216 5.82 3.27 -17.06
CA ASN E 216 4.60 3.44 -16.29
C ASN E 216 4.63 4.72 -15.45
N GLU E 217 5.79 5.06 -14.91
CA GLU E 217 5.93 6.30 -14.10
C GLU E 217 5.68 7.53 -14.99
N ALA E 218 6.23 7.50 -16.21
CA ALA E 218 6.06 8.62 -17.16
C ALA E 218 4.58 8.84 -17.44
N VAL E 219 3.86 7.75 -17.57
CA VAL E 219 2.44 7.83 -17.83
C VAL E 219 1.73 8.59 -16.71
N GLY E 220 2.15 8.40 -15.46
CA GLY E 220 1.52 9.03 -14.33
C GLY E 220 1.79 10.52 -14.29
N ILE E 221 3.00 10.90 -14.67
CA ILE E 221 3.34 12.31 -14.76
C ILE E 221 2.47 13.00 -15.83
N LEU E 222 2.26 12.33 -16.97
CA LEU E 222 1.39 12.82 -18.01
C LEU E 222 -0.06 12.96 -17.51
N ALA E 223 -0.57 11.89 -16.92
CA ALA E 223 -1.95 11.88 -16.40
C ALA E 223 -2.25 13.03 -15.47
N GLU E 224 -1.26 13.45 -14.68
CA GLU E 224 -1.52 14.51 -13.69
C GLU E 224 -1.24 15.94 -14.20
N GLY E 225 -1.07 16.06 -15.50
CA GLY E 225 -0.84 17.34 -16.14
C GLY E 225 0.47 17.98 -15.74
N ILE E 226 1.43 17.18 -15.28
CA ILE E 226 2.69 17.74 -14.81
C ILE E 226 3.60 18.21 -15.95
N ALA E 227 3.59 17.48 -17.06
CA ALA E 227 4.28 17.91 -18.26
C ALA E 227 3.69 17.20 -19.45
N SER E 228 3.90 17.73 -20.64
CA SER E 228 3.42 17.12 -21.86
C SER E 228 4.22 15.89 -22.25
N VAL E 229 3.68 15.13 -23.20
CA VAL E 229 4.35 13.95 -23.73
C VAL E 229 5.75 14.33 -24.21
N GLU E 230 5.81 15.37 -25.04
CA GLU E 230 7.04 15.78 -25.68
C GLU E 230 8.06 16.22 -24.67
N ASP E 231 7.58 16.96 -23.67
CA ASP E 231 8.49 17.52 -22.67
C ASP E 231 9.03 16.43 -21.75
N ILE E 232 8.20 15.46 -21.40
CA ILE E 232 8.62 14.29 -20.59
C ILE E 232 9.74 13.55 -21.30
N ASP E 233 9.55 13.28 -22.59
CA ASP E 233 10.55 12.53 -23.33
C ASP E 233 11.85 13.31 -23.53
N LYS E 234 11.74 14.61 -23.74
CA LYS E 234 12.92 15.46 -23.90
C LYS E 234 13.65 15.55 -22.59
N ALA E 235 12.91 15.68 -21.49
CA ALA E 235 13.52 15.74 -20.18
C ALA E 235 14.37 14.50 -19.96
N MET E 236 13.81 13.32 -20.27
CA MET E 236 14.56 12.09 -20.05
C MET E 236 15.74 11.96 -20.99
N LYS E 237 15.59 12.35 -22.26
CA LYS E 237 16.70 12.21 -23.20
C LYS E 237 17.85 13.12 -22.84
N LEU E 238 17.56 14.39 -22.61
CA LEU E 238 18.61 15.36 -22.34
C LEU E 238 19.09 15.23 -20.90
N GLY E 239 18.18 14.92 -19.98
CA GLY E 239 18.49 14.94 -18.56
C GLY E 239 19.16 13.68 -18.06
N ALA E 240 18.83 12.55 -18.65
CA ALA E 240 19.40 11.26 -18.24
C ALA E 240 20.31 10.66 -19.31
N ASN E 241 20.55 11.41 -20.39
CA ASN E 241 21.29 10.89 -21.54
C ASN E 241 20.77 9.53 -22.06
N HIS E 242 19.46 9.44 -22.21
CA HIS E 242 18.79 8.27 -22.79
C HIS E 242 18.55 8.48 -24.29
N PRO E 243 18.65 7.42 -25.10
CA PRO E 243 18.40 7.55 -26.52
C PRO E 243 16.92 7.78 -26.84
N MET E 244 16.04 7.17 -26.09
CA MET E 244 14.62 7.42 -26.29
C MET E 244 13.98 7.82 -24.98
N GLY E 245 13.00 8.69 -25.05
CA GLY E 245 12.20 9.00 -23.90
C GLY E 245 11.26 7.86 -23.56
N PRO E 246 10.73 7.84 -22.32
CA PRO E 246 9.91 6.71 -21.86
C PRO E 246 8.62 6.53 -22.64
N LEU E 247 7.99 7.63 -23.06
CA LEU E 247 6.70 7.49 -23.73
C LEU E 247 6.89 6.99 -25.19
N GLU E 248 7.80 7.61 -25.93
CA GLU E 248 8.14 7.12 -27.25
C GLU E 248 8.74 5.70 -27.17
N LEU E 249 9.45 5.39 -26.10
CA LEU E 249 9.93 4.02 -25.94
C LEU E 249 8.73 3.09 -25.75
N GLY E 250 7.77 3.53 -24.97
CA GLY E 250 6.54 2.77 -24.77
C GLY E 250 5.90 2.44 -26.10
N ASP E 251 5.73 3.46 -26.94
CA ASP E 251 5.10 3.31 -28.25
C ASP E 251 5.88 2.35 -29.13
N PHE E 252 7.20 2.33 -28.96
CA PHE E 252 8.07 1.48 -29.74
C PHE E 252 7.94 0.01 -29.34
N ILE E 253 7.98 -0.24 -28.05
CA ILE E 253 7.83 -1.59 -27.52
C ILE E 253 6.41 -2.08 -27.77
N GLY E 254 5.46 -1.16 -27.73
CA GLY E 254 4.03 -1.49 -27.78
C GLY E 254 3.36 -1.38 -26.40
N LEU E 255 2.30 -0.62 -26.30
CA LEU E 255 1.73 -0.29 -25.01
C LEU E 255 0.98 -1.47 -24.41
N ASP E 256 0.49 -2.37 -25.28
CA ASP E 256 -0.10 -3.63 -24.86
C ASP E 256 0.94 -4.46 -24.14
N ILE E 257 2.14 -4.55 -24.72
CA ILE E 257 3.23 -5.28 -24.10
C ILE E 257 3.59 -4.65 -22.76
N CYS E 258 3.61 -3.31 -22.70
CA CYS E 258 3.98 -2.59 -21.48
C CYS E 258 2.95 -2.84 -20.37
N LEU E 259 1.67 -2.82 -20.73
CA LEU E 259 0.62 -3.08 -19.77
C LEU E 259 0.66 -4.53 -19.28
N ALA E 260 0.85 -5.48 -20.19
CA ALA E 260 0.91 -6.90 -19.82
C ALA E 260 2.06 -7.18 -18.87
N ILE E 261 3.19 -6.53 -19.08
CA ILE E 261 4.28 -6.64 -18.15
C ILE E 261 3.95 -6.04 -16.78
N MET E 262 3.43 -4.81 -16.74
CA MET E 262 3.03 -4.25 -15.45
C MET E 262 2.00 -5.16 -14.77
N ASP E 263 1.09 -5.75 -15.53
CA ASP E 263 0.11 -6.66 -14.95
C ASP E 263 0.83 -7.82 -14.30
N VAL E 264 1.84 -8.35 -14.95
CA VAL E 264 2.55 -9.49 -14.37
C VAL E 264 3.29 -9.09 -13.11
N LEU E 265 3.87 -7.89 -13.10
CA LEU E 265 4.65 -7.47 -11.95
C LEU E 265 3.72 -7.29 -10.77
N TYR E 266 2.57 -6.69 -10.99
CA TYR E 266 1.60 -6.47 -9.93
C TYR E 266 1.03 -7.82 -9.44
N SER E 267 0.69 -8.66 -10.39
CA SER E 267 0.16 -9.97 -10.11
C SER E 267 1.12 -10.85 -9.30
N GLU E 268 2.39 -10.89 -9.68
CA GLU E 268 3.36 -11.78 -9.04
C GLU E 268 3.83 -11.25 -7.68
N THR E 269 4.16 -9.97 -7.63
CA THR E 269 4.61 -9.35 -6.39
C THR E 269 3.49 -9.17 -5.35
N GLY E 270 2.26 -9.00 -5.79
CA GLY E 270 1.19 -8.58 -4.90
C GLY E 270 1.34 -7.15 -4.33
N ASP E 271 2.26 -6.38 -4.90
CA ASP E 271 2.62 -5.07 -4.37
C ASP E 271 2.15 -3.99 -5.34
N SER E 272 1.34 -3.09 -4.81
CA SER E 272 0.79 -1.93 -5.49
C SER E 272 1.78 -0.95 -6.08
N LYS E 273 3.02 -1.05 -5.62
CA LYS E 273 4.13 -0.37 -6.21
C LYS E 273 4.11 -0.52 -7.73
N TYR E 274 3.79 -1.73 -8.20
CA TYR E 274 3.84 -2.06 -9.63
C TYR E 274 2.47 -2.02 -10.33
N ARG E 275 1.47 -1.34 -9.76
CA ARG E 275 0.15 -1.24 -10.38
C ARG E 275 0.25 -0.45 -11.68
N PRO E 276 -0.29 -1.00 -12.79
CA PRO E 276 -0.27 -0.21 -14.03
C PRO E 276 -1.16 1.00 -13.95
N HIS E 277 -0.69 2.13 -14.46
CA HIS E 277 -1.50 3.35 -14.41
C HIS E 277 -2.77 3.19 -15.23
N THR E 278 -3.85 3.72 -14.69
CA THR E 278 -5.16 3.63 -15.35
C THR E 278 -5.19 4.28 -16.74
N LEU E 279 -4.33 5.28 -16.94
CA LEU E 279 -4.21 5.96 -18.24
C LEU E 279 -3.64 5.02 -19.29
N LEU E 280 -2.64 4.24 -18.90
CA LEU E 280 -2.07 3.23 -19.77
C LEU E 280 -3.16 2.27 -20.19
N LYS E 281 -3.99 1.87 -19.23
CA LYS E 281 -5.05 0.91 -19.53
C LYS E 281 -5.97 1.50 -20.58
N LYS E 282 -6.27 2.80 -20.46
CA LYS E 282 -7.17 3.47 -21.40
C LYS E 282 -6.61 3.56 -22.85
N TYR E 283 -5.32 3.84 -22.97
CA TYR E 283 -4.68 3.89 -24.26
C TYR E 283 -4.76 2.55 -24.96
N VAL E 284 -4.49 1.49 -24.22
CA VAL E 284 -4.48 0.16 -24.79
C VAL E 284 -5.89 -0.23 -25.20
N ARG E 285 -6.89 0.09 -24.39
CA ARG E 285 -8.26 -0.25 -24.73
C ARG E 285 -8.72 0.44 -26.00
N ALA E 286 -8.17 1.62 -26.27
CA ALA E 286 -8.46 2.34 -27.51
C ALA E 286 -7.86 1.70 -28.75
N GLY E 287 -6.91 0.79 -28.58
CA GLY E 287 -6.15 0.22 -29.69
C GLY E 287 -5.02 1.17 -30.08
N TRP E 288 -4.74 2.15 -29.22
CA TRP E 288 -3.62 3.05 -29.43
C TRP E 288 -2.34 2.45 -28.82
N LEU E 289 -1.83 1.44 -29.50
CA LEU E 289 -0.76 0.59 -28.99
C LEU E 289 0.65 1.07 -29.28
N GLY E 290 0.77 2.17 -30.01
CA GLY E 290 2.08 2.69 -30.37
C GLY E 290 2.36 2.59 -31.85
N ARG E 291 3.62 2.37 -32.19
CA ARG E 291 4.03 2.39 -33.58
C ARG E 291 3.29 1.33 -34.40
N LYS E 292 3.16 0.13 -33.82
CA LYS E 292 2.57 -1.02 -34.51
C LYS E 292 1.14 -0.76 -34.97
N SER E 293 0.44 0.16 -34.31
CA SER E 293 -0.93 0.51 -34.68
C SER E 293 -1.03 1.92 -35.30
N GLY E 294 0.10 2.61 -35.40
CA GLY E 294 0.16 3.95 -35.96
C GLY E 294 -0.21 5.07 -34.99
N LYS E 295 -0.53 4.70 -33.74
CA LYS E 295 -0.84 5.69 -32.72
C LYS E 295 -0.66 5.12 -31.32
N GLY E 296 0.01 5.88 -30.47
CA GLY E 296 0.13 5.57 -29.04
C GLY E 296 0.17 6.90 -28.35
N PHE E 297 1.19 7.16 -27.56
CA PHE E 297 1.40 8.50 -27.01
C PHE E 297 1.68 9.55 -28.12
N TYR E 298 2.26 9.13 -29.24
CA TYR E 298 2.41 9.99 -30.41
C TYR E 298 1.63 9.48 -31.63
N ASP E 299 1.42 10.36 -32.61
CA ASP E 299 0.90 9.96 -33.94
C ASP E 299 2.00 9.54 -34.89
N TYR E 300 1.85 8.37 -35.50
CA TYR E 300 2.87 7.84 -36.42
C TYR E 300 2.34 7.77 -37.86
N SER E 301 1.26 7.02 -38.05
CA SER E 301 0.67 6.85 -39.38
C SER E 301 -0.11 8.10 -39.77
N LYS E 302 -0.96 8.58 -38.85
CA LYS E 302 -1.81 9.80 -38.95
C LYS E 302 -3.27 9.50 -39.35
N LYS F 22 -24.66 21.59 36.17
CA LYS F 22 -24.94 22.87 36.91
C LYS F 22 -23.97 24.02 36.58
N LYS F 23 -22.68 23.85 36.85
CA LYS F 23 -21.72 24.94 36.59
C LYS F 23 -20.58 24.53 35.68
N VAL F 24 -20.41 25.26 34.58
CA VAL F 24 -19.47 24.89 33.51
C VAL F 24 -18.37 25.93 33.28
N CYS F 25 -17.15 25.44 33.05
CA CYS F 25 -16.04 26.29 32.63
C CYS F 25 -15.59 25.96 31.21
N VAL F 26 -15.48 26.97 30.37
CA VAL F 26 -14.98 26.82 29.00
C VAL F 26 -13.59 27.48 28.92
N ILE F 27 -12.59 26.69 28.59
CA ILE F 27 -11.23 27.19 28.49
C ILE F 27 -10.97 27.56 27.03
N GLY F 28 -10.84 28.85 26.77
CA GLY F 28 -10.57 29.37 25.43
C GLY F 28 -11.78 30.14 24.92
N ALA F 29 -11.59 31.40 24.56
CA ALA F 29 -12.70 32.27 24.13
C ALA F 29 -12.59 32.63 22.66
N GLY F 30 -12.13 31.67 21.85
CA GLY F 30 -12.08 31.84 20.40
C GLY F 30 -13.41 31.49 19.78
N THR F 31 -13.37 31.00 18.55
CA THR F 31 -14.59 30.73 17.80
C THR F 31 -15.48 29.64 18.42
N MET F 32 -14.90 28.47 18.69
CA MET F 32 -15.64 27.38 19.33
C MET F 32 -15.91 27.63 20.80
N GLY F 33 -14.89 28.04 21.55
CA GLY F 33 -15.08 28.34 22.96
C GLY F 33 -16.26 29.27 23.24
N SER F 34 -16.30 30.39 22.51
CA SER F 34 -17.38 31.40 22.68
C SER F 34 -18.75 30.82 22.35
N GLY F 35 -18.83 30.05 21.28
CA GLY F 35 -20.07 29.38 20.89
C GLY F 35 -20.53 28.31 21.87
N ILE F 36 -19.60 27.52 22.39
CA ILE F 36 -19.95 26.55 23.42
C ILE F 36 -20.48 27.27 24.66
N ALA F 37 -19.81 28.34 25.07
CA ALA F 37 -20.25 29.13 26.22
C ALA F 37 -21.69 29.65 26.02
N GLN F 38 -21.97 30.20 24.84
CA GLN F 38 -23.30 30.65 24.49
C GLN F 38 -24.32 29.53 24.56
N ALA F 39 -23.95 28.34 24.09
CA ALA F 39 -24.90 27.21 24.03
C ALA F 39 -25.36 26.78 25.42
N PHE F 40 -24.41 26.67 26.35
CA PHE F 40 -24.73 26.32 27.73
C PHE F 40 -25.52 27.43 28.40
N ALA F 41 -25.01 28.65 28.28
CA ALA F 41 -25.65 29.80 28.91
C ALA F 41 -27.09 29.96 28.39
N ALA F 42 -27.28 29.64 27.12
CA ALA F 42 -28.62 29.69 26.50
C ALA F 42 -29.62 28.77 27.17
N LYS F 43 -29.14 27.72 27.81
CA LYS F 43 -30.01 26.69 28.40
C LYS F 43 -29.95 26.70 29.91
N GLY F 44 -29.64 27.87 30.47
CA GLY F 44 -29.74 28.08 31.89
C GLY F 44 -28.53 27.69 32.70
N PHE F 45 -27.42 27.31 32.07
CA PHE F 45 -26.24 26.91 32.85
C PHE F 45 -25.40 28.14 33.17
N GLU F 46 -24.80 28.18 34.36
CA GLU F 46 -23.84 29.23 34.70
C GLU F 46 -22.49 28.89 34.04
N VAL F 47 -21.85 29.89 33.44
CA VAL F 47 -20.66 29.65 32.64
C VAL F 47 -19.49 30.53 32.99
N VAL F 48 -18.35 29.92 33.30
CA VAL F 48 -17.08 30.63 33.39
C VAL F 48 -16.40 30.51 32.04
N LEU F 49 -15.92 31.63 31.51
CA LEU F 49 -15.23 31.65 30.21
C LEU F 49 -13.82 32.20 30.31
N ARG F 50 -12.83 31.30 30.27
CA ARG F 50 -11.44 31.66 30.52
C ARG F 50 -10.64 31.85 29.24
N ASP F 51 -9.85 32.93 29.20
CA ASP F 51 -8.79 33.04 28.23
C ASP F 51 -7.56 33.68 28.89
N ILE F 52 -6.56 34.06 28.11
CA ILE F 52 -5.25 34.42 28.69
C ILE F 52 -4.97 35.93 28.79
N LYS F 53 -5.80 36.72 28.11
CA LYS F 53 -5.75 38.19 28.16
C LYS F 53 -7.17 38.73 28.14
N ASP F 54 -7.41 39.81 28.88
CA ASP F 54 -8.71 40.50 28.88
C ASP F 54 -9.22 40.78 27.48
N GLU F 55 -8.30 41.14 26.58
CA GLU F 55 -8.64 41.42 25.21
C GLU F 55 -9.33 40.25 24.50
N PHE F 56 -8.82 39.05 24.76
CA PHE F 56 -9.33 37.86 24.12
C PHE F 56 -10.69 37.48 24.71
N VAL F 57 -10.81 37.59 26.03
CA VAL F 57 -12.09 37.38 26.72
C VAL F 57 -13.16 38.32 26.13
N ASP F 58 -12.85 39.61 26.07
CA ASP F 58 -13.80 40.61 25.58
C ASP F 58 -14.23 40.31 24.14
N ARG F 59 -13.27 39.93 23.31
CA ARG F 59 -13.55 39.56 21.93
C ARG F 59 -14.62 38.44 21.89
N GLY F 60 -14.47 37.46 22.77
CA GLY F 60 -15.46 36.36 22.86
C GLY F 60 -16.83 36.83 23.33
N LEU F 61 -16.86 37.60 24.41
CA LEU F 61 -18.11 38.16 24.89
C LEU F 61 -18.76 39.05 23.83
N ASP F 62 -17.99 39.89 23.15
CA ASP F 62 -18.52 40.70 22.04
C ASP F 62 -19.12 39.85 20.92
N PHE F 63 -18.48 38.72 20.65
CA PHE F 63 -18.92 37.84 19.55
C PHE F 63 -20.25 37.17 19.92
N ILE F 64 -20.35 36.74 21.18
CA ILE F 64 -21.57 36.13 21.69
C ILE F 64 -22.68 37.17 21.68
N ASN F 65 -22.38 38.38 22.14
CA ASN F 65 -23.34 39.45 22.20
C ASN F 65 -23.89 39.75 20.81
N LYS F 66 -22.99 39.82 19.83
CA LYS F 66 -23.37 40.03 18.45
C LYS F 66 -24.31 38.91 17.95
N ASN F 67 -23.95 37.65 18.21
CA ASN F 67 -24.80 36.52 17.81
C ASN F 67 -26.19 36.65 18.40
N LEU F 68 -26.23 36.95 19.70
CA LEU F 68 -27.49 37.10 20.42
C LEU F 68 -28.33 38.30 19.93
N SER F 69 -27.67 39.37 19.48
CA SER F 69 -28.39 40.52 18.87
C SER F 69 -29.04 40.11 17.57
N LYS F 70 -28.27 39.43 16.72
CA LYS F 70 -28.81 38.85 15.50
C LYS F 70 -30.09 38.07 15.79
N LEU F 71 -30.08 37.27 16.85
CA LEU F 71 -31.25 36.46 17.20
C LEU F 71 -32.46 37.27 17.67
N VAL F 72 -32.21 38.30 18.46
CA VAL F 72 -33.26 39.22 18.89
C VAL F 72 -33.81 39.97 17.67
N LYS F 73 -32.89 40.47 16.85
CA LYS F 73 -33.24 41.16 15.62
C LYS F 73 -34.15 40.31 14.74
N LYS F 74 -33.92 38.99 14.69
CA LYS F 74 -34.76 38.08 13.90
C LYS F 74 -36.04 37.63 14.61
N GLY F 75 -36.28 38.12 15.83
CA GLY F 75 -37.47 37.74 16.61
C GLY F 75 -37.42 36.32 17.16
N LYS F 76 -36.25 35.70 17.11
CA LYS F 76 -36.07 34.32 17.54
C LYS F 76 -36.03 34.23 19.07
N ILE F 77 -35.53 35.27 19.74
CA ILE F 77 -35.58 35.37 21.21
C ILE F 77 -35.93 36.79 21.66
N GLU F 78 -36.37 36.90 22.91
CA GLU F 78 -36.68 38.20 23.53
C GLU F 78 -35.39 38.91 23.90
N GLU F 79 -35.42 40.24 23.88
CA GLU F 79 -34.29 41.03 24.37
C GLU F 79 -33.92 40.66 25.81
N ALA F 80 -34.92 40.47 26.67
CA ALA F 80 -34.67 40.03 28.05
C ALA F 80 -33.94 38.69 28.10
N THR F 81 -34.15 37.86 27.07
CA THR F 81 -33.52 36.55 27.07
C THR F 81 -32.02 36.71 26.78
N LYS F 82 -31.68 37.51 25.76
CA LYS F 82 -30.28 37.85 25.47
C LYS F 82 -29.53 38.37 26.70
N VAL F 83 -30.20 39.22 27.47
CA VAL F 83 -29.60 39.75 28.70
C VAL F 83 -29.44 38.65 29.75
N GLU F 84 -30.47 37.83 29.96
CA GLU F 84 -30.38 36.73 30.94
C GLU F 84 -29.20 35.81 30.62
N ILE F 85 -29.01 35.56 29.33
CA ILE F 85 -27.97 34.66 28.86
C ILE F 85 -26.58 35.23 29.07
N LEU F 86 -26.40 36.50 28.71
CA LEU F 86 -25.11 37.17 28.88
C LEU F 86 -24.72 37.29 30.35
N THR F 87 -25.68 37.49 31.23
CA THR F 87 -25.39 37.62 32.65
C THR F 87 -24.96 36.29 33.27
N ARG F 88 -25.31 35.17 32.62
CA ARG F 88 -24.88 33.85 33.08
C ARG F 88 -23.43 33.51 32.75
N ILE F 89 -22.81 34.34 31.90
CA ILE F 89 -21.44 34.13 31.49
C ILE F 89 -20.52 35.10 32.22
N SER F 90 -19.52 34.57 32.93
CA SER F 90 -18.51 35.38 33.63
C SER F 90 -17.14 35.16 33.00
N GLY F 91 -16.65 36.18 32.31
CA GLY F 91 -15.31 36.15 31.72
C GLY F 91 -14.21 36.24 32.76
N THR F 92 -13.08 35.62 32.48
CA THR F 92 -11.97 35.62 33.43
C THR F 92 -10.68 35.25 32.72
N VAL F 93 -9.57 35.64 33.31
CA VAL F 93 -8.24 35.25 32.85
C VAL F 93 -7.61 34.33 33.87
N ASP F 94 -8.36 33.99 34.91
CA ASP F 94 -7.86 33.26 36.06
C ASP F 94 -8.32 31.80 36.05
N LEU F 95 -7.38 30.90 35.82
CA LEU F 95 -7.69 29.48 35.65
C LEU F 95 -8.28 28.83 36.91
N ASN F 96 -8.04 29.42 38.08
CA ASN F 96 -8.58 28.86 39.34
C ASN F 96 -10.08 28.98 39.45
N MET F 97 -10.67 29.90 38.68
CA MET F 97 -12.13 30.02 38.61
C MET F 97 -12.81 28.73 38.17
N ALA F 98 -12.01 27.78 37.68
CA ALA F 98 -12.55 26.51 37.22
C ALA F 98 -12.78 25.52 38.36
N ALA F 99 -12.21 25.81 39.54
CA ALA F 99 -12.07 24.83 40.63
C ALA F 99 -13.35 24.15 41.10
N ASP F 100 -14.45 24.91 41.21
CA ASP F 100 -15.71 24.37 41.72
C ASP F 100 -16.70 23.99 40.61
N CYS F 101 -16.28 24.08 39.35
CA CYS F 101 -17.15 23.70 38.22
C CYS F 101 -17.31 22.17 38.11
N ASP F 102 -18.49 21.75 37.64
CA ASP F 102 -18.82 20.34 37.49
C ASP F 102 -18.34 19.78 36.15
N LEU F 103 -18.17 20.68 35.16
CA LEU F 103 -17.73 20.31 33.81
C LEU F 103 -16.84 21.40 33.24
N VAL F 104 -15.70 20.99 32.72
CA VAL F 104 -14.79 21.88 32.00
C VAL F 104 -14.70 21.40 30.56
N ILE F 105 -14.83 22.33 29.64
CA ILE F 105 -14.70 22.04 28.22
C ILE F 105 -13.53 22.85 27.71
N GLU F 106 -12.46 22.17 27.35
CA GLU F 106 -11.28 22.81 26.79
C GLU F 106 -11.43 22.99 25.27
N ALA F 107 -11.30 24.23 24.83
CA ALA F 107 -11.40 24.61 23.45
C ALA F 107 -10.25 25.56 23.18
N ALA F 108 -9.05 25.07 23.47
CA ALA F 108 -7.89 25.88 23.25
C ALA F 108 -7.18 25.49 21.97
N VAL F 109 -5.97 26.02 21.85
CA VAL F 109 -5.18 25.70 20.69
C VAL F 109 -4.92 24.19 20.56
N GLU F 110 -4.97 23.75 19.31
CA GLU F 110 -4.81 22.35 18.94
C GLU F 110 -3.32 21.96 18.92
N ARG F 111 -2.79 21.76 20.12
CA ARG F 111 -1.40 21.46 20.36
C ARG F 111 -1.40 20.51 21.58
N MET F 112 -0.79 19.33 21.39
CA MET F 112 -0.85 18.27 22.38
C MET F 112 -0.26 18.65 23.73
N ASP F 113 0.85 19.37 23.74
CA ASP F 113 1.50 19.71 25.01
C ASP F 113 0.62 20.70 25.77
N ILE F 114 0.02 21.65 25.07
CA ILE F 114 -0.92 22.59 25.67
C ILE F 114 -2.11 21.86 26.28
N LYS F 115 -2.69 20.93 25.53
CA LYS F 115 -3.81 20.09 26.03
C LYS F 115 -3.40 19.39 27.30
N LYS F 116 -2.28 18.71 27.25
CA LYS F 116 -1.82 17.93 28.40
C LYS F 116 -1.53 18.82 29.60
N GLN F 117 -0.95 19.99 29.35
CA GLN F 117 -0.58 20.92 30.41
C GLN F 117 -1.86 21.40 31.11
N ILE F 118 -2.81 21.84 30.30
CA ILE F 118 -4.08 22.32 30.77
C ILE F 118 -4.83 21.28 31.61
N PHE F 119 -4.96 20.05 31.09
CA PHE F 119 -5.64 18.94 31.80
C PHE F 119 -4.93 18.49 33.11
N ALA F 120 -3.59 18.44 33.07
CA ALA F 120 -2.82 18.11 34.28
C ALA F 120 -3.09 19.12 35.38
N ASP F 121 -3.12 20.39 35.00
CA ASP F 121 -3.28 21.47 35.97
C ASP F 121 -4.69 21.47 36.54
N LEU F 122 -5.70 21.36 35.67
CA LEU F 122 -7.09 21.29 36.12
C LEU F 122 -7.35 20.12 37.03
N ASP F 123 -6.62 19.03 36.79
CA ASP F 123 -6.72 17.83 37.60
C ASP F 123 -6.43 18.16 39.06
N ASN F 124 -5.46 19.04 39.30
CA ASN F 124 -5.10 19.52 40.64
C ASN F 124 -5.99 20.66 41.16
N ILE F 125 -6.32 21.61 40.29
CA ILE F 125 -7.18 22.77 40.60
C ILE F 125 -8.64 22.41 40.91
N CYS F 126 -9.18 21.43 40.22
CA CYS F 126 -10.63 21.14 40.27
C CYS F 126 -10.97 20.16 41.36
N LYS F 127 -12.17 20.28 41.90
CA LYS F 127 -12.68 19.32 42.86
C LYS F 127 -12.75 17.95 42.16
N PRO F 128 -12.74 16.85 42.94
CA PRO F 128 -12.62 15.50 42.36
C PRO F 128 -13.74 15.09 41.40
N GLU F 129 -14.93 15.67 41.56
CA GLU F 129 -16.09 15.27 40.78
C GLU F 129 -16.05 15.84 39.37
N THR F 130 -15.30 16.90 39.16
CA THR F 130 -15.30 17.60 37.89
C THR F 130 -14.98 16.66 36.72
N ILE F 131 -15.75 16.79 35.65
CA ILE F 131 -15.46 16.05 34.40
C ILE F 131 -14.66 16.98 33.49
N LEU F 132 -13.58 16.46 32.93
CA LEU F 132 -12.71 17.24 32.05
C LEU F 132 -12.87 16.82 30.59
N ALA F 133 -13.39 17.73 29.76
CA ALA F 133 -13.68 17.47 28.35
C ALA F 133 -12.88 18.35 27.39
N SER F 134 -12.50 17.78 26.24
CA SER F 134 -11.83 18.53 25.20
C SER F 134 -12.63 18.48 23.92
N ASN F 135 -12.62 19.62 23.21
CA ASN F 135 -13.33 19.81 21.94
C ASN F 135 -12.45 19.42 20.75
N THR F 136 -11.29 18.86 21.03
CA THR F 136 -10.30 18.56 20.01
C THR F 136 -10.85 17.74 18.84
N SER F 137 -10.39 18.09 17.64
CA SER F 137 -10.70 17.37 16.42
C SER F 137 -9.69 16.28 16.15
N SER F 138 -8.43 16.51 16.51
CA SER F 138 -7.39 15.63 15.98
C SER F 138 -6.45 15.01 17.01
N LEU F 139 -6.58 15.36 18.28
CA LEU F 139 -5.68 14.85 19.29
C LEU F 139 -6.33 13.77 20.16
N SER F 140 -5.50 12.85 20.62
CA SER F 140 -5.96 11.66 21.38
C SER F 140 -6.50 12.01 22.77
N ILE F 141 -7.78 11.75 22.99
CA ILE F 141 -8.39 11.92 24.32
C ILE F 141 -7.68 11.06 25.35
N THR F 142 -7.40 9.83 24.98
CA THR F 142 -6.74 8.88 25.87
C THR F 142 -5.38 9.39 26.35
N GLU F 143 -4.57 9.90 25.43
CA GLU F 143 -3.28 10.45 25.76
C GLU F 143 -3.44 11.65 26.70
N VAL F 144 -4.40 12.50 26.41
CA VAL F 144 -4.67 13.66 27.23
C VAL F 144 -5.05 13.21 28.65
N ALA F 145 -5.98 12.26 28.74
CA ALA F 145 -6.41 11.65 30.01
C ALA F 145 -5.23 11.17 30.88
N SER F 146 -4.24 10.57 30.24
CA SER F 146 -3.09 10.00 30.97
C SER F 146 -2.20 11.04 31.61
N ALA F 147 -2.31 12.29 31.18
CA ALA F 147 -1.62 13.39 31.86
C ALA F 147 -2.28 13.80 33.19
N THR F 148 -3.41 13.16 33.52
CA THR F 148 -4.13 13.42 34.75
C THR F 148 -4.20 12.16 35.57
N LYS F 149 -4.63 12.32 36.81
CA LYS F 149 -4.87 11.20 37.69
C LYS F 149 -6.39 10.96 37.79
N ARG F 150 -7.17 11.50 36.86
CA ARG F 150 -8.60 11.15 36.74
C ARG F 150 -9.00 10.75 35.30
N PRO F 151 -8.29 9.77 34.73
CA PRO F 151 -8.61 9.41 33.34
C PRO F 151 -10.06 8.98 33.14
N ASP F 152 -10.64 8.36 34.16
CA ASP F 152 -12.04 7.96 34.17
C ASP F 152 -12.99 9.15 33.99
N LYS F 153 -12.53 10.36 34.31
CA LYS F 153 -13.34 11.58 34.18
C LYS F 153 -12.99 12.45 32.96
N VAL F 154 -12.11 11.94 32.13
CA VAL F 154 -11.66 12.67 30.92
C VAL F 154 -12.36 12.11 29.71
N ILE F 155 -12.75 13.02 28.82
CA ILE F 155 -13.63 12.69 27.74
C ILE F 155 -13.48 13.73 26.63
N GLY F 156 -13.89 13.36 25.43
CA GLY F 156 -14.00 14.33 24.36
C GLY F 156 -15.45 14.75 24.19
N MET F 157 -15.67 16.06 24.00
CA MET F 157 -16.98 16.59 23.55
C MET F 157 -16.82 17.45 22.32
N HIS F 158 -17.06 16.86 21.16
CA HIS F 158 -16.68 17.47 19.90
C HIS F 158 -17.87 18.13 19.26
N PHE F 159 -17.87 19.45 19.36
CA PHE F 159 -18.91 20.32 18.82
C PHE F 159 -18.64 20.67 17.34
N PHE F 160 -19.69 21.09 16.64
CA PHE F 160 -19.58 21.52 15.25
C PHE F 160 -19.91 23.02 15.10
N ASN F 161 -19.17 23.68 14.21
CA ASN F 161 -19.24 25.13 14.00
C ASN F 161 -20.46 25.45 13.13
N PRO F 162 -21.31 26.40 13.54
CA PRO F 162 -21.30 27.14 14.78
C PRO F 162 -21.96 26.36 15.92
N ALA F 163 -21.20 26.23 17.00
CA ALA F 163 -21.63 25.54 18.22
C ALA F 163 -23.05 25.85 18.75
N PRO F 164 -23.52 27.13 18.73
CA PRO F 164 -24.87 27.38 19.25
C PRO F 164 -25.98 26.78 18.41
N VAL F 165 -25.70 26.49 17.13
CA VAL F 165 -26.73 26.08 16.19
C VAL F 165 -26.69 24.58 15.90
N MET F 166 -25.51 24.05 15.64
CA MET F 166 -25.36 22.67 15.23
C MET F 166 -25.69 21.76 16.40
N LYS F 167 -26.55 20.80 16.16
CA LYS F 167 -27.04 19.92 17.24
C LYS F 167 -26.13 18.75 17.53
N LEU F 168 -25.29 18.38 16.56
CA LEU F 168 -24.43 17.22 16.75
C LEU F 168 -23.33 17.47 17.76
N VAL F 169 -23.18 16.54 18.68
CA VAL F 169 -21.99 16.44 19.48
C VAL F 169 -21.47 15.04 19.35
N GLU F 170 -20.21 14.90 18.94
CA GLU F 170 -19.52 13.60 19.03
C GLU F 170 -18.88 13.48 20.40
N VAL F 171 -19.45 12.57 21.20
CA VAL F 171 -18.94 12.28 22.54
C VAL F 171 -17.86 11.20 22.46
N ILE F 172 -16.63 11.61 22.68
CA ILE F 172 -15.49 10.76 22.41
C ILE F 172 -15.02 10.09 23.70
N ARG F 173 -15.12 8.77 23.74
CA ARG F 173 -14.60 8.00 24.86
C ARG F 173 -13.16 7.60 24.64
N GLY F 174 -12.31 8.05 25.56
CA GLY F 174 -10.96 7.54 25.71
C GLY F 174 -11.11 6.12 26.25
N ILE F 175 -10.06 5.31 26.15
CA ILE F 175 -10.21 3.91 26.54
C ILE F 175 -10.48 3.79 28.04
N ALA F 176 -10.14 4.80 28.83
CA ALA F 176 -10.37 4.79 30.30
C ALA F 176 -11.58 5.64 30.74
N THR F 177 -12.27 6.26 29.78
CA THR F 177 -13.44 7.05 30.14
C THR F 177 -14.49 6.10 30.74
N SER F 178 -14.96 6.38 31.96
CA SER F 178 -15.93 5.51 32.64
C SER F 178 -17.32 5.71 32.06
N GLN F 179 -18.16 4.71 32.28
CA GLN F 179 -19.53 4.76 31.83
C GLN F 179 -20.31 5.89 32.54
N GLU F 180 -20.02 6.09 33.84
CA GLU F 180 -20.62 7.20 34.61
C GLU F 180 -20.33 8.55 33.96
N THR F 181 -19.08 8.73 33.52
CA THR F 181 -18.69 9.99 32.89
C THR F 181 -19.38 10.19 31.55
N PHE F 182 -19.36 9.16 30.71
CA PHE F 182 -20.06 9.22 29.43
C PHE F 182 -21.55 9.53 29.65
N ASP F 183 -22.17 8.82 30.59
CA ASP F 183 -23.61 9.02 30.85
C ASP F 183 -23.92 10.45 31.25
N ALA F 184 -23.09 11.05 32.09
CA ALA F 184 -23.33 12.44 32.53
C ALA F 184 -23.14 13.45 31.38
N VAL F 185 -22.11 13.26 30.59
CA VAL F 185 -21.91 14.13 29.45
C VAL F 185 -23.03 13.97 28.42
N LYS F 186 -23.46 12.73 28.19
CA LYS F 186 -24.58 12.48 27.31
C LYS F 186 -25.81 13.25 27.74
N GLU F 187 -26.14 13.14 29.02
CA GLU F 187 -27.32 13.81 29.56
C GLU F 187 -27.16 15.34 29.50
N THR F 188 -25.95 15.83 29.77
CA THR F 188 -25.65 17.27 29.71
C THR F 188 -25.80 17.75 28.25
N SER F 189 -25.27 16.96 27.32
CA SER F 189 -25.42 17.25 25.91
C SER F 189 -26.91 17.41 25.53
N ILE F 190 -27.73 16.45 25.96
CA ILE F 190 -29.16 16.48 25.68
C ILE F 190 -29.80 17.70 26.37
N ALA F 191 -29.39 17.94 27.62
CA ALA F 191 -29.87 19.08 28.40
C ALA F 191 -29.65 20.42 27.71
N ILE F 192 -28.56 20.58 26.97
CA ILE F 192 -28.33 21.82 26.21
C ILE F 192 -28.90 21.81 24.79
N GLY F 193 -29.81 20.88 24.50
CA GLY F 193 -30.50 20.82 23.21
C GLY F 193 -29.70 20.17 22.09
N LYS F 194 -28.68 19.37 22.44
CA LYS F 194 -27.84 18.75 21.44
C LYS F 194 -28.20 17.27 21.30
N ASP F 195 -27.70 16.67 20.21
CA ASP F 195 -27.96 15.26 19.89
C ASP F 195 -26.63 14.50 19.88
N PRO F 196 -26.28 13.89 21.01
CA PRO F 196 -24.95 13.30 21.13
C PRO F 196 -24.88 11.89 20.52
N VAL F 197 -23.70 11.54 20.03
CA VAL F 197 -23.43 10.22 19.54
C VAL F 197 -22.23 9.70 20.30
N GLU F 198 -22.19 8.40 20.52
CA GLU F 198 -21.09 7.76 21.25
C GLU F 198 -20.07 7.27 20.25
N VAL F 199 -18.83 7.65 20.51
CA VAL F 199 -17.69 7.31 19.67
C VAL F 199 -16.51 6.88 20.49
N ALA F 200 -16.11 5.64 20.33
CA ALA F 200 -14.86 5.16 20.86
C ALA F 200 -13.68 5.84 20.13
N GLU F 201 -12.74 6.39 20.88
CA GLU F 201 -11.66 7.17 20.27
C GLU F 201 -11.06 6.43 19.08
N ALA F 202 -11.07 7.08 17.94
CA ALA F 202 -10.33 6.64 16.76
C ALA F 202 -10.08 7.86 15.86
N PRO F 203 -9.05 7.80 15.01
CA PRO F 203 -8.73 8.97 14.18
C PRO F 203 -9.90 9.47 13.32
N GLY F 204 -10.20 10.76 13.48
CA GLY F 204 -11.24 11.42 12.74
C GLY F 204 -12.63 11.15 13.28
N PHE F 205 -12.73 10.44 14.39
CA PHE F 205 -14.03 10.10 14.97
C PHE F 205 -14.98 9.49 13.93
N VAL F 206 -16.17 10.04 13.73
CA VAL F 206 -17.04 9.60 12.65
C VAL F 206 -17.02 10.58 11.48
N VAL F 207 -17.40 11.83 11.75
CA VAL F 207 -17.65 12.80 10.67
C VAL F 207 -16.40 13.09 9.82
N ASN F 208 -15.32 13.48 10.47
CA ASN F 208 -14.12 13.84 9.71
C ASN F 208 -13.53 12.64 9.00
N ARG F 209 -13.60 11.49 9.66
CA ARG F 209 -13.09 10.24 9.11
C ARG F 209 -13.71 9.92 7.75
N ILE F 210 -14.98 10.27 7.58
CA ILE F 210 -15.66 10.03 6.33
C ILE F 210 -15.54 11.23 5.38
N LEU F 211 -15.77 12.43 5.91
CA LEU F 211 -15.93 13.65 5.10
C LEU F 211 -14.63 14.14 4.47
N ILE F 212 -13.56 14.17 5.24
CA ILE F 212 -12.32 14.75 4.70
C ILE F 212 -11.69 13.91 3.59
N PRO F 213 -11.69 12.57 3.74
CA PRO F 213 -11.25 11.74 2.62
C PRO F 213 -12.09 11.91 1.37
N MET F 214 -13.36 12.14 1.54
CA MET F 214 -14.21 12.49 0.43
C MET F 214 -13.74 13.76 -0.29
N ILE F 215 -13.35 14.78 0.45
CA ILE F 215 -12.77 15.98 -0.15
C ILE F 215 -11.43 15.66 -0.81
N ASN F 216 -10.64 14.84 -0.18
CA ASN F 216 -9.33 14.45 -0.69
C ASN F 216 -9.49 13.64 -1.99
N GLU F 217 -10.56 12.88 -2.08
CA GLU F 217 -10.87 12.09 -3.28
C GLU F 217 -11.21 13.04 -4.46
N ALA F 218 -11.97 14.09 -4.18
CA ALA F 218 -12.30 15.09 -5.21
C ALA F 218 -11.06 15.77 -5.80
N VAL F 219 -10.09 16.01 -4.94
CA VAL F 219 -8.83 16.63 -5.34
C VAL F 219 -8.14 15.74 -6.35
N GLY F 220 -8.12 14.45 -6.05
CA GLY F 220 -7.56 13.41 -6.91
C GLY F 220 -8.17 13.39 -8.29
N ILE F 221 -9.49 13.54 -8.34
CA ILE F 221 -10.19 13.58 -9.62
C ILE F 221 -9.83 14.85 -10.42
N LEU F 222 -9.77 15.99 -9.73
CA LEU F 222 -9.36 17.21 -10.36
C LEU F 222 -7.92 17.14 -10.88
N ALA F 223 -7.02 16.61 -10.04
CA ALA F 223 -5.59 16.53 -10.37
C ALA F 223 -5.32 15.73 -11.64
N GLU F 224 -6.14 14.71 -11.89
CA GLU F 224 -5.91 13.89 -13.07
C GLU F 224 -6.70 14.37 -14.27
N GLY F 225 -7.28 15.55 -14.16
CA GLY F 225 -8.02 16.14 -15.25
C GLY F 225 -9.26 15.34 -15.63
N ILE F 226 -9.84 14.64 -14.67
CA ILE F 226 -11.00 13.83 -14.94
C ILE F 226 -12.25 14.69 -15.09
N ALA F 227 -12.32 15.76 -14.30
CA ALA F 227 -13.35 16.76 -14.40
C ALA F 227 -12.86 18.03 -13.71
N SER F 228 -13.59 19.11 -13.95
CA SER F 228 -13.28 20.44 -13.44
C SER F 228 -13.78 20.62 -12.02
N VAL F 229 -13.27 21.65 -11.34
CA VAL F 229 -13.71 22.00 -9.98
C VAL F 229 -15.24 22.05 -9.99
N GLU F 230 -15.77 22.75 -10.95
CA GLU F 230 -17.16 23.07 -10.94
C GLU F 230 -18.04 21.88 -11.31
N ASP F 231 -17.57 21.03 -12.21
CA ASP F 231 -18.31 19.83 -12.53
C ASP F 231 -18.30 18.77 -11.40
N ILE F 232 -17.17 18.64 -10.73
CA ILE F 232 -17.07 17.75 -9.59
C ILE F 232 -18.10 18.13 -8.55
N ASP F 233 -18.15 19.42 -8.20
CA ASP F 233 -19.11 19.93 -7.22
C ASP F 233 -20.58 19.78 -7.65
N LYS F 234 -20.88 20.09 -8.91
CA LYS F 234 -22.23 19.93 -9.43
C LYS F 234 -22.66 18.44 -9.42
N ALA F 235 -21.74 17.58 -9.84
CA ALA F 235 -21.98 16.14 -9.81
C ALA F 235 -22.37 15.66 -8.42
N MET F 236 -21.62 16.07 -7.38
CA MET F 236 -21.95 15.67 -6.00
C MET F 236 -23.27 16.27 -5.46
N LYS F 237 -23.53 17.53 -5.79
CA LYS F 237 -24.74 18.19 -5.37
C LYS F 237 -25.98 17.58 -6.00
N LEU F 238 -25.96 17.39 -7.31
CA LEU F 238 -27.12 16.87 -8.01
C LEU F 238 -27.18 15.35 -7.90
N GLY F 239 -26.02 14.70 -7.86
CA GLY F 239 -25.96 13.25 -7.94
C GLY F 239 -26.10 12.55 -6.59
N ALA F 240 -25.55 13.14 -5.54
CA ALA F 240 -25.67 12.57 -4.19
C ALA F 240 -26.48 13.45 -3.26
N ASN F 241 -27.12 14.48 -3.80
CA ASN F 241 -27.97 15.32 -3.00
C ASN F 241 -27.25 15.97 -1.82
N HIS F 242 -26.00 16.37 -2.05
CA HIS F 242 -25.26 17.08 -1.02
C HIS F 242 -25.51 18.57 -1.12
N PRO F 243 -25.49 19.26 0.04
CA PRO F 243 -25.77 20.70 0.11
C PRO F 243 -24.69 21.52 -0.59
N MET F 244 -23.43 21.16 -0.37
CA MET F 244 -22.28 21.76 -1.09
C MET F 244 -21.53 20.65 -1.80
N GLY F 245 -20.81 21.00 -2.85
CA GLY F 245 -19.86 20.11 -3.50
C GLY F 245 -18.63 19.99 -2.62
N PRO F 246 -17.87 18.90 -2.76
CA PRO F 246 -16.73 18.67 -1.87
C PRO F 246 -15.61 19.71 -1.93
N LEU F 247 -15.38 20.30 -3.09
CA LEU F 247 -14.28 21.27 -3.23
C LEU F 247 -14.67 22.62 -2.60
N GLU F 248 -15.90 23.04 -2.89
CA GLU F 248 -16.57 24.16 -2.22
C GLU F 248 -16.52 23.99 -0.69
N LEU F 249 -16.84 22.77 -0.26
CA LEU F 249 -16.81 22.41 1.15
C LEU F 249 -15.40 22.49 1.70
N GLY F 250 -14.46 21.93 0.97
CA GLY F 250 -13.05 22.06 1.33
C GLY F 250 -12.70 23.53 1.59
N ASP F 251 -13.08 24.41 0.65
CA ASP F 251 -12.84 25.87 0.80
C ASP F 251 -13.52 26.47 2.03
N PHE F 252 -14.72 25.98 2.35
CA PHE F 252 -15.51 26.48 3.48
C PHE F 252 -14.88 26.08 4.82
N ILE F 253 -14.53 24.80 4.93
CA ILE F 253 -13.88 24.28 6.12
C ILE F 253 -12.50 24.90 6.26
N GLY F 254 -11.79 24.99 5.14
CA GLY F 254 -10.45 25.52 5.14
C GLY F 254 -9.47 24.44 4.73
N LEU F 255 -8.71 24.70 3.68
CA LEU F 255 -7.91 23.65 3.08
C LEU F 255 -6.75 23.25 4.00
N ASP F 256 -6.29 24.18 4.82
CA ASP F 256 -5.25 23.87 5.80
C ASP F 256 -5.79 22.90 6.84
N ILE F 257 -7.05 23.07 7.19
CA ILE F 257 -7.72 22.18 8.15
C ILE F 257 -7.91 20.81 7.50
N CYS F 258 -8.37 20.76 6.25
CA CYS F 258 -8.55 19.52 5.56
C CYS F 258 -7.23 18.73 5.51
N LEU F 259 -6.15 19.43 5.16
CA LEU F 259 -4.84 18.80 5.07
C LEU F 259 -4.36 18.25 6.41
N ALA F 260 -4.51 19.04 7.48
CA ALA F 260 -4.07 18.62 8.80
C ALA F 260 -4.83 17.36 9.20
N ILE F 261 -6.13 17.34 8.90
CA ILE F 261 -6.94 16.15 9.19
C ILE F 261 -6.44 14.94 8.42
N MET F 262 -6.22 15.05 7.12
CA MET F 262 -5.67 13.92 6.37
C MET F 262 -4.31 13.52 6.92
N ASP F 263 -3.48 14.50 7.28
CA ASP F 263 -2.16 14.20 7.88
C ASP F 263 -2.29 13.32 9.10
N VAL F 264 -3.29 13.60 9.93
CA VAL F 264 -3.51 12.82 11.14
C VAL F 264 -4.06 11.46 10.79
N LEU F 265 -4.98 11.38 9.84
CA LEU F 265 -5.50 10.06 9.45
C LEU F 265 -4.37 9.15 8.93
N TYR F 266 -3.48 9.68 8.09
CA TYR F 266 -2.39 8.89 7.54
C TYR F 266 -1.40 8.51 8.63
N SER F 267 -1.05 9.52 9.41
CA SER F 267 -0.17 9.35 10.55
C SER F 267 -0.69 8.35 11.59
N GLU F 268 -1.93 8.50 12.01
CA GLU F 268 -2.46 7.58 13.00
C GLU F 268 -2.63 6.15 12.45
N THR F 269 -3.19 6.00 11.26
CA THR F 269 -3.45 4.65 10.72
C THR F 269 -2.23 3.98 10.12
N GLY F 270 -1.28 4.76 9.61
CA GLY F 270 -0.15 4.20 8.87
C GLY F 270 -0.55 3.53 7.55
N ASP F 271 -1.75 3.85 7.09
CA ASP F 271 -2.33 3.27 5.86
C ASP F 271 -2.38 4.34 4.78
N SER F 272 -1.66 4.10 3.68
CA SER F 272 -1.58 4.99 2.50
C SER F 272 -2.94 5.30 1.86
N LYS F 273 -3.93 4.48 2.19
CA LYS F 273 -5.32 4.80 1.90
C LYS F 273 -5.65 6.27 2.20
N TYR F 274 -5.10 6.80 3.29
CA TYR F 274 -5.47 8.12 3.77
C TYR F 274 -4.42 9.17 3.43
N ARG F 275 -3.57 8.90 2.45
CA ARG F 275 -2.51 9.85 2.13
C ARG F 275 -3.13 11.12 1.54
N PRO F 276 -2.79 12.30 2.08
CA PRO F 276 -3.35 13.52 1.48
C PRO F 276 -2.81 13.70 0.08
N HIS F 277 -3.62 14.17 -0.84
CA HIS F 277 -3.19 14.26 -2.24
C HIS F 277 -2.14 15.37 -2.36
N THR F 278 -1.19 15.20 -3.25
CA THR F 278 -0.13 16.20 -3.44
C THR F 278 -0.62 17.55 -3.92
N LEU F 279 -1.61 17.56 -4.79
CA LEU F 279 -2.20 18.84 -5.19
C LEU F 279 -2.78 19.59 -3.98
N LEU F 280 -3.35 18.88 -3.02
CA LEU F 280 -3.90 19.52 -1.82
C LEU F 280 -2.77 20.24 -1.11
N LYS F 281 -1.66 19.55 -0.93
CA LYS F 281 -0.48 20.12 -0.29
C LYS F 281 -0.05 21.43 -0.98
N LYS F 282 -0.12 21.44 -2.31
CA LYS F 282 0.32 22.56 -3.12
C LYS F 282 -0.60 23.76 -2.89
N TYR F 283 -1.91 23.52 -2.90
CA TYR F 283 -2.85 24.64 -2.62
C TYR F 283 -2.56 25.26 -1.27
N VAL F 284 -2.30 24.40 -0.29
CA VAL F 284 -2.10 24.89 1.05
C VAL F 284 -0.79 25.67 1.15
N ARG F 285 0.28 25.12 0.54
CA ARG F 285 1.56 25.83 0.53
C ARG F 285 1.50 27.21 -0.15
N ALA F 286 0.57 27.39 -1.09
CA ALA F 286 0.37 28.69 -1.75
C ALA F 286 -0.41 29.71 -0.89
N GLY F 287 -0.95 29.26 0.23
CA GLY F 287 -1.85 30.07 1.04
C GLY F 287 -3.22 30.14 0.42
N TRP F 288 -3.53 29.24 -0.52
CA TRP F 288 -4.87 29.18 -1.10
C TRP F 288 -5.76 28.24 -0.25
N LEU F 289 -6.16 28.76 0.91
CA LEU F 289 -6.86 27.98 1.92
C LEU F 289 -8.38 27.92 1.77
N GLY F 290 -8.94 28.65 0.82
CA GLY F 290 -10.40 28.73 0.66
C GLY F 290 -10.95 30.10 1.05
N ARG F 291 -12.19 30.12 1.51
CA ARG F 291 -12.90 31.36 1.80
C ARG F 291 -12.12 32.31 2.66
N LYS F 292 -11.53 31.80 3.72
CA LYS F 292 -10.86 32.63 4.70
C LYS F 292 -9.59 33.32 4.19
N SER F 293 -9.07 32.90 3.05
CA SER F 293 -7.91 33.57 2.46
C SER F 293 -8.28 34.27 1.18
N GLY F 294 -9.55 34.17 0.78
CA GLY F 294 -10.04 34.78 -0.47
C GLY F 294 -9.91 33.88 -1.68
N LYS F 295 -9.21 32.75 -1.51
CA LYS F 295 -8.96 31.83 -2.59
C LYS F 295 -8.65 30.39 -2.16
N GLY F 296 -9.23 29.44 -2.88
CA GLY F 296 -8.93 28.02 -2.75
C GLY F 296 -9.24 27.39 -4.08
N PHE F 297 -10.00 26.30 -4.10
CA PHE F 297 -10.45 25.78 -5.39
C PHE F 297 -11.31 26.78 -6.19
N TYR F 298 -11.93 27.73 -5.51
CA TYR F 298 -12.70 28.80 -6.15
C TYR F 298 -12.05 30.14 -5.77
N ASP F 299 -12.26 31.14 -6.63
CA ASP F 299 -11.79 32.49 -6.34
C ASP F 299 -12.90 33.27 -5.64
N TYR F 300 -12.59 33.87 -4.50
CA TYR F 300 -13.56 34.65 -3.74
C TYR F 300 -13.19 36.13 -3.81
PA NAD G . 5.12 -15.06 -33.06
O1A NAD G . 3.61 -15.14 -32.90
O2A NAD G . 5.81 -14.10 -34.00
O5B NAD G . 5.58 -16.54 -33.47
C5B NAD G . 5.11 -17.65 -32.71
C4B NAD G . 5.28 -18.92 -33.53
O4B NAD G . 5.14 -20.07 -32.68
C3B NAD G . 4.23 -19.01 -34.63
O3B NAD G . 4.86 -19.15 -35.90
C2B NAD G . 3.38 -20.22 -34.25
O2B NAD G . 2.91 -20.96 -35.38
C1B NAD G . 4.40 -21.01 -33.44
N9A NAD G . 3.84 -22.08 -32.58
C8A NAD G . 2.71 -22.11 -31.85
N7A NAD G . 2.60 -23.32 -31.22
C5A NAD G . 3.65 -24.05 -31.59
C6A NAD G . 4.17 -25.40 -31.34
N6A NAD G . 3.51 -26.25 -30.53
N1A NAD G . 5.33 -25.77 -31.93
C2A NAD G . 6.00 -24.97 -32.74
N3A NAD G . 5.59 -23.72 -33.01
C4A NAD G . 4.45 -23.23 -32.48
O3 NAD G . 5.71 -14.85 -31.58
PN NAD G . 7.20 -14.43 -31.21
O1N NAD G . 7.37 -12.94 -31.38
O2N NAD G . 8.15 -15.36 -31.93
O5D NAD G . 7.20 -14.69 -29.60
C5D NAD G . 7.19 -15.99 -29.01
C4D NAD G . 7.86 -16.05 -27.62
O4D NAD G . 8.97 -15.15 -27.49
C3D NAD G . 6.93 -15.73 -26.47
O3D NAD G . 7.09 -16.73 -25.46
C2D NAD G . 7.38 -14.36 -25.98
O2D NAD G . 7.20 -14.11 -24.57
C1D NAD G . 8.86 -14.35 -26.31
N1N NAD G . 9.36 -12.98 -26.49
C2N NAD G . 9.10 -12.29 -27.62
C3N NAD G . 9.55 -10.98 -27.81
C7N NAD G . 9.27 -10.22 -29.09
O7N NAD G . 9.86 -9.16 -29.26
N7N NAD G . 8.44 -10.67 -30.04
C4N NAD G . 10.32 -10.38 -26.80
C5N NAD G . 10.59 -11.10 -25.63
C6N NAD G . 10.09 -12.40 -25.50
PA NAD H . -9.30 29.78 18.14
O1A NAD H . -7.87 29.95 17.74
O2A NAD H . -10.48 30.53 17.55
O5B NAD H . -9.34 30.09 19.73
C5B NAD H . -8.35 29.58 20.61
C4B NAD H . -8.38 30.41 21.88
O4B NAD H . -7.73 29.70 22.93
C3B NAD H . -7.70 31.76 21.76
O3B NAD H . -8.63 32.77 22.16
C2B NAD H . -6.52 31.69 22.72
O2B NAD H . -6.24 32.93 23.37
C1B NAD H . -7.01 30.64 23.72
N9A NAD H . -5.94 29.98 24.52
C8A NAD H . -4.68 29.63 24.15
N7A NAD H . -4.04 29.05 25.19
C5A NAD H . -4.86 29.03 26.25
C6A NAD H . -4.82 28.57 27.65
N6A NAD H . -3.74 28.00 28.20
N1A NAD H . -5.92 28.75 28.39
C2A NAD H . -7.03 29.33 27.90
N3A NAD H . -7.15 29.75 26.64
C4A NAD H . -6.12 29.65 25.79
O3 NAD H . -9.61 28.19 18.07
PN NAD H . -11.08 27.55 17.94
O1N NAD H . -11.35 27.19 16.50
O2N NAD H . -12.11 28.32 18.76
O5D NAD H . -10.90 26.19 18.74
C5D NAD H . -9.90 25.28 18.37
C4D NAD H . -10.13 24.01 19.17
O4D NAD H . -11.44 23.47 18.94
C3D NAD H . -9.14 23.00 18.65
O3D NAD H . -8.79 22.15 19.75
C2D NAD H . -9.93 22.32 17.53
O2D NAD H . -9.46 20.98 17.28
C1D NAD H . -11.36 22.35 18.04
N1N NAD H . -12.42 22.41 17.00
C2N NAD H . -12.49 23.48 16.18
C3N NAD H . -13.47 23.59 15.18
C7N NAD H . -13.53 24.80 14.30
O7N NAD H . -14.37 24.83 13.41
N7N NAD H . -12.72 25.84 14.51
C4N NAD H . -14.41 22.56 15.02
C5N NAD H . -14.33 21.46 15.88
C6N NAD H . -13.33 21.41 16.86
#